data_9FFB
#
_entry.id   9FFB
#
_cell.length_a   1.00
_cell.length_b   1.00
_cell.length_c   1.00
_cell.angle_alpha   90.00
_cell.angle_beta   90.00
_cell.angle_gamma   90.00
#
_symmetry.space_group_name_H-M   'P 1'
#
loop_
_entity.id
_entity.type
_entity.pdbx_description
1 polymer "DNA (5'-D(P*GP*CP*AP*GP*CP*TP*GP*TP*CP*TP*AP*GP*AP*GP*AP*CP*AP*TP*CP*GP*AP*T)-3')"
2 polymer "DNA (5'-D(P*CP*GP*AP*TP*GP*TP*CP*TP*CP*TP*AP*GP*AP*CP*AP*GP*CP*TP*GP*C)-3')"
3 polymer 'Fanconi anemia protein FANCD2'
4 polymer 'Fanconi anemia complementation group I'
#
loop_
_entity_poly.entity_id
_entity_poly.type
_entity_poly.pdbx_seq_one_letter_code
_entity_poly.pdbx_strand_id
1 'polydeoxyribonucleotide'
;(DG)(DC)(DA)(DG)(DC)(DT)(DG)(DT)(DC)(DT)(DA)(DG)(DA)(DG)(DA)(DC)(DA)(DT)(DC)(DG)
(DA)(DT)
;
S
2 'polydeoxyribonucleotide' (DC)(DG)(DA)(DT)(DG)(DT)(DC)(DT)(DC)(DT)(DA)(DG)(DA)(DC)(DA)(DG)(DC)(DT)(DG)(DC) T
3 'polypeptide(L)'
;MVSKRKLSKIDAAEESSKTDLQSRCPETKRSRISDKRAPSQGGLENEGVFEELLRTSGIILKVGEGQNEIAVDQTAFQKK
LRVALEKHPSYPGVVNEFISGLESHIKDRSQFKNCLLPCTPARTEGSRTLVHSYCESLIKLLLGIKILQPAVVTLLLEKI
PEFFFDVVGTFGTNFPRLIVNQFKWLDGLLDSQDLVKKLMQMLSVSPVPIQHDIITSLPEILEDSQQNEVARELSCLLKQ
GRRLTVPILDALSRLDLDAELLAKVRQSAMTIVPSVKLEDLPVVIKFILHNVKAADAVEVISDLRKSLDLSSCVLPLQLL
GSQRKLKSQAQASSSMSQVTTSQNCVKLLFDVIKLAVRFQKDVSEAWIKAIENSTSVSDHKVLDLIVLLLIHSTNSKNRK
QTEKVLRSKIRLGCMPEQLMQNAFQNHSMVIKDFFPSILSLAQTFLHSAHPAVVSFGSCMYKQAFAVFDSYCQQEVVCAL
VTHVCSGNETELDISLDVLTDLVILHPSLLLRYATFVKTILDSMQKLNPCQIRKLFYILSTLAFSQRQEGSYIQDDMHMV
IRKWLSSSVPNHKQMGIIGAVTMMGSVALKRNEADGGLLERPELSIECDGQLSTLLDLVGFCCEQTPEVLALYYDELANL
IEKQKGNLDLQLLDKFGKSLVEDFPNDFVVDLSPTVDGSFLFPVKSLYNLDEDETQGAIAINLLPLVSQSEPGRVADEMS
NSRKRVVSPICLSPCFRLLRLYTGEQNNGSLEEIDALLGCPLYLTDLEVEGKLDSLSKQEREFLCSLLFYALNWFREVVN
AFCQQQDAEMKGKVLTRLQNITELQNVLGKCLAATPGYVPPPATFDSEAPEGVPSINAGGPVRKKNGKKRKSDSSKACSA
ERTQADESSDGNQPDTELSELEKSAAEKETGNPLAQLQSYRPYFRELDLEVFSVLHCGLLTKSILDTEMHTEASEVVQLG
PAELCFLLDDMCWKLEHVLTPGSTRRVPFLKERGNKDVGFSHLCQRSPKEVAVCVVKLLKPLCNHMENMHNYFQTVIPNQ
GVVDESGLNIQEYQLMSSCYHQLLLAFRLLFAWSGFSQHENSNLLRSALQVLADRLKPGETEFLPLEELISESFQYLLNF
QASIPSFQCAFILTQVLMAISEKPMTGWKREKMASLAKQFLCQSWMKPGGDREKGSHFNSALHTLLCVYLEHTDNILKAI
EEISSVGVPELINSAKDGCSSTYPTLSRQTFPVFFRVMMAQLESSVKSIPAGKPSDSGEVQLEKLLKWNIAVRNFHILIN
LVKVFDSRPVLSICLKYGRLFVEAFLKLAMPLLDHSFKKHRDDVQSLLKTLQLSTRQLHHMCGHSKIHQDLGLTNHVPLL
KKSLEQFVYRVKAMLAFNHCQEAFWVGVLKNRDLQGEEILSQASAAPEEDSAEGSEEDTEDSAAEEPDGTDSDSGGAGRL
EVLFQGPWSHPQFEKGSAGSAAGSGAGWSHPQFEK
;
A
4 'polypeptide(L)'
;MAQRILQLAAEGSPERLQEALQGLTEGELGDMVTRQALRGRETAALLKGIFKGSPCSQQSGVLRRLQVYKHCVSLVESGD
LHVGKVSEIIGLLMLEARQLPGHALAELATLFVEVIKRGSLSNGKSLELFSTVLTALSNSKESLAYGKGELNGEEFKKQL
INTLCSSKWDPQCVIHLANMFRDIPLSGEELQFVVEKVLRMFSKLDLQEIPPLVYQLLLLSAKGSKKTVLEGIISFFNQL
DKRQKEEQRVPQSADLEVATVPLDQLRHVEGTVILHIVSAINLDQDIGEELIKHLKTEQQKDPGKALCPFSVSLLLSTAV
KHRLQEQIFDFLKTSITRSCKDLQILQASKFLQDLCPQQYDVTAVILEVVKNSAFGWDHVTQGLVDLGFSLMESYEPKKS
FGGKAAETNLGLSKMPAQQACKLGASILLETFKVHEPIRSDILEQVLNRVLTKAASPVSHFIDLLSNIVVSAPLVLQNSS
SRVTETFDNLSFLPIDTVQGLLRAVQPLLKVSMSVRDSLILVLQKAIFSRQLDARKAAVAGFLLLLRNFKILGSLTSSQC
SQAIGATQVQADVHACYNSAANEAFCLEILGSLRRCLSQQADVRLMLYEGFYDVLRRNSQLASSIMETLLSQIKQYYLPQ
QDLLPPLKLEGCIMAQGDQIFLQEPLAHLLCCIQHCLAWYKSTVHLCKGAEDEEEEEDVGFEQNFEEMLESVTRRMIKSE
LEDFELDKSADFSPSSGVGVKNNIYAIQVMGICEVLIEYNFKIGNFSKNKFEDVLGLFTCYNKLSEILKEKAGKNKSTLG
NRIARSFLSMGFVSTLLTALFRDNAQSHEESLAVLRSSTEFMRYAVSVALQKVQQLEEMGQTDGPDGQNPEKMFQNLCKI
TRVLLWRYTSIPTAVEESGKKKGKSISLLCLEGLLRIFNTMQQLYAARIPQFLQALDITDGDAEEADINVTEKAAFQIRQ
FQRSLVNQLSSAEDDFNSKETQLLITILSTLSKLLDPGSQQFLQFLTWTVKICKENALEDLSCCKGLLTLLFSLHVLYKS
PVSLLRELAQDIHACLGDIDQDVEIESRSHFAIVNVKTAAPTVCLLVLGQADKVLEEVDWLIKRLTILGSDTSEDSTQAS
NQTQALEKGVILQLGTLLTVFHELVQTALPAGSCVDSLLRSLSKTYAILTSLIKHYIQACRSTSNTVPGRLEKLVKLSGS
HLTPQCYSFITYVQNIHSESLSFAEEKKKKKKEDETAVVSTVMAKVLRDTKPIPNLIFAIEQYEKFLIHLSKKSKVNLMQ
YMKLSTSRDFRINASMLDSVLQEQNTEDAENEPDNNQSGTAEQPDENQEPQKKRRRKK
;
B
#
# COMPACT_ATOMS: atom_id res chain seq x y z
N GLY C 48 -68.40 -26.52 28.31
CA GLY C 48 -68.77 -26.95 26.98
C GLY C 48 -69.37 -25.86 26.12
N VAL C 49 -69.53 -24.67 26.72
CA VAL C 49 -70.08 -23.53 25.99
C VAL C 49 -69.16 -23.13 24.85
N PHE C 50 -67.84 -23.09 25.11
CA PHE C 50 -66.88 -22.79 24.06
C PHE C 50 -66.88 -23.89 23.01
N GLU C 51 -67.09 -25.15 23.43
CA GLU C 51 -67.19 -26.23 22.47
C GLU C 51 -68.39 -26.05 21.55
N GLU C 52 -69.53 -25.65 22.10
CA GLU C 52 -70.71 -25.40 21.27
C GLU C 52 -70.48 -24.21 20.35
N LEU C 53 -69.80 -23.17 20.84
CA LEU C 53 -69.50 -22.01 20.00
C LEU C 53 -68.57 -22.38 18.85
N LEU C 54 -67.61 -23.26 19.11
CA LEU C 54 -66.79 -23.80 18.03
C LEU C 54 -67.64 -24.63 17.07
N ARG C 55 -68.60 -25.38 17.60
CA ARG C 55 -69.47 -26.20 16.76
C ARG C 55 -70.26 -25.33 15.78
N THR C 56 -70.82 -24.23 16.26
CA THR C 56 -71.54 -23.33 15.35
C THR C 56 -70.58 -22.49 14.52
N SER C 57 -69.43 -22.10 15.08
CA SER C 57 -68.42 -21.37 14.33
C SER C 57 -67.07 -21.60 15.00
N GLY C 58 -66.27 -22.49 14.42
CA GLY C 58 -64.97 -22.79 14.95
C GLY C 58 -64.55 -24.21 14.61
N ILE C 59 -63.71 -24.78 15.46
CA ILE C 59 -63.16 -26.12 15.26
C ILE C 59 -64.20 -27.16 15.66
N ILE C 60 -63.99 -28.40 15.24
CA ILE C 60 -64.90 -29.49 15.57
C ILE C 60 -64.52 -30.06 16.93
N LEU C 61 -65.46 -30.81 17.52
CA LEU C 61 -65.25 -31.44 18.83
C LEU C 61 -64.41 -32.70 18.61
N LYS C 62 -63.09 -32.53 18.58
CA LYS C 62 -62.16 -33.63 18.37
C LYS C 62 -60.95 -33.42 19.26
N VAL C 63 -60.85 -34.22 20.32
CA VAL C 63 -59.70 -34.18 21.23
C VAL C 63 -58.79 -35.35 20.90
N GLY C 64 -57.57 -35.04 20.48
CA GLY C 64 -56.64 -36.07 20.07
C GLY C 64 -55.33 -35.54 19.51
N GLU C 65 -54.90 -36.08 18.38
CA GLU C 65 -53.65 -35.68 17.74
C GLU C 65 -53.85 -35.50 16.25
N GLY C 66 -55.02 -35.01 15.85
CA GLY C 66 -55.32 -34.75 14.46
C GLY C 66 -54.94 -33.34 14.04
N GLN C 67 -55.50 -32.92 12.91
CA GLN C 67 -55.26 -31.59 12.38
C GLN C 67 -56.35 -30.63 12.83
N ASN C 68 -56.08 -29.34 12.69
CA ASN C 68 -57.04 -28.31 13.07
C ASN C 68 -58.18 -28.26 12.07
N GLU C 69 -59.41 -28.39 12.55
CA GLU C 69 -60.60 -28.34 11.70
C GLU C 69 -61.10 -26.91 11.61
N ILE C 70 -60.29 -26.07 10.96
CA ILE C 70 -60.59 -24.66 10.79
C ILE C 70 -60.42 -24.32 9.31
N ALA C 71 -61.30 -23.44 8.80
CA ALA C 71 -61.22 -23.03 7.41
C ALA C 71 -59.94 -22.23 7.17
N VAL C 72 -59.39 -22.40 5.98
CA VAL C 72 -58.11 -21.74 5.63
C VAL C 72 -58.49 -20.38 5.06
N ASP C 73 -58.71 -19.43 5.96
CA ASP C 73 -59.02 -18.05 5.63
C ASP C 73 -59.09 -17.27 6.94
N GLN C 74 -59.09 -15.94 6.82
CA GLN C 74 -59.21 -15.08 8.00
C GLN C 74 -60.16 -13.92 7.79
N THR C 75 -60.92 -13.91 6.68
CA THR C 75 -61.90 -12.87 6.42
C THR C 75 -63.34 -13.34 6.57
N ALA C 76 -63.59 -14.65 6.50
CA ALA C 76 -64.92 -15.21 6.67
C ALA C 76 -65.02 -16.10 7.90
N PHE C 77 -64.12 -17.09 8.02
CA PHE C 77 -64.13 -17.95 9.21
C PHE C 77 -63.85 -17.16 10.47
N GLN C 78 -62.87 -16.25 10.42
CA GLN C 78 -62.61 -15.38 11.56
C GLN C 78 -63.82 -14.49 11.85
N LYS C 79 -64.43 -13.94 10.80
CA LYS C 79 -65.63 -13.12 10.99
C LYS C 79 -66.78 -13.96 11.53
N LYS C 80 -66.89 -15.21 11.08
CA LYS C 80 -67.92 -16.11 11.61
C LYS C 80 -67.72 -16.36 13.09
N LEU C 81 -66.48 -16.61 13.50
CA LEU C 81 -66.19 -16.80 14.92
C LEU C 81 -66.49 -15.54 15.72
N ARG C 82 -66.12 -14.38 15.17
CA ARG C 82 -66.39 -13.12 15.85
C ARG C 82 -67.88 -12.89 16.03
N VAL C 83 -68.67 -13.14 14.99
CA VAL C 83 -70.11 -12.93 15.08
C VAL C 83 -70.75 -13.95 16.03
N ALA C 84 -70.20 -15.17 16.07
CA ALA C 84 -70.70 -16.16 17.04
C ALA C 84 -70.39 -15.74 18.47
N LEU C 85 -69.19 -15.20 18.69
CA LEU C 85 -68.82 -14.74 20.03
C LEU C 85 -69.49 -13.43 20.41
N GLU C 86 -70.05 -12.71 19.43
CA GLU C 86 -70.77 -11.47 19.70
C GLU C 86 -72.28 -11.60 19.61
N LYS C 87 -72.80 -12.79 19.28
CA LYS C 87 -74.24 -12.99 19.20
C LYS C 87 -74.81 -13.76 20.39
N HIS C 88 -74.19 -14.86 20.78
CA HIS C 88 -74.67 -15.65 21.92
C HIS C 88 -74.19 -15.06 23.24
N PRO C 89 -72.89 -14.74 23.41
CA PRO C 89 -72.45 -14.10 24.67
C PRO C 89 -72.64 -12.59 24.62
N SER C 90 -73.52 -12.08 25.47
CA SER C 90 -73.75 -10.65 25.56
C SER C 90 -73.91 -10.16 27.01
N TYR C 91 -73.71 -11.02 27.99
CA TYR C 91 -73.90 -10.71 29.39
C TYR C 91 -72.74 -11.28 30.19
N PRO C 92 -72.48 -10.74 31.39
CA PRO C 92 -71.38 -11.29 32.20
C PRO C 92 -71.53 -12.77 32.51
N GLY C 93 -72.75 -13.25 32.77
CA GLY C 93 -72.93 -14.65 33.10
C GLY C 93 -72.61 -15.58 31.93
N VAL C 94 -73.10 -15.23 30.73
CA VAL C 94 -72.89 -16.10 29.58
C VAL C 94 -71.43 -16.08 29.15
N VAL C 95 -70.77 -14.92 29.21
CA VAL C 95 -69.35 -14.89 28.88
C VAL C 95 -68.54 -15.63 29.94
N ASN C 96 -68.97 -15.59 31.21
CA ASN C 96 -68.29 -16.34 32.25
C ASN C 96 -68.40 -17.84 32.02
N GLU C 97 -69.60 -18.32 31.67
CA GLU C 97 -69.75 -19.74 31.39
C GLU C 97 -69.03 -20.15 30.12
N PHE C 98 -68.93 -19.23 29.14
CA PHE C 98 -68.12 -19.49 27.95
C PHE C 98 -66.64 -19.64 28.32
N ILE C 99 -66.15 -18.78 29.22
CA ILE C 99 -64.78 -18.89 29.69
C ILE C 99 -64.56 -20.21 30.42
N SER C 100 -65.54 -20.61 31.24
CA SER C 100 -65.44 -21.89 31.93
C SER C 100 -65.39 -23.06 30.94
N GLY C 101 -66.22 -23.01 29.90
CA GLY C 101 -66.17 -24.05 28.89
C GLY C 101 -64.86 -24.08 28.14
N LEU C 102 -64.31 -22.90 27.83
CA LEU C 102 -63.01 -22.83 27.18
C LEU C 102 -61.91 -23.43 28.05
N GLU C 103 -61.95 -23.11 29.35
CA GLU C 103 -60.97 -23.69 30.27
C GLU C 103 -61.10 -25.20 30.35
N SER C 104 -62.35 -25.70 30.38
CA SER C 104 -62.56 -27.15 30.42
C SER C 104 -62.07 -27.83 29.15
N HIS C 105 -62.27 -27.19 27.99
CA HIS C 105 -61.93 -27.84 26.73
C HIS C 105 -60.43 -27.79 26.45
N ILE C 106 -59.85 -26.59 26.45
CA ILE C 106 -58.45 -26.43 26.04
C ILE C 106 -57.48 -27.01 27.06
N LYS C 107 -57.96 -27.34 28.27
CA LYS C 107 -57.06 -27.85 29.30
C LYS C 107 -56.43 -29.18 28.90
N ASP C 108 -57.01 -29.91 27.97
CA ASP C 108 -56.45 -31.19 27.55
C ASP C 108 -55.13 -30.99 26.82
N ARG C 109 -54.16 -31.84 27.14
CA ARG C 109 -52.87 -31.80 26.45
C ARG C 109 -53.02 -32.17 24.99
N SER C 110 -54.01 -33.02 24.66
CA SER C 110 -54.26 -33.37 23.26
C SER C 110 -54.62 -32.14 22.45
N GLN C 111 -55.45 -31.26 23.00
CA GLN C 111 -55.79 -30.01 22.30
C GLN C 111 -54.56 -29.14 22.13
N PHE C 112 -53.69 -29.09 23.14
CA PHE C 112 -52.47 -28.30 23.03
C PHE C 112 -51.56 -28.83 21.93
N LYS C 113 -51.44 -30.15 21.82
CA LYS C 113 -50.68 -30.74 20.72
C LYS C 113 -51.36 -30.44 19.38
N ASN C 114 -52.69 -30.44 19.35
CA ASN C 114 -53.41 -30.08 18.13
C ASN C 114 -53.15 -28.64 17.73
N CYS C 115 -52.88 -27.76 18.69
CA CYS C 115 -52.67 -26.35 18.40
C CYS C 115 -51.47 -26.16 17.47
N LEU C 116 -50.37 -26.85 17.77
CA LEU C 116 -49.15 -26.79 16.97
C LEU C 116 -48.64 -25.37 16.76
N LEU C 138 -54.58 -22.11 14.63
CA LEU C 138 -53.78 -21.21 15.44
C LEU C 138 -54.60 -20.64 16.60
N ILE C 139 -53.97 -19.78 17.39
CA ILE C 139 -54.63 -19.16 18.54
C ILE C 139 -54.95 -17.68 18.32
N LYS C 140 -54.56 -17.11 17.17
CA LYS C 140 -54.88 -15.71 16.92
C LYS C 140 -56.37 -15.48 16.80
N LEU C 141 -57.12 -16.50 16.38
CA LEU C 141 -58.57 -16.37 16.30
C LEU C 141 -59.18 -16.14 17.68
N LEU C 142 -58.68 -16.86 18.69
CA LEU C 142 -59.17 -16.66 20.05
C LEU C 142 -58.79 -15.27 20.56
N LEU C 143 -57.59 -14.81 20.25
CA LEU C 143 -57.12 -13.52 20.75
C LEU C 143 -57.82 -12.33 20.09
N GLY C 144 -58.63 -12.57 19.06
CA GLY C 144 -59.35 -11.49 18.41
C GLY C 144 -60.35 -10.78 19.32
N ILE C 145 -60.74 -11.41 20.41
CA ILE C 145 -61.66 -10.82 21.38
C ILE C 145 -60.88 -10.46 22.64
N LYS C 146 -61.28 -9.35 23.28
CA LYS C 146 -60.60 -8.90 24.49
C LYS C 146 -60.86 -9.81 25.68
N ILE C 147 -61.96 -10.56 25.67
CA ILE C 147 -62.29 -11.42 26.81
C ILE C 147 -61.35 -12.62 26.94
N LEU C 148 -60.60 -12.94 25.89
CA LEU C 148 -59.62 -14.02 25.94
C LEU C 148 -58.19 -13.51 26.06
N GLN C 149 -58.00 -12.23 26.35
CA GLN C 149 -56.65 -11.69 26.51
C GLN C 149 -55.90 -12.33 27.67
N PRO C 150 -56.45 -12.48 28.87
CA PRO C 150 -55.74 -13.26 29.90
C PRO C 150 -55.99 -14.75 29.81
N ALA C 151 -57.02 -15.18 29.07
CA ALA C 151 -57.27 -16.61 28.90
C ALA C 151 -56.13 -17.28 28.14
N VAL C 152 -55.64 -16.64 27.09
CA VAL C 152 -54.50 -17.21 26.36
C VAL C 152 -53.27 -17.23 27.26
N VAL C 153 -53.13 -16.23 28.13
CA VAL C 153 -51.99 -16.18 29.05
C VAL C 153 -52.04 -17.34 30.02
N THR C 154 -53.19 -17.57 30.64
CA THR C 154 -53.29 -18.66 31.61
C THR C 154 -53.22 -20.02 30.94
N LEU C 155 -53.70 -20.13 29.69
CA LEU C 155 -53.53 -21.39 28.97
C LEU C 155 -52.07 -21.63 28.59
N LEU C 156 -51.33 -20.56 28.28
CA LEU C 156 -49.89 -20.69 28.09
C LEU C 156 -49.21 -21.15 29.37
N LEU C 157 -49.64 -20.61 30.51
CA LEU C 157 -49.12 -21.07 31.80
C LEU C 157 -49.42 -22.54 32.03
N GLU C 158 -50.63 -22.98 31.68
CA GLU C 158 -50.99 -24.39 31.84
C GLU C 158 -50.22 -25.29 30.87
N LYS C 159 -49.85 -24.76 29.71
CA LYS C 159 -49.11 -25.54 28.72
C LYS C 159 -47.61 -25.55 28.96
N ILE C 160 -47.10 -24.62 29.76
CA ILE C 160 -45.64 -24.49 29.95
C ILE C 160 -45.03 -25.64 30.75
N PRO C 161 -45.72 -26.30 31.74
CA PRO C 161 -45.06 -27.42 32.43
C PRO C 161 -45.34 -28.76 31.73
N GLU C 162 -44.98 -28.84 30.46
CA GLU C 162 -45.17 -30.07 29.68
C GLU C 162 -43.87 -30.75 29.29
N PHE C 163 -42.71 -30.14 29.55
CA PHE C 163 -41.46 -30.87 29.35
C PHE C 163 -40.87 -31.25 30.70
N ASN C 174 -38.04 -32.70 25.78
CA ASN C 174 -38.24 -31.26 25.92
C ASN C 174 -39.27 -30.72 24.85
N PHE C 175 -41.21 -30.26 25.10
CA PHE C 175 -42.71 -29.78 24.79
C PHE C 175 -43.09 -28.30 24.69
N PRO C 176 -42.83 -27.40 25.69
CA PRO C 176 -43.09 -25.97 25.47
C PRO C 176 -42.46 -25.33 24.23
N ARG C 177 -41.62 -26.05 23.49
CA ARG C 177 -41.08 -25.50 22.25
C ARG C 177 -42.19 -25.10 21.29
N LEU C 178 -43.31 -25.84 21.32
CA LEU C 178 -44.43 -25.52 20.42
C LEU C 178 -45.00 -24.13 20.71
N ILE C 179 -45.30 -23.86 21.99
CA ILE C 179 -45.87 -22.56 22.34
C ILE C 179 -44.81 -21.46 22.20
N VAL C 180 -43.53 -21.81 22.42
CA VAL C 180 -42.46 -20.85 22.19
C VAL C 180 -42.43 -20.41 20.73
N ASN C 181 -42.54 -21.38 19.82
CA ASN C 181 -42.57 -21.05 18.40
C ASN C 181 -43.92 -20.46 17.99
N GLN C 182 -45.01 -20.90 18.65
CA GLN C 182 -46.32 -20.36 18.31
C GLN C 182 -46.44 -18.89 18.71
N PHE C 183 -45.88 -18.53 19.87
CA PHE C 183 -45.91 -17.13 20.28
C PHE C 183 -45.05 -16.27 19.36
N LYS C 184 -44.08 -16.87 18.68
CA LYS C 184 -43.36 -16.17 17.63
C LYS C 184 -44.34 -15.76 16.53
N TRP C 185 -44.14 -14.56 16.00
CA TRP C 185 -45.08 -13.89 15.11
C TRP C 185 -46.44 -13.69 15.77
N LEU C 186 -46.46 -13.49 17.09
CA LEU C 186 -47.69 -13.24 17.84
C LEU C 186 -47.36 -12.33 19.01
N ASP C 187 -48.05 -11.19 19.10
CA ASP C 187 -47.83 -10.27 20.19
C ASP C 187 -49.12 -9.86 20.91
N GLY C 188 -50.23 -10.56 20.67
CA GLY C 188 -51.45 -10.31 21.43
C GLY C 188 -51.26 -10.59 22.90
N LEU C 189 -51.53 -9.60 23.75
CA LEU C 189 -51.22 -9.72 25.16
C LEU C 189 -52.17 -8.83 25.96
N LEU C 190 -52.27 -9.14 27.26
CA LEU C 190 -53.09 -8.34 28.16
C LEU C 190 -52.30 -7.17 28.75
N ASP C 191 -51.20 -7.47 29.45
CA ASP C 191 -50.36 -6.44 30.07
C ASP C 191 -48.94 -7.00 30.12
N SER C 192 -48.12 -6.61 29.14
CA SER C 192 -46.79 -7.19 29.00
C SER C 192 -45.92 -6.91 30.22
N GLN C 193 -46.12 -5.76 30.86
CA GLN C 193 -45.27 -5.38 31.99
C GLN C 193 -45.36 -6.39 33.12
N ASP C 194 -46.58 -6.80 33.48
CA ASP C 194 -46.74 -7.80 34.53
C ASP C 194 -46.43 -9.20 34.02
N LEU C 195 -46.73 -9.47 32.75
CA LEU C 195 -46.46 -10.80 32.19
C LEU C 195 -44.97 -11.11 32.16
N VAL C 196 -44.13 -10.08 31.97
CA VAL C 196 -42.69 -10.29 32.03
C VAL C 196 -42.28 -10.75 33.43
N LYS C 197 -42.72 -10.02 34.46
CA LYS C 197 -42.42 -10.43 35.83
C LYS C 197 -42.90 -11.85 36.08
N LYS C 198 -44.08 -12.20 35.55
CA LYS C 198 -44.60 -13.54 35.75
C LYS C 198 -43.78 -14.59 35.02
N LEU C 199 -43.21 -14.25 33.85
CA LEU C 199 -42.45 -15.26 33.12
C LEU C 199 -41.11 -15.53 33.80
N MET C 200 -40.45 -14.49 34.34
CA MET C 200 -39.28 -14.83 35.16
C MET C 200 -39.69 -15.52 36.47
N GLN C 201 -40.89 -15.26 36.98
CA GLN C 201 -41.35 -15.98 38.15
C GLN C 201 -41.46 -17.47 37.87
N MET C 202 -41.99 -17.85 36.70
CA MET C 202 -42.00 -19.27 36.37
C MET C 202 -40.62 -19.74 35.92
N LEU C 203 -39.75 -18.81 35.51
CA LEU C 203 -38.40 -19.19 35.13
C LEU C 203 -37.56 -19.55 36.35
N SER C 204 -37.91 -19.02 37.52
CA SER C 204 -37.22 -19.40 38.73
C SER C 204 -37.40 -20.87 39.08
N VAL C 205 -38.38 -21.54 38.47
CA VAL C 205 -38.66 -22.95 38.76
C VAL C 205 -38.60 -23.79 37.50
N SER C 206 -37.74 -23.40 36.54
CA SER C 206 -37.69 -24.16 35.31
C SER C 206 -36.37 -24.88 35.14
N PRO C 207 -36.37 -26.06 34.51
CA PRO C 207 -35.13 -26.71 34.11
C PRO C 207 -34.23 -25.79 33.29
N VAL C 208 -32.98 -26.25 33.12
CA VAL C 208 -31.99 -25.46 32.39
C VAL C 208 -32.35 -25.25 30.93
N PRO C 209 -32.70 -26.30 30.14
CA PRO C 209 -32.92 -26.07 28.70
C PRO C 209 -34.11 -25.17 28.39
N ILE C 210 -35.22 -25.41 29.08
CA ILE C 210 -36.40 -24.58 28.88
C ILE C 210 -36.12 -23.15 29.33
N GLN C 211 -35.34 -22.98 30.40
CA GLN C 211 -34.96 -21.64 30.82
C GLN C 211 -34.10 -20.96 29.76
N HIS C 212 -33.19 -21.69 29.14
CA HIS C 212 -32.37 -21.14 28.07
C HIS C 212 -33.22 -20.67 26.91
N ASP C 213 -34.18 -21.51 26.49
CA ASP C 213 -35.07 -21.14 25.40
C ASP C 213 -35.91 -19.91 25.76
N ILE C 214 -36.44 -19.87 26.98
CA ILE C 214 -37.26 -18.73 27.39
C ILE C 214 -36.41 -17.46 27.43
N ILE C 215 -35.18 -17.56 27.94
CA ILE C 215 -34.29 -16.40 27.98
C ILE C 215 -34.04 -15.88 26.58
N THR C 216 -33.82 -16.81 25.62
CA THR C 216 -33.80 -16.41 24.22
C THR C 216 -35.11 -15.75 23.82
N SER C 217 -36.22 -16.13 24.45
CA SER C 217 -37.54 -15.67 24.04
C SER C 217 -37.98 -14.36 24.69
N LEU C 218 -37.23 -13.80 25.65
CA LEU C 218 -37.57 -12.45 26.13
C LEU C 218 -37.66 -11.40 25.03
N PRO C 219 -36.73 -11.31 24.08
CA PRO C 219 -36.98 -10.41 22.94
C PRO C 219 -38.21 -10.77 22.14
N GLU C 220 -38.57 -12.06 22.08
CA GLU C 220 -39.73 -12.47 21.29
C GLU C 220 -41.02 -11.89 21.85
N ILE C 221 -41.21 -11.96 23.17
CA ILE C 221 -42.47 -11.50 23.75
C ILE C 221 -42.60 -9.99 23.67
N LEU C 222 -41.50 -9.26 23.53
CA LEU C 222 -41.53 -7.81 23.42
C LEU C 222 -41.44 -7.39 21.95
N GLU C 223 -41.81 -6.14 21.70
CA GLU C 223 -41.66 -5.50 20.40
C GLU C 223 -40.98 -4.16 20.55
N ASP C 224 -39.95 -4.10 21.41
CA ASP C 224 -39.20 -2.88 21.70
C ASP C 224 -40.12 -1.76 22.18
N SER C 225 -40.79 -2.02 23.30
CA SER C 225 -41.58 -1.01 23.98
C SER C 225 -41.36 -1.02 25.49
N GLN C 226 -40.54 -1.93 26.02
CA GLN C 226 -40.24 -2.05 27.43
C GLN C 226 -38.74 -2.21 27.62
N GLN C 227 -37.96 -1.40 26.90
CA GLN C 227 -36.53 -1.66 26.75
C GLN C 227 -35.78 -1.49 28.06
N ASN C 228 -36.10 -0.44 28.83
CA ASN C 228 -35.31 -0.12 30.02
C ASN C 228 -35.42 -1.22 31.07
N GLU C 229 -36.65 -1.59 31.43
CA GLU C 229 -36.85 -2.59 32.48
C GLU C 229 -36.34 -3.96 32.04
N VAL C 230 -36.56 -4.31 30.77
CA VAL C 230 -36.11 -5.61 30.28
C VAL C 230 -34.58 -5.65 30.23
N ALA C 231 -33.94 -4.53 29.89
CA ALA C 231 -32.48 -4.48 29.94
C ALA C 231 -31.98 -4.63 31.38
N ARG C 232 -32.64 -3.95 32.32
CA ARG C 232 -32.25 -4.05 33.72
C ARG C 232 -32.34 -5.48 34.21
N GLU C 233 -33.45 -6.16 33.89
CA GLU C 233 -33.66 -7.52 34.37
C GLU C 233 -32.72 -8.51 33.68
N LEU C 234 -32.42 -8.31 32.39
CA LEU C 234 -31.48 -9.23 31.76
C LEU C 234 -30.07 -9.02 32.28
N SER C 235 -29.71 -7.77 32.63
CA SER C 235 -28.43 -7.55 33.28
C SER C 235 -28.40 -8.20 34.65
N CYS C 236 -29.51 -8.16 35.39
CA CYS C 236 -29.59 -8.88 36.66
C CYS C 236 -29.41 -10.38 36.45
N LEU C 237 -30.04 -10.92 35.40
CA LEU C 237 -29.88 -12.35 35.10
C LEU C 237 -28.43 -12.68 34.77
N LEU C 238 -27.76 -11.81 34.01
CA LEU C 238 -26.34 -12.00 33.72
C LEU C 238 -25.51 -11.99 35.00
N LYS C 239 -25.81 -11.05 35.90
CA LYS C 239 -25.06 -10.97 37.15
C LYS C 239 -25.27 -12.21 38.01
N GLN C 240 -26.51 -12.67 38.15
CA GLN C 240 -26.79 -13.85 38.95
C GLN C 240 -26.28 -15.12 38.26
N GLY C 241 -26.58 -15.26 36.97
CA GLY C 241 -26.22 -16.46 36.25
C GLY C 241 -25.04 -16.28 35.30
N ARG C 242 -23.88 -16.81 35.68
CA ARG C 242 -22.71 -16.77 34.82
C ARG C 242 -22.61 -18.00 33.93
N ARG C 243 -22.99 -19.17 34.46
CA ARG C 243 -22.98 -20.39 33.65
C ARG C 243 -23.96 -20.28 32.49
N LEU C 244 -25.12 -19.65 32.71
CA LEU C 244 -26.14 -19.48 31.68
C LEU C 244 -26.06 -18.11 31.04
N THR C 245 -24.84 -17.62 30.81
CA THR C 245 -24.68 -16.33 30.16
C THR C 245 -25.01 -16.37 28.67
N VAL C 246 -24.85 -17.55 28.03
CA VAL C 246 -25.03 -17.61 26.57
C VAL C 246 -26.46 -17.32 26.13
N PRO C 247 -27.52 -17.82 26.79
CA PRO C 247 -28.86 -17.39 26.35
C PRO C 247 -29.12 -15.93 26.61
N ILE C 248 -28.55 -15.37 27.68
CA ILE C 248 -28.73 -13.95 27.97
C ILE C 248 -28.09 -13.11 26.88
N LEU C 249 -26.87 -13.48 26.47
CA LEU C 249 -26.19 -12.75 25.41
C LEU C 249 -26.88 -12.96 24.06
N ASP C 250 -27.45 -14.15 23.83
CA ASP C 250 -28.22 -14.36 22.61
C ASP C 250 -29.47 -13.48 22.58
N ALA C 251 -30.15 -13.36 23.73
CA ALA C 251 -31.30 -12.48 23.82
C ALA C 251 -30.91 -11.03 23.59
N LEU C 252 -29.80 -10.59 24.18
CA LEU C 252 -29.36 -9.22 24.01
C LEU C 252 -28.92 -8.97 22.57
N SER C 253 -28.42 -10.03 21.92
CA SER C 253 -28.20 -9.97 20.47
C SER C 253 -29.51 -9.73 19.75
N ARG C 254 -30.53 -10.50 20.11
CA ARG C 254 -31.86 -10.33 19.53
C ARG C 254 -32.44 -8.96 19.91
N LEU C 255 -32.26 -8.55 21.16
CA LEU C 255 -32.74 -7.26 21.64
C LEU C 255 -31.90 -6.12 21.07
N ASP C 256 -32.40 -4.90 21.25
CA ASP C 256 -31.67 -3.72 20.82
C ASP C 256 -30.56 -3.40 21.81
N LEU C 257 -29.87 -2.28 21.57
CA LEU C 257 -28.69 -1.91 22.34
C LEU C 257 -28.85 -0.52 22.94
N ASP C 258 -28.44 -0.38 24.20
CA ASP C 258 -28.32 0.91 24.86
C ASP C 258 -26.95 1.01 25.51
N ALA C 259 -26.32 2.19 25.37
CA ALA C 259 -24.90 2.32 25.64
C ALA C 259 -24.55 2.00 27.10
N GLU C 260 -25.32 2.57 28.03
CA GLU C 260 -24.96 2.44 29.45
C GLU C 260 -25.01 0.98 29.90
N LEU C 261 -26.04 0.25 29.48
CA LEU C 261 -26.12 -1.17 29.83
C LEU C 261 -25.16 -2.01 29.00
N LEU C 262 -24.98 -1.65 27.72
CA LEU C 262 -24.11 -2.41 26.85
C LEU C 262 -22.69 -2.42 27.39
N ALA C 263 -22.23 -1.28 27.90
CA ALA C 263 -20.87 -1.23 28.43
C ALA C 263 -20.68 -2.20 29.60
N LYS C 264 -21.53 -2.11 30.62
CA LYS C 264 -21.34 -2.96 31.78
C LYS C 264 -21.51 -4.45 31.43
N VAL C 265 -22.51 -4.78 30.61
CA VAL C 265 -22.70 -6.19 30.26
C VAL C 265 -21.53 -6.68 29.41
N ARG C 266 -20.92 -5.79 28.62
CA ARG C 266 -19.83 -6.24 27.76
C ARG C 266 -18.53 -6.43 28.53
N GLN C 267 -18.23 -5.55 29.50
CA GLN C 267 -17.15 -5.86 30.43
C GLN C 267 -17.41 -7.15 31.21
N SER C 268 -18.66 -7.39 31.61
CA SER C 268 -18.96 -8.67 32.27
C SER C 268 -18.68 -9.85 31.33
N ALA C 269 -19.08 -9.72 30.05
CA ALA C 269 -18.82 -10.77 29.07
C ALA C 269 -17.33 -11.03 28.93
N MET C 270 -16.55 -9.97 28.68
CA MET C 270 -15.09 -10.12 28.60
C MET C 270 -14.52 -10.78 29.84
N THR C 271 -15.09 -10.48 31.01
CA THR C 271 -14.66 -11.18 32.21
C THR C 271 -15.05 -12.65 32.20
N ILE C 272 -16.08 -13.04 31.44
CA ILE C 272 -16.56 -14.41 31.49
C ILE C 272 -16.44 -15.12 30.13
N VAL C 273 -15.57 -14.65 29.24
CA VAL C 273 -15.32 -15.39 28.00
C VAL C 273 -14.46 -16.63 28.23
N PRO C 274 -13.23 -16.51 28.75
CA PRO C 274 -12.35 -17.69 28.77
C PRO C 274 -12.70 -18.72 29.82
N SER C 275 -13.51 -18.37 30.82
CA SER C 275 -13.80 -19.28 31.92
C SER C 275 -14.63 -20.48 31.51
N VAL C 276 -15.19 -20.48 30.30
CA VAL C 276 -16.11 -21.52 29.87
C VAL C 276 -15.42 -22.39 28.81
N LYS C 277 -16.03 -23.55 28.55
CA LYS C 277 -15.47 -24.52 27.62
C LYS C 277 -15.47 -23.97 26.20
N LEU C 278 -14.50 -24.45 25.41
CA LEU C 278 -14.25 -23.89 24.07
C LEU C 278 -15.45 -24.02 23.14
N GLU C 279 -16.41 -24.87 23.46
CA GLU C 279 -17.62 -24.98 22.65
C GLU C 279 -18.69 -23.97 23.05
N ASP C 280 -18.47 -23.19 24.11
CA ASP C 280 -19.50 -22.33 24.66
C ASP C 280 -19.23 -20.84 24.45
N LEU C 281 -17.99 -20.39 24.56
CA LEU C 281 -17.66 -18.99 24.31
C LEU C 281 -17.82 -18.52 22.86
N PRO C 282 -17.74 -19.39 21.83
CA PRO C 282 -17.89 -18.88 20.46
C PRO C 282 -19.15 -18.05 20.21
N VAL C 283 -20.28 -18.37 20.84
CA VAL C 283 -21.46 -17.54 20.67
C VAL C 283 -21.23 -16.16 21.28
N VAL C 284 -20.53 -16.11 22.41
CA VAL C 284 -20.20 -14.83 23.04
C VAL C 284 -19.29 -14.01 22.12
N ILE C 285 -18.29 -14.66 21.52
CA ILE C 285 -17.37 -13.97 20.62
C ILE C 285 -18.11 -13.47 19.39
N LYS C 286 -19.01 -14.28 18.85
CA LYS C 286 -19.80 -13.85 17.70
C LYS C 286 -20.66 -12.64 18.06
N PHE C 287 -21.31 -12.67 19.24
CA PHE C 287 -22.09 -11.51 19.68
C PHE C 287 -21.24 -10.26 19.76
N ILE C 288 -20.12 -10.33 20.49
CA ILE C 288 -19.30 -9.13 20.67
C ILE C 288 -18.68 -8.69 19.35
N LEU C 289 -18.65 -9.58 18.36
CA LEU C 289 -18.14 -9.22 17.05
C LEU C 289 -19.19 -8.48 16.22
N HIS C 290 -20.31 -9.12 15.92
CA HIS C 290 -21.26 -8.51 14.98
C HIS C 290 -22.30 -7.63 15.66
N ASN C 291 -22.20 -7.45 16.98
CA ASN C 291 -23.21 -6.67 17.70
C ASN C 291 -22.59 -5.43 18.34
N VAL C 292 -21.34 -5.53 18.74
CA VAL C 292 -20.66 -4.47 19.48
C VAL C 292 -19.53 -3.91 18.64
N LYS C 293 -19.48 -2.58 18.52
CA LYS C 293 -18.40 -1.88 17.82
C LYS C 293 -18.17 -0.55 18.52
N ALA C 294 -16.96 -0.34 19.02
CA ALA C 294 -16.65 0.87 19.77
C ALA C 294 -15.14 1.07 19.77
N ALA C 295 -14.73 2.24 20.31
CA ALA C 295 -13.31 2.54 20.39
C ALA C 295 -12.59 1.59 21.34
N ASP C 296 -13.24 1.21 22.44
CA ASP C 296 -12.64 0.31 23.42
C ASP C 296 -12.44 -1.10 22.88
N ALA C 297 -13.02 -1.42 21.71
CA ALA C 297 -12.81 -2.74 21.13
C ALA C 297 -11.34 -2.99 20.83
N VAL C 298 -10.56 -1.93 20.59
CA VAL C 298 -9.15 -2.10 20.26
C VAL C 298 -8.40 -2.79 21.39
N GLU C 299 -8.87 -2.66 22.62
CA GLU C 299 -8.29 -3.38 23.75
C GLU C 299 -9.16 -4.54 24.21
N VAL C 300 -10.46 -4.52 23.91
CA VAL C 300 -11.30 -5.68 24.21
C VAL C 300 -10.84 -6.89 23.42
N ILE C 301 -10.47 -6.68 22.15
CA ILE C 301 -9.94 -7.78 21.35
C ILE C 301 -8.59 -8.25 21.87
N SER C 302 -7.81 -7.35 22.48
CA SER C 302 -6.58 -7.80 23.14
C SER C 302 -6.89 -8.67 24.35
N ASP C 303 -7.92 -8.29 25.10
CA ASP C 303 -8.40 -9.14 26.19
C ASP C 303 -8.84 -10.51 25.67
N LEU C 304 -9.54 -10.52 24.53
CA LEU C 304 -9.94 -11.78 23.91
C LEU C 304 -8.73 -12.60 23.49
N ARG C 305 -7.69 -11.93 22.96
CA ARG C 305 -6.47 -12.62 22.59
C ARG C 305 -5.82 -13.28 23.79
N LYS C 306 -5.75 -12.55 24.91
CA LYS C 306 -5.23 -13.14 26.14
C LYS C 306 -6.10 -14.31 26.60
N SER C 307 -7.42 -14.19 26.42
CA SER C 307 -8.34 -15.26 26.81
C SER C 307 -8.10 -16.52 25.97
N LEU C 308 -7.84 -16.36 24.68
CA LEU C 308 -7.69 -17.47 23.76
C LEU C 308 -6.24 -17.90 23.60
N ASP C 309 -5.32 -17.33 24.37
CA ASP C 309 -3.90 -17.59 24.17
C ASP C 309 -3.56 -19.06 24.42
N LEU C 310 -4.14 -19.66 25.45
CA LEU C 310 -3.74 -21.01 25.84
C LEU C 310 -4.27 -22.05 24.87
N SER C 311 -5.59 -22.16 24.73
CA SER C 311 -6.19 -23.23 23.94
C SER C 311 -6.04 -23.01 22.44
N SER C 312 -5.88 -21.77 22.00
CA SER C 312 -5.75 -21.43 20.58
C SER C 312 -6.96 -21.85 19.76
N LEU C 349 -15.28 -27.76 12.88
CA LEU C 349 -14.59 -27.92 14.16
C LEU C 349 -13.85 -26.64 14.55
N PHE C 350 -14.47 -25.86 15.43
CA PHE C 350 -13.94 -24.60 15.95
C PHE C 350 -13.70 -23.56 14.86
N ASP C 351 -14.32 -23.71 13.70
CA ASP C 351 -14.24 -22.70 12.64
C ASP C 351 -15.29 -21.61 12.80
N VAL C 352 -16.14 -21.70 13.82
CA VAL C 352 -17.17 -20.69 14.03
C VAL C 352 -16.56 -19.33 14.36
N ILE C 353 -15.42 -19.34 15.06
CA ILE C 353 -14.73 -18.08 15.36
C ILE C 353 -14.32 -17.37 14.07
N LYS C 354 -13.83 -18.14 13.09
CA LYS C 354 -13.45 -17.55 11.82
C LYS C 354 -14.64 -16.86 11.16
N LEU C 355 -15.79 -17.54 11.12
CA LEU C 355 -16.99 -16.95 10.53
C LEU C 355 -17.42 -15.71 11.30
N ALA C 356 -17.34 -15.76 12.64
CA ALA C 356 -17.69 -14.60 13.45
C ALA C 356 -16.82 -13.40 13.09
N VAL C 357 -15.53 -13.64 12.86
CA VAL C 357 -14.67 -12.54 12.44
C VAL C 357 -14.99 -12.10 11.01
N ARG C 358 -15.44 -13.04 10.17
CA ARG C 358 -15.85 -12.66 8.81
C ARG C 358 -17.03 -11.70 8.84
N PHE C 359 -17.97 -11.90 9.76
CA PHE C 359 -19.23 -11.17 9.73
C PHE C 359 -19.04 -9.66 9.75
N GLN C 360 -18.00 -9.17 10.41
CA GLN C 360 -17.72 -7.74 10.44
C GLN C 360 -16.25 -7.48 10.08
N LYS C 361 -16.00 -6.29 9.54
CA LYS C 361 -14.67 -5.93 9.08
C LYS C 361 -13.99 -4.86 9.92
N ASP C 362 -14.74 -4.00 10.60
CA ASP C 362 -14.14 -2.95 11.40
C ASP C 362 -13.38 -3.54 12.59
N VAL C 363 -13.93 -4.58 13.22
CA VAL C 363 -13.21 -5.26 14.28
C VAL C 363 -11.96 -5.94 13.75
N SER C 364 -11.95 -6.32 12.46
CA SER C 364 -10.74 -6.89 11.88
C SER C 364 -9.65 -5.83 11.73
N GLU C 365 -10.02 -4.61 11.33
CA GLU C 365 -9.05 -3.52 11.30
C GLU C 365 -8.56 -3.20 12.71
N ALA C 366 -9.46 -3.26 13.69
CA ALA C 366 -9.04 -3.11 15.07
C ALA C 366 -8.06 -4.21 15.47
N TRP C 367 -8.28 -5.43 14.95
CA TRP C 367 -7.36 -6.54 15.23
C TRP C 367 -5.99 -6.25 14.65
N ILE C 368 -5.95 -5.69 13.43
CA ILE C 368 -4.67 -5.30 12.85
C ILE C 368 -3.98 -4.25 13.72
N LYS C 369 -4.75 -3.25 14.18
CA LYS C 369 -4.17 -2.22 15.04
C LYS C 369 -3.66 -2.81 16.35
N ALA C 370 -4.37 -3.79 16.91
CA ALA C 370 -3.97 -4.39 18.17
C ALA C 370 -2.72 -5.25 18.00
N ILE C 371 -2.65 -6.05 16.93
CA ILE C 371 -1.46 -6.84 16.69
C ILE C 371 -0.29 -5.98 16.22
N GLU C 372 -0.55 -4.71 15.86
CA GLU C 372 0.54 -3.78 15.63
C GLU C 372 1.36 -3.56 16.90
N ASN C 373 0.70 -3.59 18.06
CA ASN C 373 1.39 -3.48 19.34
C ASN C 373 1.43 -4.77 20.13
N SER C 374 0.54 -5.73 19.83
CA SER C 374 0.61 -7.02 20.50
C SER C 374 1.92 -7.74 20.18
N THR C 375 2.33 -7.73 18.92
CA THR C 375 3.63 -8.29 18.56
C THR C 375 4.78 -7.43 19.09
N SER C 376 4.52 -6.16 19.41
CA SER C 376 5.56 -5.30 19.96
C SER C 376 5.90 -5.66 21.41
N VAL C 377 5.03 -6.41 22.09
CA VAL C 377 5.28 -6.86 23.47
C VAL C 377 5.21 -8.38 23.57
N SER C 378 4.09 -8.96 23.16
CA SER C 378 3.95 -10.42 23.20
C SER C 378 4.79 -11.06 22.10
N ASP C 379 5.15 -12.32 22.32
CA ASP C 379 6.10 -13.01 21.45
C ASP C 379 5.40 -13.76 20.31
N HIS C 380 4.53 -13.05 19.58
CA HIS C 380 3.94 -13.53 18.34
C HIS C 380 3.31 -14.92 18.51
N LYS C 381 2.25 -14.95 19.33
CA LYS C 381 1.52 -16.19 19.56
C LYS C 381 0.88 -16.66 18.26
N VAL C 382 0.58 -17.97 18.21
CA VAL C 382 0.06 -18.59 16.99
C VAL C 382 -1.27 -17.96 16.59
N LEU C 383 -2.10 -17.60 17.57
CA LEU C 383 -3.36 -16.96 17.26
C LEU C 383 -3.16 -15.64 16.53
N ASP C 384 -2.09 -14.91 16.87
CA ASP C 384 -1.81 -13.64 16.20
C ASP C 384 -1.60 -13.85 14.71
N LEU C 385 -0.77 -14.82 14.35
CA LEU C 385 -0.48 -15.03 12.93
C LEU C 385 -1.67 -15.66 12.22
N ILE C 386 -2.46 -16.47 12.92
CA ILE C 386 -3.68 -17.02 12.33
C ILE C 386 -4.65 -15.88 11.97
N VAL C 387 -4.92 -15.00 12.92
CA VAL C 387 -5.86 -13.91 12.66
C VAL C 387 -5.26 -12.92 11.66
N LEU C 388 -3.93 -12.80 11.62
CA LEU C 388 -3.29 -11.97 10.61
C LEU C 388 -3.54 -12.54 9.21
N LEU C 389 -3.41 -13.84 9.06
CA LEU C 389 -3.75 -14.48 7.79
C LEU C 389 -5.22 -14.25 7.46
N LEU C 390 -6.10 -14.36 8.45
CA LEU C 390 -7.52 -14.16 8.21
C LEU C 390 -7.83 -12.75 7.73
N ILE C 391 -7.25 -11.73 8.37
CA ILE C 391 -7.52 -10.36 7.95
C ILE C 391 -6.87 -10.07 6.60
N HIS C 392 -5.67 -10.60 6.36
CA HIS C 392 -5.05 -10.45 5.06
C HIS C 392 -5.93 -11.05 3.97
N SER C 393 -6.60 -12.15 4.28
CA SER C 393 -7.59 -12.71 3.36
C SER C 393 -8.78 -11.79 3.19
N THR C 394 -9.29 -11.25 4.29
CA THR C 394 -10.48 -10.39 4.26
C THR C 394 -10.11 -8.92 4.40
N ARG C 399 -5.98 -5.96 4.09
CA ARG C 399 -4.98 -6.57 3.21
C ARG C 399 -3.74 -5.69 3.09
N LYS C 400 -3.93 -4.46 2.60
CA LYS C 400 -2.80 -3.54 2.47
C LYS C 400 -2.21 -3.21 3.84
N GLN C 401 -3.06 -2.93 4.83
CA GLN C 401 -2.56 -2.67 6.17
C GLN C 401 -1.89 -3.90 6.75
N THR C 402 -2.45 -5.08 6.48
CA THR C 402 -1.86 -6.32 6.97
C THR C 402 -0.46 -6.51 6.42
N GLU C 403 -0.27 -6.29 5.12
CA GLU C 403 1.05 -6.47 4.53
C GLU C 403 2.02 -5.37 4.94
N LYS C 404 1.52 -4.15 5.16
CA LYS C 404 2.38 -3.11 5.72
C LYS C 404 2.88 -3.49 7.10
N VAL C 405 1.99 -4.01 7.95
CA VAL C 405 2.39 -4.46 9.27
C VAL C 405 3.38 -5.61 9.16
N LEU C 406 3.14 -6.53 8.23
CA LEU C 406 4.05 -7.66 8.04
C LEU C 406 5.43 -7.17 7.65
N ARG C 407 5.52 -6.21 6.73
CA ARG C 407 6.82 -5.66 6.34
C ARG C 407 7.50 -4.95 7.50
N SER C 408 6.73 -4.19 8.28
CA SER C 408 7.32 -3.47 9.41
C SER C 408 7.91 -4.44 10.42
N LYS C 409 7.19 -5.51 10.75
CA LYS C 409 7.73 -6.48 11.69
C LYS C 409 8.79 -7.39 11.07
N ILE C 410 8.79 -7.51 9.73
CA ILE C 410 9.91 -8.13 9.03
C ILE C 410 11.18 -7.34 9.30
N ARG C 411 11.10 -6.02 9.16
CA ARG C 411 12.24 -5.17 9.46
C ARG C 411 12.48 -5.03 10.96
N LEU C 412 11.53 -5.44 11.80
CA LEU C 412 11.63 -5.23 13.25
C LEU C 412 12.08 -6.47 14.00
N GLY C 413 11.33 -7.57 13.92
CA GLY C 413 11.58 -8.70 14.79
C GLY C 413 11.52 -10.09 14.18
N CYS C 414 11.22 -10.16 12.88
CA CYS C 414 11.29 -11.33 12.00
C CYS C 414 10.42 -12.50 12.44
N MET C 415 9.65 -12.39 13.55
CA MET C 415 8.61 -13.35 13.93
C MET C 415 9.08 -14.80 13.87
N PRO C 416 9.85 -15.27 14.88
CA PRO C 416 10.30 -16.68 14.89
C PRO C 416 9.23 -17.65 14.42
N GLU C 417 9.54 -18.41 13.37
CA GLU C 417 8.53 -19.12 12.57
C GLU C 417 8.28 -20.55 13.04
N GLN C 418 8.87 -20.97 14.15
CA GLN C 418 8.54 -22.30 14.68
C GLN C 418 7.08 -22.38 15.09
N LEU C 419 6.53 -21.28 15.61
CA LEU C 419 5.12 -21.26 15.99
C LEU C 419 4.22 -21.47 14.78
N MET C 420 4.54 -20.83 13.66
CA MET C 420 3.70 -20.99 12.48
C MET C 420 3.96 -22.35 11.83
N GLN C 421 5.14 -22.93 12.05
CA GLN C 421 5.34 -24.32 11.66
C GLN C 421 4.40 -25.24 12.42
N ASN C 422 4.27 -25.04 13.73
CA ASN C 422 3.31 -25.82 14.50
C ASN C 422 1.88 -25.54 14.02
N ALA C 423 1.60 -24.29 13.66
CA ALA C 423 0.28 -23.93 13.15
C ALA C 423 -0.06 -24.71 11.89
N PHE C 424 0.86 -24.74 10.93
CA PHE C 424 0.64 -25.50 9.71
C PHE C 424 0.65 -27.00 9.97
N GLN C 425 1.29 -27.43 11.06
CA GLN C 425 1.26 -28.84 11.41
C GLN C 425 -0.11 -29.26 11.94
N ASN C 426 -0.72 -28.41 12.77
CA ASN C 426 -1.96 -28.78 13.47
C ASN C 426 -3.21 -28.15 12.88
N HIS C 427 -3.11 -26.91 12.38
CA HIS C 427 -4.28 -26.15 11.92
C HIS C 427 -4.30 -25.97 10.41
N SER C 428 -3.97 -27.03 9.68
CA SER C 428 -3.87 -26.97 8.22
C SER C 428 -5.22 -26.99 7.52
N MET C 429 -6.33 -27.02 8.26
CA MET C 429 -7.65 -27.10 7.63
C MET C 429 -8.02 -25.83 6.85
N VAL C 430 -7.28 -24.74 7.03
CA VAL C 430 -7.63 -23.47 6.40
C VAL C 430 -6.48 -23.01 5.51
N ILE C 431 -5.76 -23.98 4.92
CA ILE C 431 -4.60 -23.66 4.10
C ILE C 431 -5.02 -22.82 2.90
N LYS C 432 -5.83 -23.40 2.00
CA LYS C 432 -6.50 -22.68 0.91
C LYS C 432 -5.58 -21.68 0.23
N ASP C 433 -4.58 -22.18 -0.51
CA ASP C 433 -3.38 -21.47 -0.93
C ASP C 433 -3.61 -20.03 -1.39
N PHE C 434 -4.80 -19.71 -1.89
CA PHE C 434 -5.07 -18.34 -2.33
C PHE C 434 -4.80 -17.34 -1.22
N PHE C 435 -4.98 -17.74 0.05
CA PHE C 435 -4.69 -16.82 1.15
C PHE C 435 -3.21 -16.67 1.43
N PRO C 436 -2.41 -17.74 1.59
CA PRO C 436 -0.97 -17.54 1.78
C PRO C 436 -0.21 -17.23 0.50
N SER C 437 -0.87 -17.20 -0.66
CA SER C 437 -0.15 -16.89 -1.90
C SER C 437 0.41 -15.48 -1.87
N ILE C 438 -0.38 -14.52 -1.40
CA ILE C 438 0.11 -13.15 -1.25
C ILE C 438 1.20 -13.07 -0.20
N LEU C 439 1.08 -13.89 0.86
CA LEU C 439 2.11 -13.94 1.88
C LEU C 439 3.46 -14.38 1.29
N SER C 440 3.42 -15.37 0.39
CA SER C 440 4.65 -15.81 -0.26
C SER C 440 5.17 -14.75 -1.23
N LEU C 441 4.29 -14.21 -2.08
CA LEU C 441 4.74 -13.23 -3.06
C LEU C 441 5.17 -11.92 -2.41
N ALA C 442 4.89 -11.73 -1.13
CA ALA C 442 5.49 -10.61 -0.40
C ALA C 442 7.01 -10.71 -0.36
N GLN C 443 7.57 -11.90 -0.60
CA GLN C 443 9.02 -12.04 -0.72
C GLN C 443 9.57 -11.11 -1.80
N THR C 444 8.82 -10.92 -2.88
CA THR C 444 9.28 -10.05 -3.96
C THR C 444 9.47 -8.62 -3.47
N PHE C 445 8.55 -8.12 -2.66
CA PHE C 445 8.73 -6.80 -2.06
C PHE C 445 9.80 -6.84 -0.97
N LEU C 446 10.02 -8.00 -0.36
CA LEU C 446 11.07 -8.18 0.63
C LEU C 446 12.39 -8.60 0.02
N HIS C 447 12.56 -8.42 -1.29
CA HIS C 447 13.83 -8.69 -1.95
C HIS C 447 14.74 -7.48 -1.99
N SER C 448 14.24 -6.29 -1.67
CA SER C 448 15.08 -5.09 -1.65
C SER C 448 16.14 -5.18 -0.58
N ALA C 449 15.79 -5.75 0.58
CA ALA C 449 16.73 -5.96 1.68
C ALA C 449 16.26 -7.17 2.47
N HIS C 450 16.83 -7.37 3.65
CA HIS C 450 16.52 -8.44 4.58
C HIS C 450 16.19 -9.77 3.88
N PRO C 451 17.17 -10.40 3.23
CA PRO C 451 16.89 -11.63 2.48
C PRO C 451 16.56 -12.82 3.34
N ALA C 452 16.81 -12.76 4.65
CA ALA C 452 16.52 -13.90 5.53
C ALA C 452 15.02 -14.19 5.59
N VAL C 453 14.20 -13.15 5.52
CA VAL C 453 12.75 -13.35 5.57
C VAL C 453 12.27 -14.06 4.32
N VAL C 454 12.97 -13.87 3.19
CA VAL C 454 12.67 -14.66 2.01
C VAL C 454 12.94 -16.14 2.28
N SER C 455 14.02 -16.43 2.99
CA SER C 455 14.31 -17.80 3.37
C SER C 455 13.23 -18.37 4.29
N PHE C 456 12.73 -17.55 5.22
CA PHE C 456 11.66 -18.00 6.10
C PHE C 456 10.38 -18.28 5.32
N GLY C 457 10.06 -17.43 4.34
CA GLY C 457 8.91 -17.70 3.49
C GLY C 457 9.07 -18.98 2.69
N SER C 458 10.28 -19.21 2.17
CA SER C 458 10.55 -20.47 1.48
C SER C 458 10.37 -21.66 2.42
N CYS C 459 10.83 -21.51 3.67
CA CYS C 459 10.68 -22.58 4.64
C CYS C 459 9.20 -22.87 4.91
N MET C 460 8.38 -21.83 5.03
CA MET C 460 6.98 -22.07 5.39
C MET C 460 6.18 -22.59 4.19
N TYR C 461 6.56 -22.23 2.97
CA TYR C 461 5.98 -22.92 1.81
C TYR C 461 6.46 -24.36 1.69
N LYS C 462 7.69 -24.65 2.11
CA LYS C 462 8.10 -26.05 2.18
C LYS C 462 7.25 -26.81 3.19
N GLN C 463 6.98 -26.17 4.33
CA GLN C 463 6.19 -26.82 5.38
C GLN C 463 4.75 -27.05 4.93
N ALA C 464 4.14 -26.06 4.27
CA ALA C 464 2.73 -26.18 3.90
C ALA C 464 2.49 -27.20 2.80
N PHE C 465 3.52 -27.59 2.06
CA PHE C 465 3.34 -28.48 0.92
C PHE C 465 3.11 -29.93 1.32
N ALA C 466 3.67 -30.37 2.45
CA ALA C 466 3.75 -31.79 2.77
C ALA C 466 2.64 -32.26 3.70
N VAL C 467 1.43 -31.72 3.56
CA VAL C 467 0.34 -32.13 4.43
C VAL C 467 -0.77 -32.84 3.65
N PHE C 468 -1.42 -32.12 2.74
CA PHE C 468 -2.64 -32.62 2.12
C PHE C 468 -2.82 -31.84 0.81
N ASP C 469 -4.06 -31.80 0.31
CA ASP C 469 -4.51 -30.90 -0.76
C ASP C 469 -3.62 -31.00 -2.00
N SER C 470 -3.69 -32.18 -2.62
CA SER C 470 -2.88 -32.47 -3.81
C SER C 470 -3.08 -31.42 -4.90
N TYR C 471 -4.30 -30.91 -5.07
CA TYR C 471 -4.51 -29.82 -6.01
C TYR C 471 -3.77 -28.56 -5.56
N CYS C 472 -3.84 -28.25 -4.27
CA CYS C 472 -3.06 -27.14 -3.74
C CYS C 472 -1.56 -27.41 -3.87
N GLN C 473 -1.16 -28.67 -3.75
CA GLN C 473 0.25 -29.02 -3.94
C GLN C 473 0.70 -28.74 -5.37
N GLN C 474 -0.13 -29.11 -6.35
CA GLN C 474 0.23 -28.84 -7.74
C GLN C 474 0.18 -27.35 -8.04
N GLU C 475 -0.71 -26.60 -7.38
CA GLU C 475 -0.71 -25.15 -7.53
C GLU C 475 0.57 -24.54 -6.95
N VAL C 476 1.04 -25.08 -5.81
CA VAL C 476 2.30 -24.61 -5.24
C VAL C 476 3.45 -24.91 -6.17
N VAL C 477 3.45 -26.09 -6.79
CA VAL C 477 4.49 -26.42 -7.76
C VAL C 477 4.41 -25.50 -8.98
N CYS C 478 3.19 -25.12 -9.37
CA CYS C 478 3.03 -24.15 -10.45
C CYS C 478 3.61 -22.80 -10.08
N ALA C 479 3.38 -22.35 -8.84
CA ALA C 479 3.99 -21.11 -8.38
C ALA C 479 5.51 -21.22 -8.37
N LEU C 480 6.04 -22.38 -7.99
CA LEU C 480 7.48 -22.56 -7.94
C LEU C 480 8.10 -22.57 -9.34
N VAL C 481 7.40 -23.17 -10.32
CA VAL C 481 7.93 -23.15 -11.68
C VAL C 481 7.79 -21.75 -12.27
N THR C 482 6.76 -21.00 -11.88
CA THR C 482 6.71 -19.59 -12.21
C THR C 482 7.93 -18.86 -11.65
N HIS C 483 8.31 -19.18 -10.41
CA HIS C 483 9.45 -18.54 -9.78
C HIS C 483 10.76 -18.87 -10.52
N VAL C 484 10.95 -20.14 -10.90
CA VAL C 484 12.17 -20.48 -11.64
C VAL C 484 12.15 -19.90 -13.05
N CYS C 485 10.97 -19.59 -13.59
CA CYS C 485 10.91 -19.04 -14.94
C CYS C 485 11.14 -17.54 -14.95
N SER C 486 10.30 -16.78 -14.26
CA SER C 486 10.42 -15.33 -14.24
C SER C 486 11.29 -14.87 -13.08
N GLY C 487 11.93 -13.73 -13.26
CA GLY C 487 12.78 -13.14 -12.24
C GLY C 487 14.23 -13.58 -12.34
N ASN C 488 15.04 -13.05 -11.43
CA ASN C 488 16.47 -13.30 -11.42
C ASN C 488 16.78 -14.62 -10.71
N GLU C 489 18.06 -14.96 -10.64
CA GLU C 489 18.50 -16.26 -10.16
C GLU C 489 18.29 -16.46 -8.66
N THR C 490 17.95 -15.42 -7.92
CA THR C 490 17.80 -15.56 -6.47
C THR C 490 16.64 -16.48 -6.12
N GLU C 491 15.42 -16.09 -6.52
CA GLU C 491 14.28 -16.96 -6.25
C GLU C 491 14.35 -18.22 -7.09
N LEU C 492 15.12 -18.21 -8.19
CA LEU C 492 15.39 -19.46 -8.89
C LEU C 492 16.07 -20.47 -7.98
N ASP C 493 17.16 -20.06 -7.34
CA ASP C 493 17.89 -20.95 -6.44
C ASP C 493 17.05 -21.31 -5.22
N ILE C 494 16.29 -20.34 -4.70
CA ILE C 494 15.41 -20.63 -3.57
C ILE C 494 14.39 -21.70 -3.94
N SER C 495 13.83 -21.59 -5.15
CA SER C 495 12.84 -22.56 -5.61
C SER C 495 13.48 -23.93 -5.84
N LEU C 496 14.70 -23.98 -6.38
CA LEU C 496 15.37 -25.28 -6.47
C LEU C 496 15.61 -25.88 -5.10
N ASP C 497 15.94 -25.05 -4.10
CA ASP C 497 16.14 -25.57 -2.75
C ASP C 497 14.85 -26.15 -2.18
N VAL C 498 13.73 -25.44 -2.36
CA VAL C 498 12.48 -25.97 -1.80
C VAL C 498 12.03 -27.20 -2.59
N LEU C 499 12.29 -27.25 -3.90
CA LEU C 499 12.03 -28.48 -4.66
C LEU C 499 12.88 -29.63 -4.15
N THR C 500 14.12 -29.36 -3.78
CA THR C 500 14.97 -30.41 -3.18
C THR C 500 14.36 -30.91 -1.88
N ASP C 501 13.89 -29.99 -1.04
CA ASP C 501 13.22 -30.40 0.19
C ASP C 501 11.98 -31.23 -0.11
N LEU C 502 11.20 -30.83 -1.12
CA LEU C 502 10.01 -31.58 -1.49
C LEU C 502 10.35 -32.99 -1.96
N VAL C 503 11.41 -33.12 -2.77
CA VAL C 503 11.76 -34.43 -3.31
C VAL C 503 12.35 -35.32 -2.22
N ILE C 504 13.04 -34.74 -1.23
CA ILE C 504 13.61 -35.57 -0.18
C ILE C 504 12.54 -35.98 0.84
N LEU C 505 11.54 -35.13 1.08
CA LEU C 505 10.47 -35.53 1.98
C LEU C 505 9.59 -36.61 1.35
N HIS C 506 9.17 -36.40 0.11
CA HIS C 506 8.42 -37.40 -0.64
C HIS C 506 8.49 -37.09 -2.13
N PRO C 507 8.99 -38.02 -2.95
CA PRO C 507 9.09 -37.73 -4.39
C PRO C 507 7.78 -37.94 -5.13
N SER C 508 6.90 -38.76 -4.58
CA SER C 508 5.70 -39.18 -5.30
C SER C 508 4.82 -37.99 -5.67
N LEU C 509 4.62 -37.06 -4.73
CA LEU C 509 3.79 -35.90 -5.02
C LEU C 509 4.43 -35.03 -6.11
N LEU C 510 5.76 -34.93 -6.11
CA LEU C 510 6.44 -34.20 -7.17
C LEU C 510 6.25 -34.88 -8.51
N LEU C 511 6.27 -36.22 -8.53
CA LEU C 511 6.08 -36.95 -9.78
C LEU C 511 4.73 -36.68 -10.42
N ARG C 512 3.74 -36.20 -9.65
CA ARG C 512 2.47 -35.81 -10.24
C ARG C 512 2.65 -34.66 -11.22
N TYR C 513 3.49 -33.68 -10.87
CA TYR C 513 3.78 -32.55 -11.75
C TYR C 513 5.23 -32.55 -12.24
N ALA C 514 5.97 -33.63 -11.99
CA ALA C 514 7.34 -33.71 -12.50
C ALA C 514 7.36 -33.77 -14.02
N THR C 515 6.32 -34.34 -14.63
CA THR C 515 6.24 -34.34 -16.09
C THR C 515 6.15 -32.92 -16.63
N PHE C 516 5.34 -32.07 -16.00
CA PHE C 516 5.25 -30.68 -16.43
C PHE C 516 6.58 -29.95 -16.22
N VAL C 517 7.25 -30.22 -15.11
CA VAL C 517 8.55 -29.59 -14.85
C VAL C 517 9.55 -30.01 -15.93
N LYS C 518 9.58 -31.30 -16.26
CA LYS C 518 10.48 -31.80 -17.28
C LYS C 518 10.18 -31.18 -18.64
N THR C 519 8.90 -31.08 -18.99
CA THR C 519 8.54 -30.43 -20.26
C THR C 519 8.93 -28.96 -20.25
N ILE C 520 8.85 -28.31 -19.08
CA ILE C 520 9.31 -26.93 -18.96
C ILE C 520 10.80 -26.85 -19.27
N LEU C 521 11.60 -27.71 -18.63
CA LEU C 521 13.03 -27.73 -18.89
C LEU C 521 13.31 -27.97 -20.37
N ASP C 522 12.54 -28.86 -20.99
CA ASP C 522 12.67 -29.09 -22.43
C ASP C 522 12.27 -27.86 -23.23
N SER C 523 11.43 -27.00 -22.67
CA SER C 523 10.86 -25.88 -23.42
C SER C 523 11.77 -24.65 -23.42
N MET C 524 12.04 -24.08 -22.25
CA MET C 524 12.73 -22.81 -22.23
C MET C 524 14.25 -23.02 -22.34
N GLN C 525 14.95 -21.94 -22.69
CA GLN C 525 16.40 -21.93 -22.76
C GLN C 525 16.90 -20.77 -21.91
N LYS C 526 17.04 -21.03 -20.61
CA LYS C 526 17.65 -20.09 -19.67
C LYS C 526 18.55 -20.82 -18.68
N LEU C 527 19.15 -21.93 -19.09
CA LEU C 527 19.87 -22.80 -18.18
C LEU C 527 21.19 -22.17 -17.73
N ASN C 528 21.59 -22.48 -16.51
CA ASN C 528 22.84 -22.03 -15.92
C ASN C 528 23.54 -23.23 -15.31
N PRO C 529 24.88 -23.23 -15.33
CA PRO C 529 25.61 -24.48 -14.98
C PRO C 529 25.29 -25.03 -13.61
N CYS C 530 25.25 -24.17 -12.58
CA CYS C 530 24.96 -24.64 -11.23
C CYS C 530 23.56 -25.23 -11.14
N GLN C 531 22.58 -24.56 -11.77
CA GLN C 531 21.22 -25.05 -11.64
C GLN C 531 21.02 -26.33 -12.45
N ILE C 532 21.83 -26.53 -13.50
CA ILE C 532 21.89 -27.86 -14.12
C ILE C 532 22.45 -28.88 -13.15
N ARG C 533 23.59 -28.58 -12.52
CA ARG C 533 24.25 -29.62 -11.72
C ARG C 533 23.45 -29.93 -10.46
N LYS C 534 22.47 -29.10 -10.10
CA LYS C 534 21.55 -29.48 -9.04
C LYS C 534 20.29 -30.15 -9.59
N LEU C 535 19.74 -29.60 -10.68
CA LEU C 535 18.47 -30.09 -11.21
C LEU C 535 18.60 -31.51 -11.75
N PHE C 536 19.63 -31.77 -12.54
CA PHE C 536 19.83 -33.11 -13.07
C PHE C 536 20.24 -34.09 -11.97
N TYR C 537 20.97 -33.61 -10.96
CA TYR C 537 21.31 -34.44 -9.82
C TYR C 537 20.07 -34.88 -9.05
N ILE C 538 19.07 -34.02 -8.94
CA ILE C 538 17.81 -34.38 -8.29
C ILE C 538 16.91 -35.22 -9.20
N LEU C 539 16.91 -34.92 -10.51
CA LEU C 539 15.90 -35.43 -11.41
C LEU C 539 16.03 -36.92 -11.71
N SER C 540 17.20 -37.52 -11.52
CA SER C 540 17.40 -38.91 -11.91
C SER C 540 17.18 -39.91 -10.77
N THR C 541 17.25 -39.46 -9.52
CA THR C 541 17.11 -40.39 -8.39
C THR C 541 15.70 -40.92 -8.25
N LEU C 542 14.70 -40.26 -8.85
CA LEU C 542 13.33 -40.70 -8.67
C LEU C 542 13.00 -41.93 -9.51
N ALA C 543 13.65 -42.08 -10.67
CA ALA C 543 13.27 -43.14 -11.61
C ALA C 543 13.52 -44.53 -11.02
N PHE C 544 14.66 -44.72 -10.36
CA PHE C 544 15.07 -46.04 -9.88
C PHE C 544 14.71 -46.27 -8.42
N SER C 545 13.99 -45.35 -7.79
CA SER C 545 13.52 -45.53 -6.42
C SER C 545 12.00 -45.62 -6.35
N GLN C 546 11.29 -44.72 -7.01
CA GLN C 546 9.85 -44.73 -7.05
C GLN C 546 9.38 -44.89 -8.49
N ARG C 547 8.16 -45.42 -8.65
CA ARG C 547 7.63 -45.75 -9.97
C ARG C 547 6.24 -45.14 -10.15
N GLN C 548 6.20 -43.88 -10.60
CA GLN C 548 4.97 -43.27 -11.09
C GLN C 548 5.08 -42.93 -12.56
N GLU C 549 6.08 -42.16 -12.97
CA GLU C 549 6.39 -41.92 -14.37
C GLU C 549 7.90 -41.86 -14.58
N GLY C 550 8.67 -42.53 -13.71
CA GLY C 550 10.11 -42.39 -13.73
C GLY C 550 10.73 -42.79 -15.05
N SER C 551 10.24 -43.87 -15.66
CA SER C 551 10.76 -44.28 -16.95
C SER C 551 10.52 -43.21 -18.01
N TYR C 552 9.33 -42.61 -18.00
CA TYR C 552 9.01 -41.61 -19.02
C TYR C 552 9.95 -40.40 -18.92
N ILE C 553 10.08 -39.82 -17.73
CA ILE C 553 10.91 -38.62 -17.57
C ILE C 553 12.37 -38.97 -17.80
N GLN C 554 12.81 -40.13 -17.31
CA GLN C 554 14.20 -40.52 -17.49
C GLN C 554 14.55 -40.66 -18.96
N ASP C 555 13.75 -41.43 -19.71
CA ASP C 555 14.02 -41.57 -21.14
C ASP C 555 13.82 -40.26 -21.89
N ASP C 556 12.93 -39.39 -21.39
CA ASP C 556 12.73 -38.11 -22.05
C ASP C 556 13.98 -37.25 -21.97
N MET C 557 14.56 -37.13 -20.77
CA MET C 557 15.77 -36.32 -20.65
C MET C 557 16.96 -37.00 -21.32
N HIS C 558 16.99 -38.33 -21.30
CA HIS C 558 18.02 -39.05 -22.04
C HIS C 558 17.95 -38.71 -23.52
N MET C 559 16.77 -38.84 -24.12
CA MET C 559 16.59 -38.52 -25.53
C MET C 559 16.87 -37.06 -25.82
N VAL C 560 16.55 -36.17 -24.87
CA VAL C 560 16.91 -34.76 -25.01
C VAL C 560 18.41 -34.62 -25.17
N ILE C 561 19.17 -35.32 -24.32
CA ILE C 561 20.63 -35.25 -24.39
C ILE C 561 21.13 -35.83 -25.71
N ARG C 562 20.58 -36.97 -26.12
CA ARG C 562 21.03 -37.60 -27.37
C ARG C 562 20.75 -36.70 -28.57
N LYS C 563 19.55 -36.14 -28.65
CA LYS C 563 19.20 -35.26 -29.75
C LYS C 563 20.06 -34.01 -29.75
N TRP C 564 20.32 -33.44 -28.57
CA TRP C 564 21.17 -32.27 -28.44
C TRP C 564 22.58 -32.62 -27.99
N LEU C 565 23.10 -33.77 -28.44
CA LEU C 565 24.47 -34.13 -28.13
C LEU C 565 25.45 -33.14 -28.76
N SER C 566 25.16 -32.69 -29.98
CA SER C 566 25.91 -31.64 -30.65
C SER C 566 24.87 -30.64 -31.14
N SER C 567 24.49 -29.72 -30.25
CA SER C 567 23.41 -28.79 -30.55
C SER C 567 23.89 -27.71 -31.51
N SER C 568 22.92 -27.09 -32.20
CA SER C 568 23.23 -25.91 -33.00
C SER C 568 23.77 -24.79 -32.12
N VAL C 569 23.15 -24.60 -30.96
CA VAL C 569 23.71 -23.69 -29.94
C VAL C 569 24.94 -24.35 -29.33
N PRO C 570 26.07 -23.64 -29.20
CA PRO C 570 27.30 -24.32 -28.74
C PRO C 570 27.29 -24.63 -27.25
N ASN C 571 26.72 -23.74 -26.43
CA ASN C 571 26.78 -23.94 -24.99
C ASN C 571 25.95 -25.14 -24.54
N HIS C 572 24.92 -25.50 -25.33
CA HIS C 572 24.11 -26.64 -24.95
C HIS C 572 24.93 -27.92 -24.88
N LYS C 573 26.01 -28.00 -25.67
CA LYS C 573 26.89 -29.15 -25.59
C LYS C 573 27.50 -29.30 -24.19
N GLN C 574 28.05 -28.21 -23.65
CA GLN C 574 28.68 -28.30 -22.34
C GLN C 574 27.64 -28.46 -21.23
N MET C 575 26.48 -27.80 -21.33
CA MET C 575 25.49 -28.07 -20.28
C MET C 575 24.95 -29.50 -20.37
N GLY C 576 24.83 -30.06 -21.58
CA GLY C 576 24.48 -31.46 -21.68
C GLY C 576 25.53 -32.37 -21.07
N ILE C 577 26.81 -32.00 -21.25
CA ILE C 577 27.87 -32.85 -20.71
C ILE C 577 27.89 -32.79 -19.18
N ILE C 578 27.66 -31.60 -18.59
CA ILE C 578 27.63 -31.53 -17.14
C ILE C 578 26.40 -32.25 -16.61
N GLY C 579 25.28 -32.15 -17.32
CA GLY C 579 24.12 -32.95 -16.97
C GLY C 579 24.44 -34.43 -16.98
N ALA C 580 25.13 -34.91 -18.00
CA ALA C 580 25.46 -36.32 -18.10
C ALA C 580 26.34 -36.75 -16.92
N VAL C 581 27.37 -35.96 -16.61
CA VAL C 581 28.27 -36.38 -15.54
C VAL C 581 27.54 -36.38 -14.21
N THR C 582 26.62 -35.44 -13.99
CA THR C 582 25.89 -35.53 -12.73
C THR C 582 24.88 -36.69 -12.75
N MET C 583 24.43 -37.13 -13.92
CA MET C 583 23.66 -38.38 -13.97
C MET C 583 24.50 -39.55 -13.47
N MET C 584 25.70 -39.74 -14.02
CA MET C 584 26.49 -40.87 -13.55
C MET C 584 27.02 -40.64 -12.14
N GLY C 585 27.02 -39.39 -11.68
CA GLY C 585 27.33 -39.15 -10.28
C GLY C 585 26.23 -39.64 -9.36
N SER C 586 24.98 -39.36 -9.72
CA SER C 586 23.86 -39.88 -8.95
C SER C 586 23.79 -41.40 -9.03
N VAL C 587 24.08 -41.96 -10.21
CA VAL C 587 24.02 -43.40 -10.40
C VAL C 587 25.07 -44.11 -9.56
N ALA C 588 26.23 -43.49 -9.41
CA ALA C 588 27.36 -44.10 -8.71
C ALA C 588 27.32 -43.89 -7.20
N LEU C 589 26.13 -43.72 -6.63
CA LEU C 589 26.00 -43.48 -5.20
C LEU C 589 26.61 -44.61 -4.38
N GLU C 607 19.66 -52.32 -12.78
CA GLU C 607 20.55 -51.19 -12.59
C GLU C 607 20.59 -50.30 -13.84
N CYS C 608 21.54 -49.37 -13.86
CA CYS C 608 21.66 -48.39 -14.93
C CYS C 608 22.67 -48.81 -16.00
N ASP C 609 23.12 -50.06 -15.99
CA ASP C 609 24.26 -50.46 -16.81
C ASP C 609 23.99 -50.24 -18.29
N GLY C 610 22.80 -50.60 -18.77
CA GLY C 610 22.48 -50.36 -20.17
C GLY C 610 22.40 -48.88 -20.50
N GLN C 611 21.73 -48.10 -19.65
CA GLN C 611 21.65 -46.67 -19.87
C GLN C 611 23.01 -46.01 -19.72
N LEU C 612 23.82 -46.49 -18.77
CA LEU C 612 25.18 -45.98 -18.63
C LEU C 612 26.00 -46.25 -19.88
N SER C 613 25.86 -47.45 -20.45
CA SER C 613 26.55 -47.76 -21.70
C SER C 613 26.09 -46.84 -22.82
N THR C 614 24.78 -46.60 -22.93
CA THR C 614 24.27 -45.73 -23.97
C THR C 614 24.84 -44.32 -23.82
N LEU C 615 24.82 -43.77 -22.62
CA LEU C 615 25.30 -42.40 -22.44
C LEU C 615 26.81 -42.30 -22.60
N LEU C 616 27.56 -43.33 -22.19
CA LEU C 616 29.01 -43.27 -22.37
C LEU C 616 29.39 -43.37 -23.84
N ASP C 617 28.71 -44.23 -24.61
CA ASP C 617 28.94 -44.25 -26.04
C ASP C 617 28.52 -42.94 -26.69
N LEU C 618 27.44 -42.35 -26.18
CA LEU C 618 26.97 -41.05 -26.64
C LEU C 618 28.06 -39.98 -26.50
N VAL C 619 28.62 -39.88 -25.29
CA VAL C 619 29.63 -38.85 -25.04
C VAL C 619 30.92 -39.18 -25.78
N GLY C 620 31.26 -40.47 -25.90
CA GLY C 620 32.45 -40.84 -26.64
C GLY C 620 32.37 -40.46 -28.10
N PHE C 621 31.21 -40.68 -28.72
CA PHE C 621 31.00 -40.19 -30.08
C PHE C 621 31.01 -38.66 -30.12
N CYS C 622 30.45 -38.03 -29.08
CA CYS C 622 30.48 -36.57 -28.99
C CYS C 622 31.91 -36.06 -28.85
N CYS C 623 32.72 -36.71 -28.01
CA CYS C 623 34.12 -36.32 -27.84
C CYS C 623 35.04 -37.12 -28.77
N GLU C 624 34.70 -37.11 -30.06
CA GLU C 624 35.48 -37.84 -31.05
C GLU C 624 36.92 -37.31 -31.11
N GLN C 625 37.07 -36.04 -31.48
CA GLN C 625 38.38 -35.41 -31.54
C GLN C 625 38.41 -34.01 -30.94
N THR C 626 37.27 -33.40 -30.69
CA THR C 626 37.22 -32.06 -30.11
C THR C 626 37.74 -32.09 -28.68
N PRO C 627 38.79 -31.34 -28.36
CA PRO C 627 39.40 -31.46 -27.03
C PRO C 627 38.70 -30.66 -25.94
N GLU C 628 38.09 -29.53 -26.32
CA GLU C 628 37.49 -28.65 -25.32
C GLU C 628 36.39 -29.37 -24.53
N VAL C 629 35.49 -30.06 -25.24
CA VAL C 629 34.46 -30.82 -24.56
C VAL C 629 35.08 -31.99 -23.80
N LEU C 630 36.15 -32.58 -24.34
CA LEU C 630 36.84 -33.64 -23.61
C LEU C 630 37.45 -33.13 -22.32
N ALA C 631 38.09 -31.95 -22.37
CA ALA C 631 38.66 -31.36 -21.17
C ALA C 631 37.57 -31.03 -20.15
N LEU C 632 36.46 -30.47 -20.62
CA LEU C 632 35.35 -30.16 -19.72
C LEU C 632 34.79 -31.43 -19.09
N TYR C 633 34.65 -32.49 -19.89
CA TYR C 633 34.14 -33.76 -19.38
C TYR C 633 35.05 -34.33 -18.31
N TYR C 634 36.37 -34.32 -18.56
CA TYR C 634 37.30 -34.84 -17.56
C TYR C 634 37.29 -33.99 -16.30
N ASP C 635 37.20 -32.66 -16.45
CA ASP C 635 37.16 -31.78 -15.28
C ASP C 635 35.91 -32.03 -14.45
N GLU C 636 34.76 -32.19 -15.10
CA GLU C 636 33.53 -32.43 -14.37
C GLU C 636 33.53 -33.81 -13.72
N LEU C 637 34.15 -34.80 -14.35
CA LEU C 637 34.29 -36.10 -13.70
C LEU C 637 35.18 -35.99 -12.47
N ALA C 638 36.24 -35.18 -12.55
CA ALA C 638 37.08 -34.94 -11.38
C ALA C 638 36.28 -34.28 -10.27
N ASN C 639 35.44 -33.30 -10.63
CA ASN C 639 34.56 -32.69 -9.65
C ASN C 639 33.63 -33.72 -9.02
N LEU C 640 33.09 -34.61 -9.85
CA LEU C 640 32.19 -35.67 -9.38
C LEU C 640 32.87 -36.52 -8.32
N ILE C 641 34.05 -37.05 -8.65
CA ILE C 641 34.71 -37.98 -7.73
C ILE C 641 35.21 -37.25 -6.48
N GLU C 642 35.65 -36.00 -6.64
CA GLU C 642 36.12 -35.25 -5.48
C GLU C 642 34.97 -34.92 -4.53
N LYS C 643 33.79 -34.63 -5.07
CA LYS C 643 32.66 -34.30 -4.20
C LYS C 643 32.07 -35.54 -3.56
N GLN C 644 32.04 -36.66 -4.29
CA GLN C 644 31.51 -37.91 -3.78
C GLN C 644 32.61 -38.91 -3.43
N LYS C 645 33.72 -38.42 -2.88
CA LYS C 645 34.85 -39.29 -2.52
C LYS C 645 34.47 -40.31 -1.46
N GLY C 646 33.42 -40.04 -0.67
CA GLY C 646 33.10 -40.93 0.44
C GLY C 646 32.82 -42.36 0.01
N ASN C 647 32.00 -42.52 -1.03
CA ASN C 647 31.66 -43.87 -1.50
C ASN C 647 31.19 -43.78 -2.95
N LEU C 648 32.04 -44.25 -3.87
CA LEU C 648 31.64 -44.51 -5.25
C LEU C 648 31.89 -45.98 -5.56
N ASP C 649 31.05 -46.54 -6.42
CA ASP C 649 31.16 -47.95 -6.78
C ASP C 649 32.45 -48.20 -7.54
N LEU C 650 33.27 -49.12 -7.01
CA LEU C 650 34.58 -49.37 -7.61
C LEU C 650 34.45 -50.08 -8.95
N GLN C 651 33.63 -51.13 -9.00
CA GLN C 651 33.56 -51.93 -10.23
C GLN C 651 32.89 -51.17 -11.36
N LEU C 652 31.83 -50.41 -11.06
CA LEU C 652 31.20 -49.60 -12.11
C LEU C 652 32.14 -48.52 -12.61
N LEU C 653 32.90 -47.89 -11.72
CA LEU C 653 33.87 -46.89 -12.14
C LEU C 653 34.97 -47.50 -13.00
N ASP C 654 35.42 -48.70 -12.64
CA ASP C 654 36.41 -49.39 -13.47
C ASP C 654 35.83 -49.76 -14.83
N LYS C 655 34.55 -50.16 -14.86
CA LYS C 655 33.89 -50.42 -16.13
C LYS C 655 33.85 -49.17 -16.99
N PHE C 656 33.56 -48.02 -16.38
CA PHE C 656 33.50 -46.77 -17.13
C PHE C 656 34.90 -46.15 -17.30
N GLY C 657 35.59 -45.91 -16.19
CA GLY C 657 36.85 -45.21 -16.22
C GLY C 657 38.08 -46.08 -16.30
N LYS C 658 38.10 -47.05 -17.21
CA LYS C 658 39.28 -47.87 -17.43
C LYS C 658 40.26 -47.23 -18.38
N SER C 659 39.93 -46.09 -18.97
CA SER C 659 40.83 -45.38 -19.86
C SER C 659 42.06 -44.83 -19.14
N LEU C 660 42.08 -44.85 -17.81
CA LEU C 660 43.18 -44.29 -17.05
C LEU C 660 44.50 -44.97 -17.40
N VAL C 661 44.47 -46.28 -17.63
CA VAL C 661 45.70 -47.02 -17.90
C VAL C 661 46.21 -46.74 -19.31
N GLU C 662 45.34 -46.23 -20.18
CA GLU C 662 45.73 -45.94 -21.56
C GLU C 662 45.72 -44.44 -21.88
N ASP C 663 45.23 -43.59 -20.97
CA ASP C 663 45.23 -42.16 -21.23
C ASP C 663 46.59 -41.55 -20.98
N PHE C 664 47.03 -41.54 -19.71
CA PHE C 664 48.34 -40.99 -19.38
C PHE C 664 49.49 -41.94 -19.73
N PRO C 665 49.54 -43.17 -19.19
CA PRO C 665 50.73 -44.00 -19.45
C PRO C 665 50.63 -44.78 -20.75
N ASN C 666 50.04 -44.15 -21.77
CA ASN C 666 50.16 -44.65 -23.13
C ASN C 666 50.34 -43.53 -24.14
N ASP C 667 50.34 -42.27 -23.72
CA ASP C 667 50.45 -41.13 -24.61
C ASP C 667 51.41 -40.07 -24.11
N PHE C 668 51.75 -40.07 -22.83
CA PHE C 668 52.66 -39.07 -22.26
C PHE C 668 53.72 -39.72 -21.39
N VAL C 669 54.18 -40.92 -21.75
CA VAL C 669 55.27 -41.60 -21.05
C VAL C 669 56.38 -41.84 -22.05
N VAL C 670 57.58 -41.33 -21.75
CA VAL C 670 58.72 -41.43 -22.64
C VAL C 670 59.91 -41.98 -21.85
N ASP C 671 60.85 -42.56 -22.59
CA ASP C 671 62.09 -43.03 -21.99
C ASP C 671 62.88 -41.85 -21.43
N LEU C 672 63.57 -42.08 -20.32
CA LEU C 672 64.33 -41.02 -19.67
C LEU C 672 65.42 -40.47 -20.59
N SER C 673 66.12 -41.35 -21.30
CA SER C 673 67.12 -40.89 -22.25
C SER C 673 66.45 -40.18 -23.42
N PRO C 674 67.05 -39.11 -23.94
CA PRO C 674 66.45 -38.38 -25.08
C PRO C 674 66.74 -39.09 -26.39
N THR C 675 65.71 -39.70 -26.98
CA THR C 675 65.88 -40.45 -28.21
C THR C 675 64.77 -40.18 -29.22
N VAL C 676 63.90 -39.19 -28.99
CA VAL C 676 62.76 -38.92 -29.85
C VAL C 676 62.77 -37.46 -30.26
N ASP C 677 62.58 -37.21 -31.56
CA ASP C 677 62.46 -35.86 -32.11
C ASP C 677 63.69 -35.01 -31.79
N GLY C 678 64.84 -35.45 -32.30
CA GLY C 678 66.06 -34.69 -32.11
C GLY C 678 66.00 -33.32 -32.77
N SER C 679 65.48 -33.27 -33.99
CA SER C 679 65.30 -32.01 -34.71
C SER C 679 63.88 -31.50 -34.45
N PHE C 680 63.77 -30.44 -33.66
CA PHE C 680 62.48 -29.90 -33.28
C PHE C 680 62.65 -28.41 -33.02
N LEU C 681 61.62 -27.79 -32.44
CA LEU C 681 61.63 -26.36 -32.19
C LEU C 681 62.74 -25.99 -31.21
N PHE C 682 62.76 -26.65 -30.06
CA PHE C 682 63.88 -26.61 -29.11
C PHE C 682 64.22 -28.03 -28.71
N PRO C 683 65.48 -28.28 -28.35
CA PRO C 683 65.84 -29.59 -27.82
C PRO C 683 65.10 -29.89 -26.53
N VAL C 684 64.72 -31.15 -26.36
CA VAL C 684 64.03 -31.56 -25.14
C VAL C 684 65.03 -31.73 -24.02
N LYS C 685 64.81 -31.02 -22.92
CA LYS C 685 65.68 -31.06 -21.75
C LYS C 685 64.89 -31.48 -20.53
N SER C 686 65.44 -32.43 -19.77
CA SER C 686 64.78 -32.96 -18.59
C SER C 686 65.18 -32.11 -17.39
N LEU C 687 64.30 -31.20 -16.99
CA LEU C 687 64.53 -30.33 -15.85
C LEU C 687 63.85 -30.91 -14.61
N TYR C 688 64.34 -30.48 -13.44
CA TYR C 688 63.80 -30.90 -12.15
C TYR C 688 63.77 -32.42 -12.04
N ASN C 689 64.95 -33.02 -12.14
CA ASN C 689 65.07 -34.47 -12.16
C ASN C 689 64.66 -35.06 -10.81
N LEU C 690 64.33 -36.35 -10.84
CA LEU C 690 63.94 -37.06 -9.64
C LEU C 690 65.11 -37.17 -8.67
N ASP C 691 64.81 -37.11 -7.38
CA ASP C 691 65.85 -37.12 -6.36
C ASP C 691 66.64 -38.42 -6.38
N GLU C 692 65.95 -39.55 -6.54
CA GLU C 692 66.59 -40.87 -6.58
C GLU C 692 66.58 -41.36 -8.02
N ASP C 693 67.63 -41.04 -8.76
CA ASP C 693 67.70 -41.38 -10.17
C ASP C 693 67.83 -42.89 -10.37
N GLU C 694 67.41 -43.33 -11.56
CA GLU C 694 67.46 -44.74 -11.97
C GLU C 694 66.65 -45.62 -11.00
N THR C 695 65.35 -45.35 -10.97
CA THR C 695 64.41 -46.19 -10.24
C THR C 695 63.30 -46.77 -11.11
N GLN C 696 63.13 -46.27 -12.34
CA GLN C 696 62.14 -46.80 -13.26
C GLN C 696 62.74 -46.85 -14.66
N GLY C 697 62.19 -47.75 -15.49
CA GLY C 697 62.71 -47.89 -16.84
C GLY C 697 62.48 -46.67 -17.70
N ALA C 698 61.30 -46.06 -17.59
CA ALA C 698 60.95 -44.90 -18.43
C ALA C 698 59.94 -44.06 -17.67
N ILE C 699 60.40 -42.92 -17.14
CA ILE C 699 59.50 -41.97 -16.48
C ILE C 699 59.83 -40.56 -16.94
N ALA C 700 59.01 -40.04 -17.85
CA ALA C 700 59.13 -38.68 -18.36
C ALA C 700 57.86 -38.35 -19.12
N ILE C 701 57.30 -37.17 -18.86
CA ILE C 701 56.03 -36.76 -19.45
C ILE C 701 56.30 -35.93 -20.69
N ASN C 702 55.56 -36.21 -21.75
CA ASN C 702 55.81 -35.64 -23.06
C ASN C 702 54.88 -34.45 -23.26
N LEU C 703 55.45 -33.24 -23.29
CA LEU C 703 54.65 -32.07 -23.61
C LEU C 703 55.26 -31.27 -24.76
N LEU C 704 56.59 -31.11 -24.78
CA LEU C 704 57.23 -30.40 -25.89
C LEU C 704 56.97 -31.08 -27.24
N PRO C 705 57.16 -32.39 -27.40
CA PRO C 705 56.70 -33.04 -28.65
C PRO C 705 55.18 -33.07 -28.77
N LEU C 706 54.46 -32.82 -27.68
CA LEU C 706 53.00 -32.69 -27.72
C LEU C 706 52.57 -31.31 -28.19
N VAL C 707 53.07 -30.92 -29.36
CA VAL C 707 52.71 -29.61 -29.93
C VAL C 707 51.22 -29.56 -30.25
N SER C 708 50.70 -30.63 -30.84
CA SER C 708 49.29 -30.73 -31.24
C SER C 708 48.87 -29.59 -32.16
N VAL C 727 46.79 -35.42 -29.76
CA VAL C 727 46.14 -35.07 -28.49
C VAL C 727 46.56 -33.66 -28.06
N SER C 728 45.56 -32.80 -27.86
CA SER C 728 45.81 -31.43 -27.42
C SER C 728 46.36 -31.42 -26.00
N PRO C 729 47.27 -30.49 -25.70
CA PRO C 729 47.81 -30.39 -24.34
C PRO C 729 46.86 -29.74 -23.35
N ILE C 730 45.68 -29.30 -23.79
CA ILE C 730 44.69 -28.78 -22.85
C ILE C 730 44.21 -29.88 -21.92
N CYS C 731 43.96 -31.08 -22.46
CA CYS C 731 43.46 -32.19 -21.67
C CYS C 731 44.60 -32.92 -20.97
N LEU C 732 45.40 -32.20 -20.21
CA LEU C 732 46.53 -32.80 -19.50
C LEU C 732 46.53 -32.50 -18.00
N SER C 733 46.04 -31.33 -17.59
CA SER C 733 46.06 -31.00 -16.16
C SER C 733 44.93 -31.69 -15.39
N PRO C 734 43.66 -31.55 -15.76
CA PRO C 734 42.59 -32.14 -14.92
C PRO C 734 42.68 -33.66 -14.80
N CYS C 735 43.20 -34.32 -15.84
CA CYS C 735 43.26 -35.77 -15.78
C CYS C 735 44.29 -36.27 -14.76
N PHE C 736 45.25 -35.43 -14.35
CA PHE C 736 46.11 -35.83 -13.24
C PHE C 736 45.34 -35.85 -11.92
N ARG C 737 44.52 -34.83 -11.68
CA ARG C 737 43.60 -34.88 -10.55
C ARG C 737 42.74 -36.13 -10.64
N LEU C 738 42.31 -36.45 -11.86
CA LEU C 738 41.52 -37.66 -12.07
C LEU C 738 42.29 -38.92 -11.68
N LEU C 739 43.56 -39.01 -12.07
CA LEU C 739 44.37 -40.17 -11.68
C LEU C 739 44.53 -40.24 -10.18
N ARG C 740 44.73 -39.09 -9.53
CA ARG C 740 44.84 -39.09 -8.08
C ARG C 740 43.57 -39.64 -7.44
N LEU C 741 42.41 -39.26 -7.97
CA LEU C 741 41.16 -39.74 -7.39
C LEU C 741 40.94 -41.22 -7.70
N TYR C 742 41.34 -41.67 -8.90
CA TYR C 742 41.28 -43.10 -9.20
C TYR C 742 42.15 -43.92 -8.26
N THR C 743 43.38 -43.46 -7.99
CA THR C 743 44.24 -44.24 -7.12
C THR C 743 43.83 -44.10 -5.65
N GLY C 744 43.10 -43.02 -5.31
CA GLY C 744 42.54 -42.93 -3.98
C GLY C 744 41.30 -43.77 -3.78
N GLU C 745 40.61 -44.11 -4.88
CA GLU C 745 39.43 -44.96 -4.76
C GLU C 745 39.77 -46.45 -4.94
N GLN C 746 40.74 -46.77 -5.79
CA GLN C 746 41.15 -48.16 -5.96
C GLN C 746 41.79 -48.70 -4.70
N ASN C 747 42.63 -47.89 -4.07
CA ASN C 747 43.28 -48.22 -2.81
C ASN C 747 43.11 -47.04 -1.87
N ASN C 748 43.06 -47.31 -0.56
CA ASN C 748 42.94 -46.22 0.40
C ASN C 748 44.12 -45.28 0.29
N GLY C 749 45.32 -45.83 0.14
CA GLY C 749 46.48 -45.04 -0.21
C GLY C 749 46.56 -44.80 -1.70
N SER C 750 47.61 -44.10 -2.12
CA SER C 750 47.80 -43.73 -3.50
C SER C 750 49.20 -44.08 -3.97
N LEU C 751 49.64 -45.30 -3.68
CA LEU C 751 51.00 -45.74 -3.98
C LEU C 751 50.98 -46.96 -4.89
N GLU C 752 52.17 -47.30 -5.38
CA GLU C 752 52.45 -48.53 -6.11
C GLU C 752 51.88 -48.48 -7.53
N GLU C 753 51.07 -47.46 -7.83
CA GLU C 753 50.58 -47.25 -9.18
C GLU C 753 51.09 -45.96 -9.80
N ILE C 754 51.24 -44.90 -9.01
CA ILE C 754 51.86 -43.66 -9.47
C ILE C 754 52.90 -43.14 -8.48
N ASP C 755 53.10 -43.83 -7.36
CA ASP C 755 54.05 -43.36 -6.34
C ASP C 755 55.43 -43.11 -6.94
N ALA C 756 55.97 -44.10 -7.66
CA ALA C 756 57.22 -43.90 -8.36
C ALA C 756 57.10 -42.98 -9.56
N LEU C 757 55.86 -42.71 -10.02
CA LEU C 757 55.61 -41.89 -11.19
C LEU C 757 55.33 -40.44 -10.85
N LEU C 758 55.87 -39.93 -9.75
CA LEU C 758 55.87 -38.50 -9.45
C LEU C 758 57.21 -37.84 -9.73
N GLY C 759 58.31 -38.51 -9.42
CA GLY C 759 59.62 -37.96 -9.72
C GLY C 759 59.92 -38.05 -11.21
N CYS C 760 59.18 -37.30 -12.01
CA CYS C 760 59.33 -37.36 -13.47
C CYS C 760 60.16 -36.17 -13.93
N PRO C 761 61.35 -36.39 -14.48
CA PRO C 761 62.05 -35.29 -15.16
C PRO C 761 61.17 -34.78 -16.29
N LEU C 762 60.68 -33.55 -16.12
CA LEU C 762 59.63 -33.01 -16.98
C LEU C 762 60.25 -32.57 -18.31
N TYR C 763 59.81 -33.20 -19.40
CA TYR C 763 60.41 -33.03 -20.72
C TYR C 763 60.00 -31.70 -21.34
N LEU C 764 60.81 -30.67 -21.13
CA LEU C 764 60.59 -29.37 -21.76
C LEU C 764 61.79 -28.94 -22.58
N THR C 765 61.73 -27.70 -23.06
CA THR C 765 62.85 -27.08 -23.74
C THR C 765 63.97 -26.79 -22.75
N ASP C 766 65.02 -26.15 -23.24
CA ASP C 766 66.14 -25.78 -22.38
C ASP C 766 65.70 -24.79 -21.32
N LEU C 767 66.33 -24.86 -20.15
CA LEU C 767 65.91 -24.02 -19.03
C LEU C 767 66.15 -22.54 -19.32
N GLU C 768 67.30 -22.21 -19.88
CA GLU C 768 67.70 -20.81 -20.06
C GLU C 768 67.20 -20.21 -21.36
N VAL C 769 66.13 -20.74 -21.94
CA VAL C 769 65.53 -20.16 -23.13
C VAL C 769 64.95 -18.78 -22.88
N GLU C 770 64.74 -18.40 -21.61
CA GLU C 770 64.29 -17.05 -21.33
C GLU C 770 65.27 -16.00 -21.84
N GLY C 771 66.54 -16.39 -22.05
CA GLY C 771 67.46 -15.51 -22.74
C GLY C 771 67.15 -15.36 -24.21
N LYS C 772 66.46 -16.34 -24.79
CA LYS C 772 66.00 -16.27 -26.17
C LYS C 772 64.71 -15.47 -26.32
N LEU C 773 64.10 -15.04 -25.21
CA LEU C 773 62.88 -14.26 -25.29
C LEU C 773 63.07 -12.97 -26.08
N ASP C 774 64.31 -12.46 -26.15
CA ASP C 774 64.60 -11.28 -26.95
C ASP C 774 64.36 -11.53 -28.44
N SER C 775 64.41 -12.79 -28.87
CA SER C 775 64.16 -13.10 -30.28
C SER C 775 62.74 -12.76 -30.68
N LEU C 776 61.77 -13.00 -29.78
CA LEU C 776 60.36 -12.74 -30.04
C LEU C 776 59.88 -13.47 -31.28
N SER C 777 59.98 -14.81 -31.23
CA SER C 777 59.65 -15.63 -32.40
C SER C 777 58.18 -15.47 -32.79
N LYS C 778 57.28 -15.52 -31.80
CA LYS C 778 55.83 -15.40 -32.00
C LYS C 778 55.29 -16.60 -32.77
N GLN C 779 56.18 -17.49 -33.18
CA GLN C 779 55.82 -18.76 -33.80
C GLN C 779 56.19 -19.96 -32.95
N GLU C 780 57.26 -19.85 -32.17
CA GLU C 780 57.64 -20.87 -31.21
C GLU C 780 57.63 -20.34 -29.78
N ARG C 781 58.13 -19.12 -29.55
CA ARG C 781 58.07 -18.54 -28.22
C ARG C 781 56.64 -18.36 -27.75
N GLU C 782 55.74 -18.00 -28.68
CA GLU C 782 54.32 -17.99 -28.35
C GLU C 782 53.83 -19.38 -27.98
N PHE C 783 54.27 -20.40 -28.72
CA PHE C 783 53.96 -21.77 -28.32
C PHE C 783 54.71 -22.14 -27.03
N LEU C 784 55.91 -21.57 -26.84
CA LEU C 784 56.66 -21.82 -25.62
C LEU C 784 55.91 -21.33 -24.39
N CYS C 785 55.18 -20.23 -24.51
CA CYS C 785 54.41 -19.72 -23.37
C CYS C 785 53.36 -20.74 -22.93
N SER C 786 52.56 -21.24 -23.87
CA SER C 786 51.56 -22.26 -23.54
C SER C 786 52.23 -23.54 -23.06
N LEU C 787 53.37 -23.90 -23.66
CA LEU C 787 54.16 -25.03 -23.21
C LEU C 787 54.47 -24.94 -21.72
N LEU C 788 55.09 -23.83 -21.32
CA LEU C 788 55.50 -23.69 -19.92
C LEU C 788 54.27 -23.52 -19.03
N PHE C 789 53.19 -22.94 -19.55
CA PHE C 789 51.97 -22.82 -18.79
C PHE C 789 51.38 -24.19 -18.47
N TYR C 790 51.30 -25.07 -19.46
CA TYR C 790 50.80 -26.42 -19.23
C TYR C 790 51.70 -27.19 -18.28
N ALA C 791 53.03 -27.05 -18.45
CA ALA C 791 53.93 -27.74 -17.54
C ALA C 791 53.78 -27.23 -16.10
N LEU C 792 53.61 -25.92 -15.95
CA LEU C 792 53.43 -25.35 -14.62
C LEU C 792 52.13 -25.81 -13.99
N ASN C 793 51.06 -25.90 -14.78
CA ASN C 793 49.79 -26.43 -14.26
C ASN C 793 49.94 -27.89 -13.86
N TRP C 794 50.68 -28.65 -14.67
CA TRP C 794 51.02 -30.03 -14.30
C TRP C 794 51.68 -30.08 -12.92
N PHE C 795 52.68 -29.22 -12.71
CA PHE C 795 53.39 -29.19 -11.44
C PHE C 795 52.46 -28.79 -10.30
N ARG C 796 51.58 -27.81 -10.57
CA ARG C 796 50.61 -27.37 -9.57
C ARG C 796 49.72 -28.54 -9.14
N GLU C 797 49.31 -29.37 -10.09
CA GLU C 797 48.57 -30.57 -9.73
C GLU C 797 49.45 -31.54 -8.95
N VAL C 798 50.72 -31.65 -9.32
CA VAL C 798 51.63 -32.55 -8.60
C VAL C 798 51.67 -32.19 -7.12
N VAL C 799 51.85 -30.90 -6.81
CA VAL C 799 51.79 -30.50 -5.41
C VAL C 799 50.36 -30.59 -4.88
N ASN C 800 49.38 -30.27 -5.72
CA ASN C 800 47.98 -30.35 -5.32
C ASN C 800 47.50 -31.77 -5.06
N ALA C 801 48.21 -32.78 -5.57
CA ALA C 801 47.73 -34.15 -5.51
C ALA C 801 48.25 -34.90 -4.28
N PHE C 802 49.57 -35.03 -4.15
CA PHE C 802 50.14 -35.95 -3.19
C PHE C 802 50.85 -35.28 -2.02
N CYS C 803 50.67 -33.97 -1.84
CA CYS C 803 51.20 -33.31 -0.66
C CYS C 803 50.55 -33.85 0.61
N GLN C 804 49.22 -33.97 0.59
CA GLN C 804 48.47 -34.31 1.79
C GLN C 804 48.87 -35.68 2.33
N GLN C 805 49.07 -36.65 1.45
CA GLN C 805 49.47 -37.98 1.88
C GLN C 805 50.77 -37.93 2.65
N GLN C 806 50.82 -38.64 3.78
CA GLN C 806 52.00 -38.69 4.63
C GLN C 806 52.67 -40.04 4.43
N ASP C 807 53.94 -40.00 4.04
CA ASP C 807 54.70 -41.23 3.78
C ASP C 807 56.18 -40.93 3.93
N ALA C 808 56.97 -41.99 4.03
CA ALA C 808 58.41 -41.85 4.20
C ALA C 808 59.07 -41.48 2.88
N GLU C 809 60.12 -40.66 2.99
CA GLU C 809 60.98 -40.31 1.86
C GLU C 809 60.22 -39.59 0.74
N MET C 810 59.20 -38.81 1.08
CA MET C 810 58.52 -38.01 0.06
C MET C 810 58.18 -36.58 0.47
N LYS C 811 58.24 -36.23 1.76
CA LYS C 811 57.99 -34.85 2.18
C LYS C 811 58.97 -33.88 1.50
N GLY C 812 60.26 -34.22 1.53
CA GLY C 812 61.25 -33.36 0.90
C GLY C 812 61.04 -33.22 -0.59
N LYS C 813 60.54 -34.28 -1.23
CA LYS C 813 60.19 -34.17 -2.64
C LYS C 813 59.07 -33.16 -2.86
N VAL C 814 58.07 -33.15 -1.98
CA VAL C 814 57.01 -32.14 -2.08
C VAL C 814 57.58 -30.74 -1.90
N LEU C 815 58.47 -30.57 -0.93
CA LEU C 815 59.06 -29.25 -0.70
C LEU C 815 59.86 -28.79 -1.91
N THR C 816 60.64 -29.70 -2.51
CA THR C 816 61.42 -29.31 -3.69
C THR C 816 60.51 -29.06 -4.89
N ARG C 817 59.39 -29.77 -4.99
CA ARG C 817 58.42 -29.46 -6.04
C ARG C 817 57.82 -28.08 -5.85
N LEU C 818 57.59 -27.70 -4.60
CA LEU C 818 57.06 -26.36 -4.32
C LEU C 818 58.08 -25.29 -4.68
N GLN C 819 59.36 -25.54 -4.37
CA GLN C 819 60.41 -24.63 -4.82
C GLN C 819 60.45 -24.57 -6.35
N ASN C 820 60.24 -25.72 -7.01
CA ASN C 820 60.25 -25.76 -8.47
C ASN C 820 59.10 -24.94 -9.06
N ILE C 821 57.90 -25.02 -8.48
CA ILE C 821 56.81 -24.21 -9.00
C ILE C 821 57.08 -22.74 -8.74
N THR C 822 57.72 -22.41 -7.62
CA THR C 822 58.15 -21.04 -7.39
C THR C 822 59.03 -20.55 -8.54
N GLU C 823 60.06 -21.34 -8.87
CA GLU C 823 60.95 -20.97 -9.97
C GLU C 823 60.20 -20.89 -11.29
N LEU C 824 59.24 -21.79 -11.49
CA LEU C 824 58.47 -21.79 -12.73
C LEU C 824 57.61 -20.54 -12.86
N GLN C 825 57.02 -20.09 -11.75
CA GLN C 825 56.31 -18.81 -11.76
C GLN C 825 57.28 -17.66 -12.08
N ASN C 826 58.48 -17.71 -11.50
CA ASN C 826 59.46 -16.67 -11.78
C ASN C 826 59.78 -16.59 -13.26
N VAL C 827 60.01 -17.75 -13.90
CA VAL C 827 60.35 -17.74 -15.32
C VAL C 827 59.12 -17.42 -16.16
N LEU C 828 57.93 -17.79 -15.69
CA LEU C 828 56.70 -17.46 -16.40
C LEU C 828 56.48 -15.96 -16.46
N GLY C 829 56.84 -15.24 -15.38
CA GLY C 829 56.60 -13.82 -15.32
C GLY C 829 57.18 -13.05 -16.50
N LYS C 830 58.46 -13.26 -16.79
CA LYS C 830 59.12 -12.51 -17.84
C LYS C 830 58.53 -12.83 -19.22
N CYS C 831 58.36 -14.12 -19.51
CA CYS C 831 57.88 -14.50 -20.84
C CYS C 831 56.44 -14.03 -21.06
N LEU C 832 55.60 -14.10 -20.02
CA LEU C 832 54.25 -13.58 -20.16
C LEU C 832 54.20 -12.06 -20.23
N ALA C 833 55.16 -11.38 -19.59
CA ALA C 833 55.23 -9.93 -19.73
C ALA C 833 55.68 -9.54 -21.13
N ALA C 834 56.52 -10.37 -21.76
CA ALA C 834 56.99 -10.07 -23.11
C ALA C 834 55.84 -10.02 -24.10
N THR C 835 54.94 -11.00 -24.03
CA THR C 835 53.82 -11.06 -24.97
C THR C 835 52.71 -10.13 -24.49
N PRO C 836 52.30 -9.14 -25.30
CA PRO C 836 51.24 -8.21 -24.90
C PRO C 836 49.82 -8.72 -25.15
N GLY C 837 49.55 -9.94 -24.70
CA GLY C 837 48.24 -10.53 -24.83
C GLY C 837 48.27 -11.98 -25.25
N TYR C 838 47.61 -12.84 -24.48
CA TYR C 838 47.64 -14.28 -24.71
C TYR C 838 46.52 -14.92 -23.91
N VAL C 839 45.95 -15.98 -24.47
CA VAL C 839 44.80 -16.65 -23.85
C VAL C 839 45.06 -18.13 -23.67
N PRO C 840 45.34 -18.59 -22.46
CA PRO C 840 45.44 -20.03 -22.21
C PRO C 840 44.10 -20.61 -21.82
N PRO C 841 43.95 -21.93 -21.81
CA PRO C 841 42.68 -22.54 -21.40
C PRO C 841 42.67 -22.80 -19.90
N PRO C 842 41.52 -22.65 -19.26
CA PRO C 842 41.43 -22.98 -17.82
C PRO C 842 41.69 -24.44 -17.53
N ALA C 843 41.52 -25.32 -18.51
CA ALA C 843 41.79 -26.74 -18.31
C ALA C 843 43.24 -27.06 -18.68
N LEU C 917 50.37 -12.58 -13.38
CA LEU C 917 50.71 -13.78 -12.60
C LEU C 917 49.97 -13.75 -11.27
N GLN C 918 49.73 -12.55 -10.74
CA GLN C 918 49.06 -12.40 -9.46
C GLN C 918 47.54 -12.47 -9.61
N SER C 919 46.99 -11.89 -10.67
CA SER C 919 45.56 -11.92 -10.94
C SER C 919 45.22 -12.89 -12.07
N TYR C 920 45.93 -14.02 -12.13
CA TYR C 920 45.83 -14.94 -13.25
C TYR C 920 45.11 -16.22 -12.87
N ARG C 921 44.45 -16.25 -11.71
CA ARG C 921 43.81 -17.47 -11.20
C ARG C 921 42.79 -18.09 -12.15
N PRO C 922 41.89 -17.34 -12.80
CA PRO C 922 40.88 -18.02 -13.64
C PRO C 922 41.49 -18.89 -14.73
N TYR C 923 42.59 -18.46 -15.33
CA TYR C 923 43.30 -19.27 -16.30
C TYR C 923 44.25 -20.26 -15.65
N PHE C 924 44.36 -20.23 -14.32
CA PHE C 924 45.29 -21.06 -13.57
C PHE C 924 44.56 -22.27 -13.00
N ARG C 925 45.24 -23.41 -13.03
CA ARG C 925 44.71 -24.62 -12.42
C ARG C 925 44.69 -24.43 -10.91
N GLU C 926 43.50 -24.34 -10.35
CA GLU C 926 43.35 -23.88 -8.96
C GLU C 926 43.95 -24.88 -7.99
N LEU C 927 44.47 -24.36 -6.88
CA LEU C 927 45.03 -25.18 -5.81
C LEU C 927 43.98 -25.37 -4.72
N ASP C 928 44.02 -26.53 -4.07
CA ASP C 928 43.04 -26.86 -3.03
C ASP C 928 43.52 -26.34 -1.68
N LEU C 929 42.86 -26.76 -0.61
CA LEU C 929 43.28 -26.43 0.75
C LEU C 929 44.17 -27.49 1.39
N GLU C 930 44.31 -28.65 0.75
CA GLU C 930 45.12 -29.72 1.32
C GLU C 930 46.61 -29.43 1.21
N VAL C 931 47.01 -28.40 0.46
CA VAL C 931 48.43 -28.08 0.33
C VAL C 931 49.00 -27.60 1.65
N PHE C 932 48.25 -26.73 2.35
CA PHE C 932 48.71 -26.21 3.63
C PHE C 932 48.63 -27.24 4.75
N SER C 933 48.02 -28.39 4.50
CA SER C 933 47.92 -29.43 5.51
C SER C 933 49.29 -29.98 5.91
N VAL C 934 50.31 -29.76 5.07
CA VAL C 934 51.62 -30.37 5.29
C VAL C 934 52.63 -29.25 5.51
N LEU C 935 52.18 -28.17 6.16
CA LEU C 935 53.11 -27.10 6.53
C LEU C 935 54.12 -27.56 7.56
N HIS C 936 53.91 -28.71 8.17
CA HIS C 936 54.87 -29.28 9.13
C HIS C 936 56.21 -29.55 8.47
N GLY C 960 60.82 -21.91 3.10
CA GLY C 960 61.49 -20.67 2.72
C GLY C 960 60.51 -19.51 2.54
N PRO C 961 61.05 -18.34 2.22
CA PRO C 961 60.20 -17.14 2.16
C PRO C 961 59.32 -17.08 0.93
N ALA C 962 59.86 -17.39 -0.24
CA ALA C 962 59.08 -17.27 -1.48
C ALA C 962 57.97 -18.31 -1.54
N GLU C 963 58.27 -19.55 -1.16
CA GLU C 963 57.27 -20.61 -1.21
C GLU C 963 56.13 -20.33 -0.23
N LEU C 964 56.47 -19.91 0.99
CA LEU C 964 55.43 -19.56 1.95
C LEU C 964 54.64 -18.34 1.49
N CYS C 965 55.32 -17.39 0.86
CA CYS C 965 54.62 -16.22 0.31
C CYS C 965 53.61 -16.65 -0.74
N PHE C 966 53.98 -17.58 -1.62
CA PHE C 966 53.06 -18.08 -2.63
C PHE C 966 51.89 -18.83 -2.00
N LEU C 967 52.17 -19.66 -1.01
CA LEU C 967 51.10 -20.43 -0.36
C LEU C 967 50.11 -19.50 0.32
N LEU C 968 50.60 -18.52 1.08
CA LEU C 968 49.70 -17.56 1.69
C LEU C 968 49.01 -16.67 0.66
N ASP C 969 49.67 -16.41 -0.49
CA ASP C 969 49.05 -15.63 -1.53
C ASP C 969 47.81 -16.32 -2.09
N ASP C 970 47.93 -17.61 -2.41
CA ASP C 970 46.76 -18.30 -2.94
C ASP C 970 45.77 -18.71 -1.84
N MET C 971 46.22 -18.70 -0.58
CA MET C 971 45.31 -18.91 0.54
C MET C 971 44.49 -17.66 0.87
N CYS C 972 45.04 -16.47 0.62
CA CYS C 972 44.37 -15.24 1.01
C CYS C 972 43.05 -15.07 0.26
N TRP C 973 43.05 -15.32 -1.05
CA TRP C 973 41.83 -15.17 -1.82
C TRP C 973 40.77 -16.19 -1.38
N LYS C 974 41.19 -17.43 -1.11
CA LYS C 974 40.27 -18.43 -0.64
C LYS C 974 39.62 -18.02 0.66
N LEU C 975 40.43 -17.61 1.65
CA LEU C 975 39.87 -17.17 2.92
C LEU C 975 39.03 -15.92 2.75
N GLU C 976 39.35 -15.08 1.77
CA GLU C 976 38.53 -13.90 1.50
C GLU C 976 37.15 -14.30 1.02
N HIS C 977 37.06 -15.29 0.13
CA HIS C 977 35.77 -15.64 -0.44
C HIS C 977 34.95 -16.53 0.49
N VAL C 978 35.59 -17.57 1.04
CA VAL C 978 34.85 -18.51 1.88
C VAL C 978 34.46 -17.85 3.20
N LEU C 979 35.27 -16.92 3.69
CA LEU C 979 35.07 -16.30 4.99
C LEU C 979 35.03 -14.78 4.79
N THR C 980 33.83 -14.21 4.78
CA THR C 980 33.67 -12.77 4.68
C THR C 980 32.33 -12.32 5.27
N PHE C 1000 36.26 -23.00 -14.12
CA PHE C 1000 35.06 -22.42 -13.53
C PHE C 1000 35.39 -21.53 -12.33
N SER C 1001 34.74 -21.81 -11.21
CA SER C 1001 34.88 -21.07 -9.95
C SER C 1001 35.04 -22.04 -8.79
N HIS C 1002 35.97 -22.98 -8.93
CA HIS C 1002 36.18 -24.07 -7.99
C HIS C 1002 36.42 -23.60 -6.56
N LEU C 1003 36.61 -22.29 -6.37
CA LEU C 1003 36.81 -21.73 -5.04
C LEU C 1003 35.54 -21.72 -4.20
N CYS C 1004 34.39 -22.08 -4.77
CA CYS C 1004 33.10 -21.89 -4.14
C CYS C 1004 32.40 -23.21 -3.81
N GLN C 1005 33.14 -24.18 -3.25
CA GLN C 1005 32.52 -25.47 -2.95
C GLN C 1005 32.83 -25.99 -1.55
N ARG C 1006 33.10 -25.11 -0.58
CA ARG C 1006 33.33 -25.53 0.79
C ARG C 1006 32.56 -24.63 1.74
N SER C 1007 32.01 -25.23 2.80
CA SER C 1007 31.24 -24.49 3.78
C SER C 1007 32.18 -23.75 4.74
N PRO C 1008 31.79 -22.57 5.22
CA PRO C 1008 32.65 -21.84 6.16
C PRO C 1008 32.96 -22.62 7.43
N LYS C 1009 32.02 -23.42 7.93
CA LYS C 1009 32.29 -24.24 9.11
C LYS C 1009 33.37 -25.27 8.81
N GLU C 1010 33.30 -25.91 7.64
CA GLU C 1010 34.34 -26.85 7.24
C GLU C 1010 35.68 -26.13 7.08
N VAL C 1011 35.66 -24.90 6.56
CA VAL C 1011 36.88 -24.11 6.45
C VAL C 1011 37.48 -23.86 7.83
N ALA C 1012 36.63 -23.51 8.80
CA ALA C 1012 37.11 -23.26 10.14
C ALA C 1012 37.71 -24.52 10.78
N VAL C 1013 37.03 -25.65 10.63
CA VAL C 1013 37.56 -26.87 11.22
C VAL C 1013 38.86 -27.30 10.54
N CYS C 1014 38.96 -27.07 9.23
CA CYS C 1014 40.18 -27.43 8.52
C CYS C 1014 41.35 -26.54 8.95
N VAL C 1015 41.11 -25.24 9.09
CA VAL C 1015 42.20 -24.34 9.45
C VAL C 1015 42.61 -24.56 10.91
N VAL C 1016 41.65 -24.80 11.81
CA VAL C 1016 42.01 -25.06 13.20
C VAL C 1016 42.64 -26.43 13.34
N LYS C 1017 42.38 -27.32 12.38
CA LYS C 1017 42.96 -28.67 12.43
C LYS C 1017 44.47 -28.64 12.17
N LEU C 1018 44.95 -27.69 11.37
CA LEU C 1018 46.31 -27.75 10.85
C LEU C 1018 47.04 -26.42 10.96
N LEU C 1019 46.77 -25.63 12.00
CA LEU C 1019 47.42 -24.34 12.17
C LEU C 1019 48.66 -24.40 13.04
N LYS C 1020 49.00 -25.56 13.61
CA LYS C 1020 50.19 -25.64 14.47
C LYS C 1020 51.48 -25.40 13.72
N PRO C 1021 51.77 -26.08 12.60
CA PRO C 1021 52.99 -25.72 11.84
C PRO C 1021 52.95 -24.30 11.33
N LEU C 1022 51.75 -23.81 10.99
CA LEU C 1022 51.58 -22.42 10.63
C LEU C 1022 52.11 -21.50 11.73
N CYS C 1023 51.71 -21.76 12.98
CA CYS C 1023 52.15 -20.93 14.08
C CYS C 1023 53.65 -21.10 14.36
N ASN C 1024 54.16 -22.31 14.16
CA ASN C 1024 55.61 -22.52 14.35
C ASN C 1024 56.42 -21.69 13.36
N HIS C 1025 56.03 -21.72 12.08
CA HIS C 1025 56.72 -20.92 11.08
C HIS C 1025 56.53 -19.44 11.36
N MET C 1026 55.33 -19.05 11.80
CA MET C 1026 55.09 -17.67 12.21
C MET C 1026 56.08 -17.26 13.29
N GLU C 1027 56.27 -18.10 14.30
CA GLU C 1027 57.20 -17.78 15.38
C GLU C 1027 58.62 -17.64 14.85
N ASN C 1028 59.07 -18.57 14.02
CA ASN C 1028 60.46 -18.53 13.59
C ASN C 1028 60.74 -17.31 12.73
N MET C 1029 59.84 -16.98 11.79
CA MET C 1029 60.11 -15.82 10.94
C MET C 1029 59.85 -14.52 11.70
N HIS C 1030 59.02 -14.56 12.74
CA HIS C 1030 58.90 -13.42 13.64
C HIS C 1030 60.21 -13.17 14.38
N ASN C 1031 60.87 -14.24 14.83
CA ASN C 1031 62.20 -14.09 15.41
C ASN C 1031 63.18 -13.53 14.39
N TYR C 1032 63.09 -13.99 13.14
CA TYR C 1032 63.93 -13.43 12.08
C TYR C 1032 63.73 -11.92 11.97
N PHE C 1033 62.47 -11.48 11.96
CA PHE C 1033 62.20 -10.04 11.94
C PHE C 1033 62.74 -9.35 13.18
N GLN C 1034 62.66 -10.03 14.33
CA GLN C 1034 63.21 -9.48 15.56
C GLN C 1034 64.72 -9.33 15.50
N THR C 1035 65.40 -10.10 14.65
CA THR C 1035 66.86 -10.00 14.56
C THR C 1035 67.29 -8.60 14.13
N VAL C 1036 66.61 -8.02 13.14
CA VAL C 1036 66.98 -6.71 12.63
C VAL C 1036 65.97 -5.66 13.12
N ASN C 1049 69.48 -7.72 2.68
CA ASN C 1049 69.27 -7.51 1.25
C ASN C 1049 67.77 -7.57 0.93
N ILE C 1050 67.37 -6.89 -0.14
CA ILE C 1050 65.95 -6.69 -0.43
C ILE C 1050 65.26 -8.03 -0.72
N GLN C 1051 65.97 -8.95 -1.38
CA GLN C 1051 65.31 -10.12 -1.94
C GLN C 1051 64.62 -10.97 -0.88
N GLU C 1052 65.24 -11.14 0.29
CA GLU C 1052 64.59 -11.90 1.36
C GLU C 1052 63.82 -11.01 2.32
N TYR C 1053 64.28 -9.77 2.55
CA TYR C 1053 63.56 -8.90 3.49
C TYR C 1053 62.16 -8.57 2.98
N GLN C 1054 62.06 -8.11 1.73
CA GLN C 1054 60.75 -7.80 1.16
C GLN C 1054 59.90 -9.06 1.04
N LEU C 1055 60.53 -10.19 0.71
CA LEU C 1055 59.81 -11.46 0.59
C LEU C 1055 59.18 -11.84 1.92
N MET C 1056 59.94 -11.75 3.00
CA MET C 1056 59.42 -12.14 4.31
C MET C 1056 58.44 -11.10 4.84
N SER C 1057 58.61 -9.83 4.47
CA SER C 1057 57.63 -8.80 4.82
C SER C 1057 56.29 -9.10 4.16
N SER C 1058 56.32 -9.46 2.87
CA SER C 1058 55.08 -9.82 2.18
C SER C 1058 54.46 -11.08 2.79
N CYS C 1059 55.29 -12.07 3.13
CA CYS C 1059 54.79 -13.27 3.78
C CYS C 1059 54.10 -12.92 5.10
N TYR C 1060 54.74 -12.06 5.90
CA TYR C 1060 54.17 -11.59 7.15
C TYR C 1060 52.83 -10.90 6.93
N HIS C 1061 52.77 -10.00 5.94
CA HIS C 1061 51.53 -9.27 5.69
C HIS C 1061 50.42 -10.21 5.26
N GLN C 1062 50.70 -11.12 4.32
CA GLN C 1062 49.68 -12.06 3.88
C GLN C 1062 49.22 -12.95 5.03
N LEU C 1063 50.15 -13.37 5.89
CA LEU C 1063 49.77 -14.25 7.00
C LEU C 1063 48.89 -13.52 8.00
N LEU C 1064 49.23 -12.28 8.32
CA LEU C 1064 48.41 -11.52 9.26
C LEU C 1064 47.07 -11.15 8.65
N LEU C 1065 47.01 -10.97 7.33
CA LEU C 1065 45.73 -10.84 6.64
C LEU C 1065 44.92 -12.11 6.79
N ALA C 1066 45.59 -13.26 6.73
CA ALA C 1066 44.93 -14.54 6.97
C ALA C 1066 44.30 -14.58 8.36
N PHE C 1067 45.06 -14.19 9.39
CA PHE C 1067 44.46 -14.16 10.73
C PHE C 1067 43.33 -13.13 10.82
N ARG C 1068 43.45 -11.99 10.15
CA ARG C 1068 42.38 -11.00 10.24
C ARG C 1068 41.09 -11.56 9.68
N LEU C 1069 41.12 -12.07 8.45
CA LEU C 1069 39.89 -12.62 7.89
C LEU C 1069 39.51 -13.93 8.54
N LEU C 1070 40.41 -14.55 9.30
CA LEU C 1070 40.01 -15.67 10.16
C LEU C 1070 39.34 -15.18 11.43
N PHE C 1071 39.50 -13.91 11.77
CA PHE C 1071 38.86 -13.32 12.93
C PHE C 1071 37.83 -12.27 12.59
N ALA C 1072 37.93 -11.63 11.41
CA ALA C 1072 36.91 -10.68 10.95
C ALA C 1072 35.76 -11.35 10.23
N TRP C 1073 35.70 -12.68 10.27
CA TRP C 1073 34.62 -13.42 9.64
C TRP C 1073 33.30 -13.06 10.30
N SER C 1074 32.38 -12.51 9.50
CA SER C 1074 31.13 -11.96 10.05
C SER C 1074 30.27 -13.03 10.70
N GLY C 1075 30.55 -14.32 10.44
CA GLY C 1075 29.79 -15.39 11.05
C GLY C 1075 29.92 -15.48 12.55
N PHE C 1076 30.93 -14.82 13.14
CA PHE C 1076 31.13 -14.89 14.59
C PHE C 1076 30.05 -14.18 15.38
N SER C 1077 29.16 -13.45 14.71
CA SER C 1077 28.09 -12.74 15.42
C SER C 1077 27.19 -13.71 16.17
N GLN C 1078 26.86 -14.84 15.56
CA GLN C 1078 26.02 -15.84 16.20
C GLN C 1078 26.86 -16.79 17.06
N HIS C 1079 26.22 -17.33 18.10
CA HIS C 1079 26.92 -18.11 19.11
C HIS C 1079 27.15 -19.56 18.70
N GLU C 1080 26.48 -20.04 17.65
CA GLU C 1080 26.59 -21.44 17.28
C GLU C 1080 28.02 -21.82 16.94
N ASN C 1081 28.71 -20.96 16.18
CA ASN C 1081 30.10 -21.23 15.80
C ASN C 1081 31.08 -20.85 16.89
N SER C 1082 30.62 -20.21 17.97
CA SER C 1082 31.54 -19.74 19.01
C SER C 1082 32.19 -20.87 19.78
N ASN C 1083 31.64 -22.08 19.71
CA ASN C 1083 32.29 -23.23 20.37
C ASN C 1083 33.62 -23.56 19.70
N LEU C 1084 33.62 -23.66 18.36
CA LEU C 1084 34.87 -23.86 17.65
C LEU C 1084 35.79 -22.67 17.80
N LEU C 1085 35.23 -21.46 17.93
CA LEU C 1085 36.03 -20.28 18.24
C LEU C 1085 36.77 -20.48 19.56
N ARG C 1086 36.05 -20.89 20.60
CA ARG C 1086 36.67 -21.12 21.90
C ARG C 1086 37.74 -22.20 21.82
N SER C 1087 37.47 -23.26 21.04
CA SER C 1087 38.48 -24.30 20.86
C SER C 1087 39.74 -23.73 20.23
N ALA C 1088 39.58 -22.87 19.21
CA ALA C 1088 40.74 -22.23 18.59
C ALA C 1088 41.48 -21.36 19.58
N LEU C 1089 40.76 -20.62 20.42
CA LEU C 1089 41.44 -19.78 21.41
C LEU C 1089 42.19 -20.62 22.44
N GLN C 1090 41.63 -21.77 22.83
CA GLN C 1090 42.39 -22.66 23.71
C GLN C 1090 43.65 -23.19 23.04
N VAL C 1091 43.56 -23.53 21.75
CA VAL C 1091 44.76 -23.97 21.03
C VAL C 1091 45.81 -22.86 21.04
N LEU C 1092 45.38 -21.63 20.73
CA LEU C 1092 46.31 -20.50 20.67
C LEU C 1092 46.93 -20.23 22.04
N ALA C 1093 46.12 -20.25 23.09
CA ALA C 1093 46.63 -19.97 24.42
C ALA C 1093 47.55 -21.07 24.92
N ASP C 1094 47.23 -22.33 24.60
CA ASP C 1094 48.13 -23.43 24.93
C ASP C 1094 49.47 -23.27 24.22
N ARG C 1095 49.44 -22.81 22.97
CA ARG C 1095 50.69 -22.48 22.29
C ARG C 1095 51.44 -21.36 23.01
N LEU C 1096 50.70 -20.33 23.44
CA LEU C 1096 51.34 -19.22 24.15
C LEU C 1096 51.71 -19.61 25.57
N LYS C 1097 50.72 -20.01 26.37
CA LYS C 1097 50.95 -20.39 27.76
C LYS C 1097 50.78 -21.90 27.89
N PRO C 1098 51.84 -22.66 28.14
CA PRO C 1098 51.72 -24.12 28.18
C PRO C 1098 50.86 -24.57 29.35
N GLY C 1099 49.74 -25.21 29.02
CA GLY C 1099 48.83 -25.70 30.05
C GLY C 1099 48.12 -24.57 30.77
N GLU C 1100 47.46 -24.94 31.86
CA GLU C 1100 46.77 -24.03 32.78
C GLU C 1100 45.90 -23.01 32.05
N THR C 1101 45.39 -23.36 30.87
CA THR C 1101 44.62 -22.44 30.08
C THR C 1101 43.36 -23.05 29.47
N GLU C 1102 42.93 -24.22 29.92
CA GLU C 1102 41.75 -24.86 29.33
C GLU C 1102 40.48 -24.22 29.86
N PHE C 1103 39.59 -23.82 28.94
CA PHE C 1103 38.26 -23.30 29.27
C PHE C 1103 38.34 -22.12 30.23
N LEU C 1104 39.31 -21.24 30.01
CA LEU C 1104 39.36 -19.96 30.70
C LEU C 1104 38.23 -19.07 30.20
N PRO C 1105 37.82 -18.06 30.98
CA PRO C 1105 36.67 -17.26 30.56
C PRO C 1105 37.00 -16.33 29.39
N LEU C 1106 35.94 -15.84 28.75
CA LEU C 1106 36.05 -15.25 27.43
C LEU C 1106 36.99 -14.05 27.42
N GLU C 1107 36.79 -13.12 28.36
CA GLU C 1107 37.64 -11.92 28.37
C GLU C 1107 39.09 -12.26 28.69
N GLU C 1108 39.33 -13.25 29.56
CA GLU C 1108 40.71 -13.67 29.80
C GLU C 1108 41.29 -14.37 28.58
N LEU C 1109 40.45 -15.05 27.78
CA LEU C 1109 40.93 -15.56 26.50
C LEU C 1109 41.31 -14.41 25.57
N ILE C 1110 40.53 -13.33 25.59
CA ILE C 1110 40.90 -12.14 24.81
C ILE C 1110 42.23 -11.59 25.29
N SER C 1111 42.45 -11.59 26.60
CA SER C 1111 43.73 -11.15 27.15
C SER C 1111 44.87 -12.06 26.71
N GLU C 1112 44.65 -13.37 26.69
CA GLU C 1112 45.67 -14.30 26.24
C GLU C 1112 46.03 -14.05 24.78
N SER C 1113 45.02 -13.90 23.93
CA SER C 1113 45.27 -13.55 22.53
C SER C 1113 45.96 -12.20 22.42
N PHE C 1114 45.66 -11.28 23.33
CA PHE C 1114 46.27 -9.96 23.33
C PHE C 1114 47.76 -10.06 23.59
N GLN C 1115 48.14 -10.79 24.64
CA GLN C 1115 49.56 -10.96 24.94
C GLN C 1115 50.27 -11.74 23.85
N TYR C 1116 49.63 -12.78 23.31
CA TYR C 1116 50.29 -13.62 22.32
C TYR C 1116 50.48 -12.90 21.00
N LEU C 1117 49.37 -12.46 20.38
CA LEU C 1117 49.45 -11.85 19.06
C LEU C 1117 50.17 -10.51 19.08
N LEU C 1118 50.33 -9.89 20.24
CA LEU C 1118 51.13 -8.68 20.36
C LEU C 1118 52.54 -8.96 20.85
N ASN C 1119 52.93 -10.23 20.99
CA ASN C 1119 54.35 -10.55 21.08
C ASN C 1119 55.07 -10.19 19.78
N PHE C 1120 54.35 -10.16 18.66
CA PHE C 1120 54.87 -9.75 17.37
C PHE C 1120 54.72 -8.25 17.14
N GLN C 1121 54.47 -7.48 18.19
CA GLN C 1121 54.18 -6.06 18.03
C GLN C 1121 55.41 -5.28 17.56
N ALA C 1122 56.56 -5.50 18.20
CA ALA C 1122 57.73 -4.68 17.94
C ALA C 1122 58.32 -4.91 16.55
N SER C 1123 58.09 -6.07 15.95
CA SER C 1123 58.67 -6.43 14.66
C SER C 1123 57.59 -6.31 13.58
N ILE C 1124 57.49 -5.12 13.00
CA ILE C 1124 56.54 -4.87 11.91
C ILE C 1124 57.27 -4.19 10.76
N PRO C 1125 57.47 -4.86 9.62
CA PRO C 1125 58.24 -4.26 8.53
C PRO C 1125 57.43 -3.28 7.68
N SER C 1126 56.14 -3.58 7.49
CA SER C 1126 55.28 -2.78 6.63
C SER C 1126 54.10 -2.25 7.41
N PHE C 1127 53.63 -1.06 7.04
CA PHE C 1127 52.44 -0.51 7.69
C PHE C 1127 51.25 -1.44 7.50
N GLN C 1128 51.23 -2.17 6.37
CA GLN C 1128 50.16 -3.14 6.15
C GLN C 1128 50.10 -4.14 7.29
N CYS C 1129 51.25 -4.64 7.74
CA CYS C 1129 51.28 -5.61 8.83
C CYS C 1129 50.75 -5.02 10.13
N ALA C 1130 51.15 -3.78 10.45
CA ALA C 1130 50.68 -3.15 11.68
C ALA C 1130 49.17 -2.93 11.65
N PHE C 1131 48.68 -2.37 10.55
CA PHE C 1131 47.25 -2.15 10.40
C PHE C 1131 46.48 -3.45 10.47
N ILE C 1132 47.01 -4.50 9.86
CA ILE C 1132 46.26 -5.74 9.79
C ILE C 1132 46.30 -6.43 11.14
N LEU C 1133 47.36 -6.21 11.94
CA LEU C 1133 47.37 -6.68 13.32
C LEU C 1133 46.31 -5.98 14.15
N THR C 1134 46.20 -4.65 14.00
CA THR C 1134 45.14 -3.93 14.70
C THR C 1134 43.77 -4.45 14.28
N GLN C 1135 43.60 -4.75 13.00
CA GLN C 1135 42.34 -5.33 12.53
C GLN C 1135 42.12 -6.72 13.10
N VAL C 1136 43.20 -7.51 13.24
CA VAL C 1136 43.08 -8.82 13.88
C VAL C 1136 42.51 -8.69 15.27
N LEU C 1137 43.03 -7.72 16.04
CA LEU C 1137 42.56 -7.60 17.41
C LEU C 1137 41.14 -7.04 17.45
N MET C 1138 40.85 -6.02 16.63
CA MET C 1138 39.49 -5.50 16.48
C MET C 1138 38.51 -6.61 16.15
N ALA C 1139 38.95 -7.56 15.34
CA ALA C 1139 38.12 -8.70 14.99
C ALA C 1139 38.00 -9.69 16.13
N ILE C 1140 39.03 -9.81 16.97
CA ILE C 1140 38.96 -10.70 18.12
C ILE C 1140 38.50 -9.98 19.39
N SER C 1141 38.65 -8.65 19.46
CA SER C 1141 38.19 -7.92 20.63
C SER C 1141 36.67 -7.97 20.72
N GLU C 1142 36.17 -7.79 21.95
CA GLU C 1142 34.74 -7.85 22.18
C GLU C 1142 33.99 -6.80 21.37
N LYS C 1143 32.86 -7.20 20.79
CA LYS C 1143 31.96 -6.26 20.14
C LYS C 1143 31.56 -5.11 21.05
N PRO C 1144 31.17 -5.32 22.33
CA PRO C 1144 31.14 -4.20 23.26
C PRO C 1144 32.54 -3.93 23.80
N MET C 1145 33.15 -2.84 23.34
CA MET C 1145 34.58 -2.67 23.48
C MET C 1145 34.90 -2.25 24.92
N THR C 1146 35.86 -2.92 25.53
CA THR C 1146 36.14 -2.78 26.97
C THR C 1146 37.32 -1.85 27.22
N GLY C 1147 37.29 -1.22 28.41
CA GLY C 1147 38.15 -0.07 28.67
C GLY C 1147 39.64 -0.39 28.59
N TRP C 1148 40.06 -1.52 29.15
CA TRP C 1148 41.47 -1.87 29.08
C TRP C 1148 41.91 -2.06 27.63
N LYS C 1149 41.08 -2.73 26.83
CA LYS C 1149 41.36 -2.84 25.41
C LYS C 1149 41.25 -1.49 24.72
N ARG C 1150 40.36 -0.62 25.22
CA ARG C 1150 40.30 0.74 24.69
C ARG C 1150 41.65 1.43 24.78
N GLU C 1151 42.25 1.41 25.98
CA GLU C 1151 43.54 2.06 26.17
C GLU C 1151 44.64 1.33 25.39
N LYS C 1152 44.62 0.00 25.40
CA LYS C 1152 45.63 -0.78 24.67
C LYS C 1152 45.63 -0.41 23.19
N MET C 1153 44.46 -0.47 22.55
CA MET C 1153 44.38 -0.15 21.12
C MET C 1153 44.64 1.31 20.85
N ALA C 1154 44.22 2.21 21.74
CA ALA C 1154 44.56 3.62 21.56
C ALA C 1154 46.06 3.81 21.50
N SER C 1155 46.79 3.24 22.46
CA SER C 1155 48.25 3.38 22.47
C SER C 1155 48.88 2.70 21.26
N LEU C 1156 48.40 1.50 20.91
CA LEU C 1156 49.00 0.74 19.82
C LEU C 1156 48.83 1.49 18.50
N ALA C 1157 47.63 1.98 18.22
CA ALA C 1157 47.42 2.71 16.97
C ALA C 1157 48.09 4.08 17.02
N LYS C 1158 48.21 4.68 18.20
CA LYS C 1158 48.98 5.93 18.33
C LYS C 1158 50.41 5.71 17.87
N GLN C 1159 51.05 4.65 18.37
CA GLN C 1159 52.44 4.41 17.99
C GLN C 1159 52.57 3.92 16.56
N PHE C 1160 51.53 3.23 16.04
CA PHE C 1160 51.54 2.86 14.63
C PHE C 1160 51.48 4.07 13.73
N LEU C 1161 50.64 5.05 14.08
CA LEU C 1161 50.67 6.33 13.38
C LEU C 1161 51.99 7.05 13.60
N CYS C 1162 52.62 6.82 14.75
CA CYS C 1162 53.94 7.39 15.02
C CYS C 1162 55.08 6.50 14.55
N GLN C 1163 54.80 5.27 14.14
CA GLN C 1163 55.85 4.39 13.64
C GLN C 1163 56.21 4.76 12.21
N SER C 1164 57.51 4.88 11.94
CA SER C 1164 57.95 5.12 10.58
C SER C 1164 57.70 3.90 9.72
N TRP C 1165 57.43 4.14 8.44
CA TRP C 1165 57.16 3.06 7.50
C TRP C 1165 58.02 3.29 6.26
N MET C 1166 59.00 2.42 6.08
CA MET C 1166 60.03 2.61 5.07
C MET C 1166 60.24 1.29 4.33
N LYS C 1167 59.97 1.30 3.02
CA LYS C 1167 60.30 0.13 2.22
C LYS C 1167 61.81 -0.04 2.15
N PRO C 1168 62.30 -1.27 1.96
CA PRO C 1168 63.76 -1.49 2.03
C PRO C 1168 64.57 -0.63 1.08
N GLY C 1169 64.03 -0.31 -0.10
CA GLY C 1169 64.72 0.53 -1.04
C GLY C 1169 64.28 1.99 -0.99
N GLY C 1170 64.09 2.51 0.21
CA GLY C 1170 63.50 3.84 0.33
C GLY C 1170 62.04 3.77 -0.08
N ASP C 1171 61.53 4.86 -0.66
CA ASP C 1171 60.21 4.89 -1.26
C ASP C 1171 59.12 4.52 -0.25
N ARG C 1172 58.92 5.44 0.70
CA ARG C 1172 57.95 5.28 1.78
C ARG C 1172 56.67 4.63 1.30
N GLU C 1173 56.11 3.76 2.14
CA GLU C 1173 55.03 2.87 1.73
C GLU C 1173 53.74 3.64 1.49
N LYS C 1174 53.70 4.40 0.40
CA LYS C 1174 52.50 5.12 -0.01
C LYS C 1174 51.70 4.27 -1.00
N GLY C 1175 50.67 4.86 -1.61
CA GLY C 1175 49.87 4.18 -2.60
C GLY C 1175 48.40 4.32 -2.28
N SER C 1176 47.60 3.45 -2.89
CA SER C 1176 46.16 3.45 -2.69
C SER C 1176 45.68 2.43 -1.67
N HIS C 1177 46.25 1.22 -1.69
CA HIS C 1177 45.97 0.27 -0.61
C HIS C 1177 46.45 0.82 0.72
N PHE C 1178 47.57 1.55 0.71
CA PHE C 1178 48.05 2.22 1.91
C PHE C 1178 47.00 3.21 2.43
N ASN C 1179 46.35 3.94 1.54
CA ASN C 1179 45.34 4.92 1.95
C ASN C 1179 44.16 4.24 2.64
N SER C 1180 43.64 3.17 2.03
CA SER C 1180 42.49 2.48 2.62
C SER C 1180 42.85 1.83 3.94
N ALA C 1181 44.04 1.22 4.02
CA ALA C 1181 44.47 0.62 5.28
C ALA C 1181 44.63 1.69 6.35
N LEU C 1182 45.17 2.85 5.99
CA LEU C 1182 45.26 3.97 6.94
C LEU C 1182 43.87 4.40 7.39
N HIS C 1183 42.92 4.46 6.47
CA HIS C 1183 41.54 4.81 6.83
C HIS C 1183 40.99 3.86 7.88
N THR C 1184 41.08 2.56 7.61
CA THR C 1184 40.50 1.60 8.54
C THR C 1184 41.22 1.62 9.88
N LEU C 1185 42.55 1.70 9.87
CA LEU C 1185 43.31 1.70 11.12
C LEU C 1185 42.98 2.94 11.94
N LEU C 1186 42.92 4.12 11.31
CA LEU C 1186 42.67 5.33 12.07
C LEU C 1186 41.22 5.39 12.54
N CYS C 1187 40.29 4.82 11.78
CA CYS C 1187 38.92 4.70 12.25
C CYS C 1187 38.85 3.83 13.49
N VAL C 1188 39.53 2.69 13.47
CA VAL C 1188 39.54 1.81 14.63
C VAL C 1188 40.18 2.51 15.82
N TYR C 1189 41.29 3.22 15.59
CA TYR C 1189 41.93 3.99 16.65
C TYR C 1189 40.97 4.97 17.28
N LEU C 1190 40.44 5.90 16.48
CA LEU C 1190 39.55 6.92 17.00
C LEU C 1190 38.29 6.33 17.60
N GLU C 1191 37.92 5.11 17.20
CA GLU C 1191 36.82 4.42 17.86
C GLU C 1191 37.22 3.94 19.25
N HIS C 1192 38.46 3.46 19.40
CA HIS C 1192 38.89 2.89 20.68
C HIS C 1192 39.69 3.84 21.55
N THR C 1193 40.07 5.01 21.04
CA THR C 1193 40.70 5.98 21.92
C THR C 1193 39.68 6.48 22.95
N ASP C 1194 40.17 6.74 24.17
CA ASP C 1194 39.27 7.04 25.27
C ASP C 1194 38.60 8.40 25.10
N ASN C 1195 39.40 9.46 25.07
CA ASN C 1195 38.88 10.80 24.85
C ASN C 1195 39.03 11.10 23.36
N ILE C 1196 37.98 10.79 22.60
CA ILE C 1196 38.03 10.93 21.15
C ILE C 1196 38.24 12.38 20.75
N LEU C 1197 37.54 13.31 21.41
CA LEU C 1197 37.68 14.72 21.08
C LEU C 1197 39.10 15.20 21.38
N LYS C 1198 39.68 14.78 22.50
CA LYS C 1198 41.06 15.14 22.79
C LYS C 1198 42.01 14.55 21.76
N ALA C 1199 41.74 13.32 21.31
CA ALA C 1199 42.60 12.69 20.31
C ALA C 1199 42.57 13.46 18.99
N ILE C 1200 41.37 13.80 18.51
CA ILE C 1200 41.29 14.54 17.25
C ILE C 1200 41.87 15.94 17.42
N GLU C 1201 41.69 16.54 18.61
CA GLU C 1201 42.28 17.84 18.87
C GLU C 1201 43.80 17.77 18.80
N GLU C 1202 44.40 16.74 19.38
CA GLU C 1202 45.85 16.58 19.30
C GLU C 1202 46.30 16.37 17.86
N ILE C 1203 45.58 15.52 17.12
CA ILE C 1203 45.96 15.24 15.74
C ILE C 1203 45.87 16.51 14.90
N SER C 1204 44.88 17.35 15.16
CA SER C 1204 44.69 18.58 14.40
C SER C 1204 45.46 19.77 14.95
N SER C 1205 46.10 19.62 16.11
CA SER C 1205 46.85 20.73 16.71
C SER C 1205 48.36 20.55 16.62
N VAL C 1206 48.87 19.32 16.71
CA VAL C 1206 50.31 19.12 16.58
C VAL C 1206 50.60 18.12 15.47
N GLY C 1207 49.63 17.25 15.18
CA GLY C 1207 49.84 16.26 14.14
C GLY C 1207 49.97 16.84 12.75
N VAL C 1208 49.07 17.78 12.41
CA VAL C 1208 49.06 18.35 11.07
C VAL C 1208 50.06 19.50 10.88
N PRO C 1209 50.14 20.51 11.75
CA PRO C 1209 50.85 21.74 11.35
C PRO C 1209 52.32 21.51 11.02
N GLU C 1210 52.97 20.57 11.70
CA GLU C 1210 54.35 20.23 11.34
C GLU C 1210 54.41 19.72 9.90
N LEU C 1211 53.43 18.92 9.50
CA LEU C 1211 53.35 18.47 8.12
C LEU C 1211 53.13 19.64 7.17
N ILE C 1212 52.27 20.59 7.55
CA ILE C 1212 51.95 21.68 6.64
C ILE C 1212 53.11 22.65 6.50
N ASN C 1213 54.02 22.69 7.49
CA ASN C 1213 55.13 23.64 7.43
C ASN C 1213 56.46 23.02 7.04
N SER C 1214 56.61 21.71 7.15
CA SER C 1214 57.91 21.07 6.95
C SER C 1214 57.94 20.12 5.76
N ALA C 1215 56.98 19.20 5.68
CA ALA C 1215 57.08 18.06 4.76
C ALA C 1215 56.65 18.47 3.36
N LYS C 1216 57.62 18.80 2.50
CA LYS C 1216 57.33 18.92 1.07
C LYS C 1216 57.04 17.55 0.47
N ASP C 1217 57.83 16.54 0.82
CA ASP C 1217 57.55 15.15 0.46
C ASP C 1217 57.68 14.21 1.64
N GLY C 1218 58.19 14.67 2.78
CA GLY C 1218 58.33 13.84 3.96
C GLY C 1218 57.02 13.66 4.69
N CYS C 1219 57.08 13.65 6.03
CA CYS C 1219 55.90 13.42 6.84
C CYS C 1219 55.93 14.34 8.06
N SER C 1220 54.84 14.30 8.82
CA SER C 1220 54.80 15.01 10.09
C SER C 1220 55.72 14.34 11.10
N SER C 1221 56.36 15.15 11.94
CA SER C 1221 57.36 14.61 12.87
C SER C 1221 56.71 13.69 13.89
N THR C 1222 55.58 14.08 14.45
CA THR C 1222 54.90 13.23 15.43
C THR C 1222 54.33 11.98 14.77
N TYR C 1223 53.65 12.16 13.64
CA TYR C 1223 53.08 11.04 12.90
C TYR C 1223 53.75 10.92 11.54
N PRO C 1224 54.69 9.99 11.33
CA PRO C 1224 55.21 9.76 9.98
C PRO C 1224 54.18 9.17 9.04
N THR C 1225 52.98 8.86 9.50
CA THR C 1225 51.90 8.37 8.65
C THR C 1225 51.12 9.47 7.98
N LEU C 1226 51.31 10.73 8.38
CA LEU C 1226 50.61 11.86 7.79
C LEU C 1226 51.52 12.53 6.77
N SER C 1227 50.97 12.81 5.59
CA SER C 1227 51.75 13.41 4.51
C SER C 1227 50.84 14.29 3.68
N ARG C 1228 51.46 15.02 2.74
CA ARG C 1228 50.68 15.82 1.80
C ARG C 1228 49.74 14.94 0.98
N GLN C 1229 50.20 13.75 0.60
CA GLN C 1229 49.37 12.84 -0.18
C GLN C 1229 48.26 12.23 0.68
N THR C 1230 48.55 11.95 1.95
CA THR C 1230 47.65 11.17 2.78
C THR C 1230 46.80 12.03 3.71
N PHE C 1231 46.58 13.31 3.39
CA PHE C 1231 45.69 14.10 4.23
C PHE C 1231 44.24 13.68 4.04
N PRO C 1232 43.69 13.59 2.81
CA PRO C 1232 42.23 13.38 2.68
C PRO C 1232 41.67 12.21 3.47
N VAL C 1233 42.43 11.12 3.59
CA VAL C 1233 41.97 10.00 4.42
C VAL C 1233 41.86 10.44 5.89
N PHE C 1234 42.87 11.15 6.39
CA PHE C 1234 42.82 11.67 7.75
C PHE C 1234 41.62 12.61 7.92
N PHE C 1235 41.41 13.48 6.94
CA PHE C 1235 40.33 14.46 7.02
C PHE C 1235 38.98 13.76 7.08
N ARG C 1236 38.77 12.78 6.20
CA ARG C 1236 37.53 12.03 6.18
C ARG C 1236 37.27 11.34 7.50
N VAL C 1237 38.26 10.60 8.00
CA VAL C 1237 38.03 9.85 9.24
C VAL C 1237 37.84 10.79 10.42
N MET C 1238 38.56 11.91 10.44
CA MET C 1238 38.45 12.84 11.56
C MET C 1238 37.08 13.50 11.60
N MET C 1239 36.60 14.00 10.45
CA MET C 1239 35.26 14.56 10.43
C MET C 1239 34.20 13.52 10.76
N ALA C 1240 34.33 12.31 10.23
CA ALA C 1240 33.34 11.28 10.52
C ALA C 1240 33.29 10.97 12.01
N GLN C 1241 34.45 10.81 12.64
CA GLN C 1241 34.49 10.51 14.07
C GLN C 1241 33.95 11.67 14.89
N LEU C 1242 34.31 12.91 14.52
CA LEU C 1242 33.83 14.06 15.26
C LEU C 1242 32.31 14.16 15.19
N GLU C 1243 31.75 13.98 14.00
CA GLU C 1243 30.30 14.04 13.84
C GLU C 1243 29.62 12.91 14.61
N SER C 1244 30.20 11.71 14.57
CA SER C 1244 29.60 10.59 15.30
C SER C 1244 29.62 10.83 16.80
N SER C 1245 30.73 11.33 17.33
CA SER C 1245 30.81 11.61 18.76
C SER C 1245 29.84 12.72 19.15
N VAL C 1246 29.71 13.74 18.31
CA VAL C 1246 28.76 14.82 18.57
C VAL C 1246 27.33 14.28 18.58
N LYS C 1247 27.00 13.42 17.63
CA LYS C 1247 25.66 12.85 17.56
C LYS C 1247 25.38 11.93 18.75
N SER C 1248 26.41 11.25 19.25
CA SER C 1248 26.20 10.30 20.34
C SER C 1248 25.78 10.98 21.64
N ILE C 1249 25.92 12.30 21.74
CA ILE C 1249 25.52 13.06 22.92
C ILE C 1249 24.01 12.91 23.11
N PRO C 1250 23.51 12.78 24.34
CA PRO C 1250 22.08 12.59 24.54
C PRO C 1250 21.26 13.76 24.02
N ALA C 1251 20.03 13.44 23.61
CA ALA C 1251 19.17 14.38 22.90
C ALA C 1251 18.57 15.41 23.86
N GLY C 1252 17.61 16.17 23.32
CA GLY C 1252 17.01 17.26 24.06
C GLY C 1252 16.22 16.82 25.28
N LYS C 1253 16.12 17.74 26.23
CA LYS C 1253 15.49 17.49 27.52
C LYS C 1253 14.91 18.80 28.04
N PRO C 1254 13.69 18.75 28.61
CA PRO C 1254 13.04 20.00 29.05
C PRO C 1254 13.44 20.39 30.47
N SER C 1255 14.69 20.83 30.65
CA SER C 1255 15.22 21.20 31.97
C SER C 1255 14.92 20.11 33.01
N ASP C 1256 15.13 18.86 32.59
CA ASP C 1256 14.82 17.73 33.48
C ASP C 1256 15.73 17.69 34.70
N SER C 1257 16.96 18.18 34.57
CA SER C 1257 17.95 18.07 35.63
C SER C 1257 18.80 19.32 35.69
N GLY C 1258 19.03 19.82 36.90
CA GLY C 1258 20.02 20.84 37.10
C GLY C 1258 21.43 20.27 37.10
N GLU C 1259 22.41 21.18 37.03
CA GLU C 1259 23.83 20.87 37.00
C GLU C 1259 24.24 20.07 35.76
N VAL C 1260 23.32 19.82 34.84
CA VAL C 1260 23.64 19.15 33.59
C VAL C 1260 23.62 20.12 32.40
N GLN C 1261 22.79 21.16 32.45
CA GLN C 1261 22.71 22.12 31.36
C GLN C 1261 23.99 22.91 31.15
N LEU C 1262 24.90 22.93 32.12
CA LEU C 1262 26.22 23.51 31.94
C LEU C 1262 27.29 22.46 31.75
N GLU C 1263 27.07 21.24 32.27
CA GLU C 1263 27.98 20.14 31.99
C GLU C 1263 27.99 19.80 30.51
N LYS C 1264 26.81 19.79 29.88
CA LYS C 1264 26.66 19.45 28.48
C LYS C 1264 26.77 20.66 27.56
N LEU C 1265 27.50 21.70 27.97
CA LEU C 1265 27.83 22.81 27.09
C LEU C 1265 29.32 22.92 26.80
N LEU C 1266 30.18 22.59 27.76
CA LEU C 1266 31.61 22.56 27.49
C LEU C 1266 31.95 21.50 26.44
N LYS C 1267 31.20 20.40 26.43
CA LYS C 1267 31.38 19.38 25.39
C LYS C 1267 31.19 19.98 24.01
N TRP C 1268 30.10 20.73 23.81
CA TRP C 1268 29.87 21.31 22.50
C TRP C 1268 30.81 22.48 22.25
N ASN C 1269 31.29 23.13 23.31
CA ASN C 1269 32.32 24.16 23.14
C ASN C 1269 33.58 23.58 22.52
N ILE C 1270 34.09 22.49 23.11
CA ILE C 1270 35.29 21.87 22.55
C ILE C 1270 34.99 21.23 21.19
N ALA C 1271 33.75 20.76 20.98
CA ALA C 1271 33.39 20.18 19.69
C ALA C 1271 33.43 21.24 18.59
N VAL C 1272 32.84 22.41 18.84
CA VAL C 1272 32.88 23.48 17.83
C VAL C 1272 34.30 24.02 17.70
N ARG C 1273 35.10 23.97 18.77
CA ARG C 1273 36.51 24.30 18.64
C ARG C 1273 37.21 23.39 17.64
N ASN C 1274 36.99 22.08 17.77
CA ASN C 1274 37.58 21.12 16.85
C ASN C 1274 37.07 21.33 15.43
N PHE C 1275 35.77 21.60 15.29
CA PHE C 1275 35.19 21.85 13.98
C PHE C 1275 35.82 23.07 13.32
N HIS C 1276 35.98 24.15 14.08
CA HIS C 1276 36.63 25.35 13.55
C HIS C 1276 38.07 25.04 13.15
N ILE C 1277 38.77 24.25 13.96
CA ILE C 1277 40.15 23.89 13.62
C ILE C 1277 40.20 23.16 12.28
N LEU C 1278 39.31 22.19 12.10
CA LEU C 1278 39.30 21.42 10.85
C LEU C 1278 38.95 22.31 9.66
N ILE C 1279 37.96 23.19 9.83
CA ILE C 1279 37.59 24.09 8.74
C ILE C 1279 38.75 25.00 8.38
N ASN C 1280 39.52 25.44 9.37
CA ASN C 1280 40.73 26.21 9.09
C ASN C 1280 41.74 25.37 8.31
N LEU C 1281 41.88 24.09 8.69
CA LEU C 1281 42.77 23.20 7.97
C LEU C 1281 42.33 22.99 6.53
N VAL C 1282 41.05 23.22 6.22
CA VAL C 1282 40.62 23.19 4.82
C VAL C 1282 41.37 24.23 4.01
N LYS C 1283 41.59 25.41 4.60
CA LYS C 1283 42.07 26.57 3.83
C LYS C 1283 43.43 26.31 3.20
N VAL C 1284 44.25 25.46 3.80
CA VAL C 1284 45.58 25.21 3.25
C VAL C 1284 45.57 24.13 2.16
N PHE C 1285 44.59 23.24 2.16
CA PHE C 1285 44.51 22.13 1.21
C PHE C 1285 43.16 22.20 0.50
N ASP C 1286 43.17 22.78 -0.69
CA ASP C 1286 41.97 22.90 -1.52
C ASP C 1286 41.78 21.72 -2.45
N SER C 1287 42.32 20.55 -2.10
CA SER C 1287 42.18 19.36 -2.94
C SER C 1287 40.71 18.97 -3.07
N ARG C 1288 40.35 18.47 -4.26
CA ARG C 1288 38.94 18.18 -4.54
C ARG C 1288 38.35 17.14 -3.60
N PRO C 1289 38.99 16.00 -3.31
CA PRO C 1289 38.43 15.10 -2.29
C PRO C 1289 38.27 15.74 -0.93
N VAL C 1290 39.18 16.66 -0.57
CA VAL C 1290 39.05 17.36 0.71
C VAL C 1290 37.75 18.15 0.76
N LEU C 1291 37.46 18.90 -0.31
CA LEU C 1291 36.22 19.66 -0.37
C LEU C 1291 35.01 18.73 -0.40
N SER C 1292 35.11 17.62 -1.12
CA SER C 1292 34.00 16.67 -1.19
C SER C 1292 33.68 16.12 0.20
N ILE C 1293 34.71 15.82 0.99
CA ILE C 1293 34.48 15.35 2.35
C ILE C 1293 33.90 16.47 3.21
N CYS C 1294 34.47 17.67 3.10
CA CYS C 1294 34.10 18.77 3.99
C CYS C 1294 32.66 19.20 3.79
N LEU C 1295 32.23 19.33 2.53
CA LEU C 1295 30.85 19.72 2.25
C LEU C 1295 29.87 18.81 2.98
N LYS C 1296 29.95 17.51 2.70
CA LYS C 1296 29.01 16.54 3.23
C LYS C 1296 29.07 16.49 4.75
N TYR C 1297 30.29 16.42 5.31
CA TYR C 1297 30.37 16.19 6.75
C TYR C 1297 30.09 17.47 7.54
N GLY C 1298 30.40 18.65 7.01
CA GLY C 1298 29.94 19.87 7.65
C GLY C 1298 28.43 19.98 7.65
N ARG C 1299 27.79 19.60 6.54
CA ARG C 1299 26.33 19.56 6.51
C ARG C 1299 25.79 18.62 7.58
N LEU C 1300 26.37 17.41 7.67
CA LEU C 1300 25.89 16.43 8.64
C LEU C 1300 26.08 16.92 10.07
N PHE C 1301 27.24 17.51 10.38
CA PHE C 1301 27.48 18.01 11.73
C PHE C 1301 26.54 19.15 12.08
N VAL C 1302 26.30 20.06 11.13
CA VAL C 1302 25.37 21.16 11.39
C VAL C 1302 23.97 20.63 11.66
N GLU C 1303 23.53 19.66 10.86
CA GLU C 1303 22.21 19.06 11.07
C GLU C 1303 22.12 18.39 12.44
N ALA C 1304 23.16 17.65 12.83
CA ALA C 1304 23.17 17.00 14.13
C ALA C 1304 23.14 18.03 15.25
N PHE C 1305 23.91 19.11 15.12
CA PHE C 1305 23.88 20.17 16.11
C PHE C 1305 22.47 20.72 16.28
N LEU C 1306 21.83 21.08 15.16
CA LEU C 1306 20.48 21.62 15.22
C LEU C 1306 19.51 20.65 15.88
N LYS C 1307 19.62 19.37 15.53
CA LYS C 1307 18.68 18.39 16.05
C LYS C 1307 18.87 18.13 17.54
N LEU C 1308 20.12 18.15 18.03
CA LEU C 1308 20.39 17.68 19.38
C LEU C 1308 20.77 18.80 20.35
N ALA C 1309 21.81 19.57 20.04
CA ALA C 1309 22.33 20.52 21.04
C ALA C 1309 21.36 21.66 21.26
N MET C 1310 20.69 22.11 20.20
CA MET C 1310 19.86 23.30 20.29
C MET C 1310 18.71 23.14 21.28
N PRO C 1311 18.00 21.99 21.36
CA PRO C 1311 16.99 21.82 22.42
C PRO C 1311 17.53 22.06 23.82
N LEU C 1312 18.77 21.60 24.07
CA LEU C 1312 19.41 21.92 25.33
C LEU C 1312 19.61 23.43 25.47
N LEU C 1313 20.01 24.08 24.37
CA LEU C 1313 20.29 25.51 24.40
C LEU C 1313 19.05 26.31 24.76
N ASP C 1314 17.88 25.87 24.31
CA ASP C 1314 16.65 26.60 24.60
C ASP C 1314 16.49 26.84 26.10
N HIS C 1315 16.61 25.79 26.90
CA HIS C 1315 16.49 25.93 28.35
C HIS C 1315 17.75 26.51 28.97
N SER C 1316 18.93 26.17 28.44
CA SER C 1316 20.17 26.60 29.07
C SER C 1316 20.48 28.07 28.86
N PHE C 1317 19.77 28.75 27.95
CA PHE C 1317 20.04 30.17 27.72
C PHE C 1317 19.77 30.99 28.98
N LYS C 1318 18.71 30.65 29.72
CA LYS C 1318 18.42 31.39 30.95
C LYS C 1318 19.44 31.09 32.04
N LYS C 1319 19.81 29.83 32.21
CA LYS C 1319 20.78 29.46 33.22
C LYS C 1319 22.16 30.07 32.93
N HIS C 1320 22.58 30.02 31.68
CA HIS C 1320 23.89 30.51 31.27
C HIS C 1320 23.73 31.34 30.02
N ARG C 1321 24.36 32.51 30.00
CA ARG C 1321 24.06 33.51 28.98
C ARG C 1321 25.21 33.80 28.04
N ASP C 1322 26.42 34.03 28.55
CA ASP C 1322 27.55 34.41 27.70
C ASP C 1322 28.23 33.20 27.07
N ASP C 1323 28.36 32.10 27.82
CA ASP C 1323 29.05 30.92 27.31
C ASP C 1323 28.31 30.31 26.14
N VAL C 1324 26.98 30.23 26.22
CA VAL C 1324 26.20 29.77 25.07
C VAL C 1324 26.35 30.74 23.90
N GLN C 1325 26.39 32.04 24.20
CA GLN C 1325 26.63 33.03 23.17
C GLN C 1325 27.99 32.82 22.52
N SER C 1326 29.02 32.53 23.33
CA SER C 1326 30.35 32.29 22.78
C SER C 1326 30.36 31.05 21.89
N LEU C 1327 29.66 30.00 22.32
CA LEU C 1327 29.52 28.82 21.47
C LEU C 1327 28.89 29.18 20.14
N LEU C 1328 27.86 30.03 20.17
CA LEU C 1328 27.23 30.45 18.93
C LEU C 1328 28.19 31.26 18.06
N LYS C 1329 28.99 32.14 18.67
CA LYS C 1329 29.98 32.89 17.89
C LYS C 1329 30.96 31.96 17.20
N THR C 1330 31.43 30.93 17.93
CA THR C 1330 32.34 29.97 17.33
C THR C 1330 31.68 29.22 16.18
N LEU C 1331 30.42 28.82 16.35
CA LEU C 1331 29.71 28.11 15.30
C LEU C 1331 29.56 28.98 14.05
N GLN C 1332 29.19 30.26 14.23
CA GLN C 1332 29.11 31.14 13.07
C GLN C 1332 30.48 31.35 12.44
N LEU C 1333 31.53 31.39 13.24
CA LEU C 1333 32.88 31.51 12.70
C LEU C 1333 33.23 30.32 11.82
N SER C 1334 32.83 29.11 12.23
CA SER C 1334 33.15 27.92 11.45
C SER C 1334 32.26 27.80 10.22
N THR C 1335 30.94 27.77 10.43
CA THR C 1335 30.03 27.42 9.34
C THR C 1335 29.95 28.51 8.27
N ARG C 1336 30.44 29.71 8.58
CA ARG C 1336 30.44 30.78 7.58
C ARG C 1336 31.32 30.44 6.38
N GLN C 1337 32.34 29.60 6.58
CA GLN C 1337 33.22 29.23 5.48
C GLN C 1337 32.56 28.26 4.52
N LEU C 1338 31.57 27.51 4.99
CA LEU C 1338 30.94 26.48 4.16
C LEU C 1338 30.22 27.10 2.98
N HIS C 1339 29.62 28.27 3.17
CA HIS C 1339 29.00 28.98 2.06
C HIS C 1339 30.05 29.36 1.01
N HIS C 1340 31.24 29.78 1.47
CA HIS C 1340 32.32 30.08 0.54
C HIS C 1340 32.72 28.85 -0.26
N MET C 1341 32.78 27.70 0.40
CA MET C 1341 33.11 26.45 -0.29
C MET C 1341 32.04 26.09 -1.31
N CYS C 1342 30.77 26.27 -0.97
CA CYS C 1342 29.70 26.03 -1.93
C CYS C 1342 29.83 26.95 -3.14
N GLY C 1343 30.11 28.23 -2.89
CA GLY C 1343 30.29 29.17 -3.99
C GLY C 1343 31.46 28.83 -4.88
N HIS C 1344 32.58 28.42 -4.26
CA HIS C 1344 33.75 28.01 -5.03
C HIS C 1344 33.44 26.78 -5.87
N SER C 1345 32.70 25.83 -5.30
CA SER C 1345 32.31 24.64 -6.06
C SER C 1345 31.44 25.02 -7.25
N LYS C 1346 30.50 25.94 -7.05
CA LYS C 1346 29.63 26.36 -8.14
C LYS C 1346 30.41 27.11 -9.22
N ILE C 1347 31.40 27.89 -8.83
CA ILE C 1347 32.15 28.71 -9.79
C ILE C 1347 32.86 27.83 -10.80
N HIS C 1348 33.50 26.76 -10.33
CA HIS C 1348 34.30 25.89 -11.19
C HIS C 1348 33.49 24.82 -11.90
N GLN C 1349 32.17 24.81 -11.71
CA GLN C 1349 31.26 23.89 -12.42
C GLN C 1349 31.63 22.43 -12.19
N ASP C 1350 32.09 22.09 -10.98
CA ASP C 1350 32.47 20.73 -10.67
C ASP C 1350 31.21 19.89 -10.47
N LEU C 1351 30.93 18.99 -11.43
CA LEU C 1351 29.73 18.17 -11.35
C LEU C 1351 29.75 17.27 -10.13
N GLY C 1352 30.90 16.65 -9.84
CA GLY C 1352 30.99 15.72 -8.73
C GLY C 1352 31.08 16.36 -7.36
N LEU C 1353 31.29 17.69 -7.30
CA LEU C 1353 31.42 18.39 -6.04
C LEU C 1353 30.25 19.30 -5.72
N THR C 1354 29.58 19.85 -6.74
CA THR C 1354 28.42 20.70 -6.52
C THR C 1354 27.19 19.92 -6.08
N ASN C 1355 27.24 18.58 -6.11
CA ASN C 1355 26.07 17.78 -5.79
C ASN C 1355 25.64 17.93 -4.34
N HIS C 1356 26.51 18.45 -3.47
CA HIS C 1356 26.19 18.60 -2.05
C HIS C 1356 25.79 20.02 -1.66
N VAL C 1357 25.80 20.96 -2.61
CA VAL C 1357 25.53 22.36 -2.27
C VAL C 1357 24.11 22.58 -1.74
N PRO C 1358 23.04 22.09 -2.40
CA PRO C 1358 21.69 22.51 -1.98
C PRO C 1358 21.33 22.10 -0.57
N LEU C 1359 21.59 20.86 -0.19
CA LEU C 1359 21.22 20.38 1.14
C LEU C 1359 21.97 21.16 2.23
N LEU C 1360 23.26 21.42 2.01
CA LEU C 1360 24.02 22.18 2.98
C LEU C 1360 23.49 23.61 3.11
N LYS C 1361 23.17 24.25 1.98
CA LYS C 1361 22.64 25.61 2.05
C LYS C 1361 21.31 25.64 2.78
N LYS C 1362 20.44 24.66 2.52
CA LYS C 1362 19.17 24.58 3.22
C LYS C 1362 19.38 24.39 4.72
N SER C 1363 20.34 23.53 5.09
CA SER C 1363 20.62 23.31 6.50
C SER C 1363 21.17 24.55 7.18
N LEU C 1364 22.00 25.32 6.46
CA LEU C 1364 22.52 26.56 7.04
C LEU C 1364 21.41 27.57 7.27
N GLU C 1365 20.48 27.69 6.32
CA GLU C 1365 19.32 28.56 6.54
C GLU C 1365 18.48 28.08 7.71
N GLN C 1366 18.32 26.75 7.83
CA GLN C 1366 17.57 26.18 8.94
C GLN C 1366 18.22 26.53 10.27
N PHE C 1367 19.55 26.48 10.34
CA PHE C 1367 20.26 26.90 11.55
C PHE C 1367 20.03 28.39 11.82
N VAL C 1368 20.10 29.21 10.78
CA VAL C 1368 19.91 30.64 10.94
C VAL C 1368 18.57 30.94 11.59
N TYR C 1369 17.52 30.23 11.17
CA TYR C 1369 16.20 30.50 11.74
C TYR C 1369 15.92 29.74 13.02
N ARG C 1370 16.58 28.60 13.25
CA ARG C 1370 16.40 27.91 14.52
C ARG C 1370 17.03 28.71 15.65
N VAL C 1371 18.06 29.51 15.32
CA VAL C 1371 18.59 30.46 16.32
C VAL C 1371 17.52 31.48 16.69
N LYS C 1372 16.75 31.96 15.71
CA LYS C 1372 15.61 32.82 16.01
C LYS C 1372 14.62 32.12 16.93
N ALA C 1373 14.34 30.85 16.66
CA ALA C 1373 13.42 30.10 17.51
C ALA C 1373 13.94 30.02 18.94
N MET C 1374 15.22 29.74 19.11
CA MET C 1374 15.79 29.66 20.45
C MET C 1374 15.71 31.01 21.16
N LEU C 1375 15.99 32.09 20.43
CA LEU C 1375 15.84 33.42 21.01
C LEU C 1375 14.39 33.67 21.43
N ALA C 1376 13.45 33.13 20.67
CA ALA C 1376 12.03 33.26 21.02
C ALA C 1376 11.69 32.47 22.28
N PHE C 1377 12.39 31.36 22.51
CA PHE C 1377 12.13 30.57 23.71
C PHE C 1377 12.32 31.37 24.99
N ASN C 1378 13.17 32.40 24.94
CA ASN C 1378 13.49 33.20 26.12
C ASN C 1378 13.11 34.67 25.92
N HIS C 1379 12.19 34.93 24.99
CA HIS C 1379 11.64 36.26 24.74
C HIS C 1379 12.75 37.27 24.43
N CYS C 1380 13.54 36.94 23.40
CA CYS C 1380 14.59 37.82 22.90
C CYS C 1380 14.40 37.94 21.39
N GLN C 1381 13.55 38.88 20.97
CA GLN C 1381 13.17 38.98 19.57
C GLN C 1381 13.73 40.22 18.88
N GLU C 1382 14.04 41.27 19.63
CA GLU C 1382 14.76 42.40 19.07
C GLU C 1382 16.27 42.22 19.13
N ALA C 1383 16.74 41.11 19.69
CA ALA C 1383 18.16 40.81 19.80
C ALA C 1383 18.67 39.97 18.66
N PHE C 1384 17.84 39.71 17.65
CA PHE C 1384 18.24 38.94 16.48
C PHE C 1384 18.30 39.85 15.26
N TRP C 1385 19.25 39.57 14.37
CA TRP C 1385 19.40 40.35 13.15
C TRP C 1385 20.03 39.45 12.10
N VAL C 1386 19.20 38.93 11.19
CA VAL C 1386 19.68 38.11 10.08
C VAL C 1386 20.14 39.04 8.96
N GLY C 1387 21.42 38.96 8.61
CA GLY C 1387 22.00 39.86 7.63
C GLY C 1387 22.63 39.11 6.46
N VAL C 1388 22.82 39.84 5.37
CA VAL C 1388 23.39 39.26 4.16
C VAL C 1388 24.84 38.88 4.40
N LEU C 1389 25.23 37.70 3.93
CA LEU C 1389 26.60 37.22 4.04
C LEU C 1389 27.34 37.54 2.75
N LYS C 1390 28.45 38.25 2.85
CA LYS C 1390 29.24 38.59 1.68
C LYS C 1390 29.97 37.35 1.17
N ASN C 1391 29.75 37.01 -0.09
CA ASN C 1391 30.40 35.83 -0.65
C ASN C 1391 31.90 36.04 -0.74
N ARG C 1392 32.65 35.01 -0.35
CA ARG C 1392 34.11 35.06 -0.36
C ARG C 1392 34.65 33.80 -1.02
N ASP C 1393 35.84 33.92 -1.60
CA ASP C 1393 36.56 32.75 -2.06
C ASP C 1393 37.12 31.99 -0.86
N LEU C 1394 37.60 30.78 -1.11
CA LEU C 1394 38.32 30.03 -0.09
C LEU C 1394 39.47 30.89 0.42
N GLN C 1395 39.40 31.29 1.69
CA GLN C 1395 40.36 32.20 2.34
C GLN C 1395 40.61 33.47 1.51
N GLY C 1396 39.67 33.83 0.64
CA GLY C 1396 39.84 34.97 -0.23
C GLY C 1396 38.70 35.96 -0.20
N GLU C 1397 38.25 36.39 -1.37
CA GLU C 1397 37.21 37.41 -1.47
C GLU C 1397 36.41 37.18 -2.76
N GLU C 1398 35.10 37.34 -2.67
CA GLU C 1398 34.18 37.20 -3.79
C GLU C 1398 34.27 35.80 -4.42
N GLU D 209 -1.27 -15.30 -46.71
CA GLU D 209 0.12 -15.63 -46.43
C GLU D 209 0.52 -15.21 -45.04
N ILE D 210 -0.44 -14.67 -44.29
CA ILE D 210 -0.20 -14.20 -42.93
C ILE D 210 -0.17 -15.37 -41.93
N PRO D 211 -1.07 -16.36 -42.01
CA PRO D 211 -0.96 -17.51 -41.09
C PRO D 211 0.36 -18.25 -41.24
N PRO D 212 0.85 -18.52 -42.47
CA PRO D 212 2.18 -19.13 -42.57
C PRO D 212 3.28 -18.26 -41.97
N LEU D 213 3.17 -16.95 -42.14
CA LEU D 213 4.18 -16.05 -41.57
C LEU D 213 4.17 -16.12 -40.04
N VAL D 214 2.99 -16.03 -39.43
CA VAL D 214 2.94 -16.10 -37.97
C VAL D 214 3.38 -17.48 -37.49
N TYR D 215 3.13 -18.52 -38.30
CA TYR D 215 3.59 -19.85 -37.92
C TYR D 215 5.11 -19.93 -37.87
N GLN D 216 5.77 -19.41 -38.90
CA GLN D 216 7.23 -19.43 -38.88
C GLN D 216 7.79 -18.51 -37.79
N LEU D 217 7.09 -17.41 -37.48
CA LEU D 217 7.58 -16.54 -36.40
C LEU D 217 7.49 -17.22 -35.04
N LEU D 218 6.39 -17.91 -34.72
CA LEU D 218 6.36 -18.52 -33.38
C LEU D 218 7.22 -19.78 -33.35
N LEU D 219 7.44 -20.42 -34.50
CA LEU D 219 8.44 -21.48 -34.55
C LEU D 219 9.83 -20.94 -34.25
N LEU D 220 10.18 -19.78 -34.81
CA LEU D 220 11.46 -19.15 -34.49
C LEU D 220 11.53 -18.74 -33.04
N SER D 221 10.43 -18.19 -32.50
CA SER D 221 10.43 -17.73 -31.12
C SER D 221 10.49 -18.88 -30.12
N ALA D 222 10.02 -20.06 -30.52
CA ALA D 222 10.03 -21.21 -29.61
C ALA D 222 11.45 -21.60 -29.25
N LYS D 223 12.37 -21.57 -30.22
CA LYS D 223 13.75 -21.97 -29.99
C LYS D 223 14.73 -20.81 -30.11
N GLY D 224 14.60 -19.98 -31.14
CA GLY D 224 15.53 -18.90 -31.39
C GLY D 224 15.15 -17.61 -30.70
N SER D 225 15.56 -16.50 -31.31
CA SER D 225 15.33 -15.18 -30.73
C SER D 225 13.84 -14.85 -30.72
N LYS D 226 13.46 -13.98 -29.78
CA LYS D 226 12.06 -13.61 -29.59
C LYS D 226 11.87 -12.13 -29.32
N LYS D 227 12.81 -11.27 -29.73
CA LYS D 227 12.79 -9.88 -29.33
C LYS D 227 11.86 -9.04 -30.20
N THR D 228 12.16 -8.95 -31.50
CA THR D 228 11.45 -8.03 -32.39
C THR D 228 10.29 -8.68 -33.13
N VAL D 229 10.08 -10.00 -32.99
CA VAL D 229 8.99 -10.65 -33.68
C VAL D 229 7.64 -10.15 -33.18
N LEU D 230 7.51 -9.99 -31.86
CA LEU D 230 6.25 -9.53 -31.29
C LEU D 230 5.92 -8.11 -31.75
N GLU D 231 6.93 -7.23 -31.77
CA GLU D 231 6.70 -5.86 -32.24
C GLU D 231 6.24 -5.85 -33.68
N GLY D 232 6.90 -6.65 -34.53
CA GLY D 232 6.51 -6.71 -35.92
C GLY D 232 5.10 -7.21 -36.12
N ILE D 233 4.73 -8.29 -35.41
CA ILE D 233 3.39 -8.85 -35.61
C ILE D 233 2.33 -7.91 -35.07
N ILE D 234 2.59 -7.24 -33.94
CA ILE D 234 1.58 -6.34 -33.40
C ILE D 234 1.42 -5.12 -34.30
N SER D 235 2.51 -4.61 -34.88
CA SER D 235 2.40 -3.48 -35.81
C SER D 235 1.63 -3.89 -37.07
N PHE D 236 1.95 -5.08 -37.61
CA PHE D 236 1.26 -5.54 -38.81
C PHE D 236 -0.22 -5.73 -38.55
N PHE D 237 -0.59 -6.32 -37.41
CA PHE D 237 -2.01 -6.52 -37.18
C PHE D 237 -2.68 -5.22 -36.77
N ASN D 238 -1.92 -4.26 -36.24
CA ASN D 238 -2.47 -2.93 -36.01
C ASN D 238 -2.89 -2.27 -37.32
N GLN D 239 -2.01 -2.29 -38.33
CA GLN D 239 -2.38 -1.70 -39.61
C GLN D 239 -3.48 -2.51 -40.28
N LEU D 240 -3.46 -3.84 -40.11
CA LEU D 240 -4.54 -4.67 -40.65
C LEU D 240 -5.89 -4.31 -40.05
N ASP D 241 -5.93 -4.12 -38.72
CA ASP D 241 -7.18 -3.78 -38.05
C ASP D 241 -7.63 -2.37 -38.42
N LYS D 242 -6.69 -1.42 -38.52
CA LYS D 242 -7.07 -0.07 -38.90
C LYS D 242 -7.60 -0.03 -40.33
N ARG D 243 -7.14 -0.96 -41.18
CA ARG D 243 -7.75 -1.10 -42.50
C ARG D 243 -9.15 -1.69 -42.36
N GLN D 244 -9.27 -2.78 -41.60
CA GLN D 244 -10.52 -3.55 -41.56
C GLN D 244 -11.68 -2.71 -41.00
N LYS D 245 -11.40 -1.92 -39.95
CA LYS D 245 -12.47 -1.13 -39.34
C LYS D 245 -13.03 -0.08 -40.30
N GLU D 246 -12.27 0.31 -41.31
CA GLU D 246 -12.75 1.26 -42.31
C GLU D 246 -13.67 0.58 -43.30
N LEU D 263 -15.02 -9.84 -43.06
CA LEU D 263 -15.20 -9.55 -41.64
C LEU D 263 -15.01 -10.83 -40.84
N ASP D 264 -15.89 -11.81 -41.07
CA ASP D 264 -15.78 -13.09 -40.36
C ASP D 264 -14.48 -13.80 -40.70
N GLN D 265 -14.07 -13.76 -41.98
CA GLN D 265 -12.81 -14.36 -42.38
C GLN D 265 -11.61 -13.70 -41.70
N LEU D 266 -11.76 -12.46 -41.25
CA LEU D 266 -10.71 -11.80 -40.48
C LEU D 266 -10.83 -12.10 -39.00
N ARG D 267 -12.06 -12.14 -38.46
CA ARG D 267 -12.24 -12.43 -37.05
C ARG D 267 -11.76 -13.84 -36.70
N HIS D 268 -12.08 -14.82 -37.54
CA HIS D 268 -11.66 -16.19 -37.27
C HIS D 268 -10.14 -16.31 -37.27
N VAL D 269 -9.49 -15.73 -38.27
CA VAL D 269 -8.03 -15.84 -38.34
C VAL D 269 -7.37 -15.07 -37.20
N GLU D 270 -7.96 -13.93 -36.80
CA GLU D 270 -7.40 -13.18 -35.68
C GLU D 270 -7.55 -13.97 -34.38
N GLY D 271 -8.68 -14.67 -34.21
CA GLY D 271 -8.82 -15.54 -33.06
C GLY D 271 -7.82 -16.67 -33.07
N THR D 272 -7.56 -17.24 -34.25
CA THR D 272 -6.59 -18.33 -34.34
C THR D 272 -5.18 -17.85 -33.99
N VAL D 273 -4.78 -16.67 -34.48
CA VAL D 273 -3.43 -16.19 -34.17
C VAL D 273 -3.34 -15.78 -32.71
N ILE D 274 -4.43 -15.26 -32.14
CA ILE D 274 -4.44 -14.98 -30.70
C ILE D 274 -4.24 -16.26 -29.90
N LEU D 275 -4.94 -17.33 -30.30
CA LEU D 275 -4.77 -18.61 -29.62
C LEU D 275 -3.34 -19.14 -29.79
N HIS D 276 -2.76 -18.96 -30.97
CA HIS D 276 -1.39 -19.40 -31.18
C HIS D 276 -0.42 -18.63 -30.29
N ILE D 277 -0.63 -17.32 -30.15
CA ILE D 277 0.27 -16.52 -29.32
C ILE D 277 0.10 -16.88 -27.84
N VAL D 278 -1.14 -17.14 -27.40
CA VAL D 278 -1.35 -17.50 -26.01
C VAL D 278 -0.76 -18.89 -25.74
N SER D 279 -0.83 -19.79 -26.70
CA SER D 279 -0.16 -21.08 -26.56
C SER D 279 1.36 -20.90 -26.49
N ALA D 280 1.89 -19.97 -27.30
CA ALA D 280 3.32 -19.70 -27.28
C ALA D 280 3.77 -19.18 -25.93
N ILE D 281 3.03 -18.22 -25.36
CA ILE D 281 3.41 -17.68 -24.06
C ILE D 281 3.22 -18.72 -22.97
N ASN D 282 2.23 -19.61 -23.12
CA ASN D 282 2.05 -20.70 -22.16
C ASN D 282 3.25 -21.64 -22.18
N LEU D 283 3.63 -22.12 -23.37
CA LEU D 283 4.76 -23.03 -23.47
C LEU D 283 6.09 -22.29 -23.33
N ASP D 284 6.25 -21.16 -23.99
CA ASP D 284 7.47 -20.34 -23.94
C ASP D 284 7.11 -19.08 -23.16
N GLN D 285 7.29 -19.14 -21.84
CA GLN D 285 6.92 -18.04 -20.97
C GLN D 285 7.86 -16.85 -21.07
N ASP D 286 8.98 -17.00 -21.77
CA ASP D 286 9.96 -15.92 -21.88
C ASP D 286 9.60 -14.86 -22.91
N ILE D 287 8.52 -15.06 -23.67
CA ILE D 287 8.12 -14.09 -24.68
C ILE D 287 7.20 -13.00 -24.13
N GLY D 288 6.75 -13.12 -22.88
CA GLY D 288 5.85 -12.15 -22.31
C GLY D 288 6.55 -11.01 -21.59
N GLU D 289 7.69 -11.32 -20.97
CA GLU D 289 8.45 -10.27 -20.29
C GLU D 289 8.97 -9.23 -21.28
N GLU D 290 9.39 -9.68 -22.46
CA GLU D 290 9.89 -8.77 -23.49
C GLU D 290 8.74 -7.93 -24.07
N ILE D 292 6.19 -7.21 -21.93
CA ILE D 292 5.66 -6.12 -21.11
C ILE D 292 6.64 -4.96 -21.09
N LYS D 293 7.94 -5.27 -21.12
CA LYS D 293 8.96 -4.23 -21.08
C LYS D 293 8.89 -3.34 -22.31
N HIS D 294 8.68 -3.93 -23.49
CA HIS D 294 8.59 -3.13 -24.70
C HIS D 294 7.39 -2.19 -24.66
N LEU D 295 6.24 -2.69 -24.21
CA LEU D 295 5.06 -1.85 -24.12
C LEU D 295 5.25 -0.73 -23.09
N LYS D 296 5.88 -1.06 -21.95
CA LYS D 296 6.13 -0.05 -20.93
C LYS D 296 7.07 1.03 -21.45
N THR D 297 8.11 0.63 -22.18
CA THR D 297 9.03 1.62 -22.75
C THR D 297 8.34 2.48 -23.80
N GLU D 298 7.48 1.87 -24.62
CA GLU D 298 6.74 2.64 -25.61
C GLU D 298 5.81 3.65 -24.94
N GLN D 299 5.15 3.24 -23.86
CA GLN D 299 4.28 4.17 -23.12
C GLN D 299 5.09 5.29 -22.48
N GLN D 300 6.25 4.95 -21.91
CA GLN D 300 7.07 5.97 -21.24
C GLN D 300 7.63 6.98 -22.24
N LYS D 301 8.05 6.50 -23.42
CA LYS D 301 8.60 7.41 -24.43
C LYS D 301 7.57 8.46 -24.84
N ASP D 302 6.33 8.03 -25.05
CA ASP D 302 5.22 8.93 -25.33
C ASP D 302 3.93 8.27 -24.83
N PRO D 303 3.26 8.87 -23.85
CA PRO D 303 2.07 8.24 -23.28
C PRO D 303 0.95 8.08 -24.30
N GLY D 304 0.17 7.04 -24.10
CA GLY D 304 -0.96 6.75 -24.97
C GLY D 304 -0.73 5.79 -26.11
N LYS D 305 0.26 6.06 -26.94
CA LYS D 305 0.48 5.25 -28.14
C LYS D 305 1.17 3.93 -27.80
N ALA D 306 0.62 3.18 -26.85
CA ALA D 306 1.10 1.85 -26.53
C ALA D 306 0.00 0.82 -26.36
N LEU D 307 -1.23 1.22 -26.05
CA LEU D 307 -2.32 0.28 -25.79
C LEU D 307 -3.16 0.09 -27.04
N CYS D 308 -2.54 -0.52 -28.04
CA CYS D 308 -3.24 -0.85 -29.28
C CYS D 308 -4.30 -1.91 -29.02
N PRO D 309 -5.38 -1.92 -29.80
CA PRO D 309 -6.46 -2.91 -29.55
C PRO D 309 -5.97 -4.34 -29.58
N PHE D 310 -5.10 -4.69 -30.53
CA PHE D 310 -4.58 -6.06 -30.55
C PHE D 310 -3.57 -6.29 -29.43
N SER D 311 -2.76 -5.27 -29.11
CA SER D 311 -1.85 -5.41 -27.99
C SER D 311 -2.61 -5.64 -26.69
N VAL D 312 -3.67 -4.86 -26.45
CA VAL D 312 -4.43 -5.02 -25.23
C VAL D 312 -5.18 -6.35 -25.22
N SER D 313 -5.68 -6.78 -26.38
CA SER D 313 -6.33 -8.09 -26.43
C SER D 313 -5.35 -9.21 -26.11
N LEU D 314 -4.12 -9.12 -26.63
CA LEU D 314 -3.12 -10.14 -26.37
C LEU D 314 -2.75 -10.19 -24.89
N LEU D 315 -2.46 -9.03 -24.29
CA LEU D 315 -2.11 -9.04 -22.87
C LEU D 315 -3.30 -9.45 -22.02
N LEU D 316 -4.52 -9.12 -22.45
CA LEU D 316 -5.71 -9.53 -21.72
C LEU D 316 -5.87 -11.04 -21.75
N SER D 317 -5.59 -11.65 -22.91
CA SER D 317 -5.62 -13.11 -23.00
C SER D 317 -4.55 -13.73 -22.12
N THR D 318 -3.36 -13.13 -22.10
CA THR D 318 -2.27 -13.67 -21.27
C THR D 318 -2.47 -13.39 -19.79
N ALA D 319 -3.40 -12.51 -19.43
CA ALA D 319 -3.62 -12.17 -18.03
C ALA D 319 -4.11 -13.35 -17.20
N VAL D 320 -4.64 -14.38 -17.82
CA VAL D 320 -5.13 -15.56 -17.11
C VAL D 320 -4.12 -16.71 -17.16
N LYS D 321 -2.84 -16.39 -17.38
CA LYS D 321 -1.80 -17.40 -17.51
C LYS D 321 -1.35 -17.97 -16.18
N HIS D 322 -1.79 -17.39 -15.06
CA HIS D 322 -1.37 -17.73 -13.69
C HIS D 322 0.08 -17.30 -13.42
N ARG D 323 0.79 -16.81 -14.43
CA ARG D 323 2.16 -16.33 -14.28
C ARG D 323 2.24 -14.93 -14.85
N LEU D 324 2.96 -14.05 -14.15
CA LEU D 324 3.17 -12.65 -14.55
C LEU D 324 1.85 -11.89 -14.66
N GLN D 325 0.81 -12.35 -13.99
CA GLN D 325 -0.48 -11.67 -14.05
C GLN D 325 -0.39 -10.28 -13.40
N GLU D 326 0.25 -10.20 -12.23
CA GLU D 326 0.23 -8.97 -11.47
C GLU D 326 0.99 -7.84 -12.15
N GLN D 327 2.11 -8.16 -12.80
CA GLN D 327 2.88 -7.13 -13.50
C GLN D 327 2.07 -6.54 -14.64
N ILE D 328 1.55 -7.40 -15.52
CA ILE D 328 0.68 -6.94 -16.60
C ILE D 328 -0.51 -6.18 -16.03
N PHE D 329 -1.08 -6.68 -14.94
CA PHE D 329 -2.33 -6.14 -14.44
C PHE D 329 -2.13 -4.74 -13.86
N ASP D 330 -1.06 -4.53 -13.09
CA ASP D 330 -0.82 -3.21 -12.56
C ASP D 330 -0.32 -2.26 -13.65
N PHE D 331 0.33 -2.78 -14.70
CA PHE D 331 0.60 -1.95 -15.85
C PHE D 331 -0.69 -1.43 -16.47
N LEU D 332 -1.68 -2.31 -16.65
CA LEU D 332 -2.97 -1.87 -17.16
C LEU D 332 -3.64 -0.89 -16.22
N LYS D 333 -3.55 -1.14 -14.91
CA LYS D 333 -4.18 -0.25 -13.94
C LYS D 333 -3.59 1.15 -14.03
N THR D 334 -2.26 1.27 -14.03
CA THR D 334 -1.66 2.59 -14.11
C THR D 334 -1.93 3.24 -15.47
N SER D 335 -1.96 2.44 -16.54
CA SER D 335 -2.24 3.00 -17.86
C SER D 335 -3.66 3.56 -17.93
N ILE D 336 -4.64 2.81 -17.42
CA ILE D 336 -6.02 3.26 -17.52
C ILE D 336 -6.28 4.45 -16.59
N THR D 337 -5.68 4.45 -15.40
CA THR D 337 -5.86 5.61 -14.53
C THR D 337 -5.17 6.84 -15.09
N ARG D 338 -4.01 6.66 -15.74
CA ARG D 338 -3.36 7.77 -16.41
C ARG D 338 -4.22 8.29 -17.56
N SER D 339 -4.83 7.38 -18.32
CA SER D 339 -5.68 7.80 -19.44
C SER D 339 -6.91 8.54 -18.96
N CYS D 340 -7.55 8.07 -17.88
CA CYS D 340 -8.74 8.75 -17.39
C CYS D 340 -8.37 10.10 -16.79
N LYS D 341 -7.23 10.19 -16.10
CA LYS D 341 -6.76 11.49 -15.62
C LYS D 341 -6.47 12.42 -16.79
N ASP D 342 -5.87 11.90 -17.86
CA ASP D 342 -5.59 12.72 -19.03
C ASP D 342 -6.87 13.24 -19.66
N LEU D 343 -7.88 12.37 -19.77
CA LEU D 343 -9.17 12.80 -20.29
C LEU D 343 -9.80 13.86 -19.39
N GLN D 344 -9.67 13.69 -18.08
CA GLN D 344 -10.19 14.69 -17.15
C GLN D 344 -9.50 16.04 -17.34
N ILE D 345 -8.18 16.02 -17.52
CA ILE D 345 -7.44 17.26 -17.72
C ILE D 345 -7.84 17.92 -19.04
N LEU D 346 -7.97 17.11 -20.10
CA LEU D 346 -8.33 17.66 -21.40
C LEU D 346 -9.74 18.25 -21.37
N GLN D 347 -10.68 17.57 -20.69
CA GLN D 347 -12.00 18.15 -20.46
C GLN D 347 -11.95 19.35 -19.53
N ALA D 348 -10.88 19.49 -18.76
CA ALA D 348 -10.66 20.66 -17.93
C ALA D 348 -9.71 21.68 -18.55
N SER D 349 -9.19 21.39 -19.74
CA SER D 349 -8.27 22.32 -20.40
C SER D 349 -8.29 22.05 -21.90
N LYS D 350 -8.89 22.96 -22.66
CA LYS D 350 -8.87 22.85 -24.12
C LYS D 350 -7.54 23.28 -24.72
N PHE D 351 -6.75 24.08 -24.01
CA PHE D 351 -5.44 24.48 -24.49
C PHE D 351 -4.53 23.26 -24.64
N LEU D 352 -4.59 22.33 -23.69
CA LEU D 352 -3.87 21.08 -23.83
C LEU D 352 -4.41 20.27 -25.00
N GLN D 353 -5.73 20.28 -25.19
CA GLN D 353 -6.30 19.68 -26.39
C GLN D 353 -5.79 20.41 -27.64
N ASP D 354 -5.57 21.71 -27.54
CA ASP D 354 -5.08 22.48 -28.69
C ASP D 354 -3.68 22.04 -29.08
N LEU D 355 -2.75 22.02 -28.13
CA LEU D 355 -1.38 21.66 -28.46
C LEU D 355 -1.13 20.15 -28.44
N CYS D 356 -2.03 19.37 -27.84
CA CYS D 356 -1.90 17.91 -27.82
C CYS D 356 -3.20 17.29 -28.29
N PRO D 357 -3.50 17.39 -29.59
CA PRO D 357 -4.71 16.74 -30.11
C PRO D 357 -4.68 15.24 -30.00
N GLN D 358 -3.49 14.65 -29.95
CA GLN D 358 -3.36 13.21 -29.78
C GLN D 358 -3.93 12.78 -28.43
N GLN D 359 -5.05 12.08 -28.46
CA GLN D 359 -5.68 11.54 -27.26
C GLN D 359 -5.78 10.03 -27.40
N TYR D 360 -5.54 9.32 -26.30
CA TYR D 360 -5.64 7.87 -26.28
C TYR D 360 -6.58 7.50 -25.14
N ASP D 361 -7.84 7.28 -25.48
CA ASP D 361 -8.88 6.97 -24.50
C ASP D 361 -8.97 5.45 -24.37
N VAL D 362 -8.31 4.91 -23.34
CA VAL D 362 -8.25 3.46 -23.16
C VAL D 362 -9.63 2.88 -22.86
N THR D 363 -10.56 3.67 -22.32
CA THR D 363 -11.90 3.15 -22.05
C THR D 363 -12.54 2.63 -23.32
N ALA D 364 -12.48 3.42 -24.40
CA ALA D 364 -13.14 3.04 -25.65
C ALA D 364 -12.53 1.79 -26.26
N VAL D 365 -11.21 1.72 -26.31
CA VAL D 365 -10.55 0.57 -26.93
C VAL D 365 -10.73 -0.68 -26.08
N ILE D 366 -10.83 -0.51 -24.76
CA ILE D 366 -11.01 -1.69 -23.90
C ILE D 366 -12.48 -2.11 -23.88
N LEU D 367 -13.39 -1.20 -24.21
CA LEU D 367 -14.78 -1.58 -24.41
C LEU D 367 -15.07 -1.94 -25.86
N GLU D 368 -14.07 -1.88 -26.74
CA GLU D 368 -14.21 -2.36 -28.10
C GLU D 368 -13.81 -3.82 -28.21
N VAL D 369 -12.95 -4.31 -27.32
CA VAL D 369 -12.54 -5.70 -27.34
C VAL D 369 -13.74 -6.61 -27.13
N VAL D 370 -14.62 -6.26 -26.18
CA VAL D 370 -15.83 -7.05 -25.95
C VAL D 370 -16.71 -7.03 -27.19
N LYS D 371 -16.75 -5.90 -27.89
CA LYS D 371 -17.46 -5.84 -29.17
C LYS D 371 -16.85 -6.82 -30.17
N ASN D 372 -15.53 -6.95 -30.18
CA ASN D 372 -14.84 -7.92 -31.01
C ASN D 372 -14.81 -9.31 -30.40
N SER D 373 -15.14 -9.45 -29.11
CA SER D 373 -15.10 -10.73 -28.41
C SER D 373 -16.38 -11.54 -28.61
N ALA D 374 -17.17 -11.24 -29.64
CA ALA D 374 -18.39 -11.96 -29.94
C ALA D 374 -18.17 -13.06 -30.98
N PHE D 375 -16.96 -13.63 -31.02
CA PHE D 375 -16.60 -14.63 -32.01
C PHE D 375 -15.91 -15.82 -31.34
N GLY D 376 -16.48 -16.28 -30.24
CA GLY D 376 -16.00 -17.48 -29.58
C GLY D 376 -14.72 -17.33 -28.80
N TRP D 377 -14.38 -16.12 -28.36
CA TRP D 377 -13.17 -15.92 -27.56
C TRP D 377 -13.46 -16.26 -26.10
N ASP D 378 -12.76 -17.27 -25.58
CA ASP D 378 -12.99 -17.79 -24.23
C ASP D 378 -11.98 -17.25 -23.22
N HIS D 379 -10.68 -17.45 -23.48
CA HIS D 379 -9.67 -16.91 -22.57
C HIS D 379 -9.66 -15.39 -22.60
N VAL D 380 -10.01 -14.79 -23.74
CA VAL D 380 -10.18 -13.34 -23.79
C VAL D 380 -11.27 -12.91 -22.83
N THR D 381 -12.39 -13.63 -22.82
CA THR D 381 -13.49 -13.31 -21.91
C THR D 381 -13.08 -13.52 -20.46
N GLN D 382 -12.30 -14.57 -20.19
CA GLN D 382 -11.80 -14.80 -18.83
C GLN D 382 -10.92 -13.64 -18.38
N GLY D 383 -10.03 -13.17 -19.27
CA GLY D 383 -9.23 -12.00 -18.95
C GLY D 383 -10.09 -10.78 -18.70
N LEU D 384 -11.13 -10.59 -19.51
CA LEU D 384 -12.02 -9.45 -19.33
C LEU D 384 -12.69 -9.48 -17.96
N VAL D 385 -13.23 -10.64 -17.57
CA VAL D 385 -13.96 -10.72 -16.31
C VAL D 385 -13.01 -10.60 -15.12
N ASP D 386 -11.81 -11.17 -15.23
CA ASP D 386 -10.81 -10.98 -14.18
C ASP D 386 -10.42 -9.52 -14.05
N LEU D 387 -10.25 -8.84 -15.20
CA LEU D 387 -9.87 -7.43 -15.17
C LEU D 387 -10.96 -6.60 -14.50
N GLY D 388 -12.22 -6.88 -14.81
CA GLY D 388 -13.31 -6.17 -14.15
C GLY D 388 -13.38 -6.45 -12.66
N PHE D 389 -13.22 -7.73 -12.28
CA PHE D 389 -13.26 -8.07 -10.86
C PHE D 389 -12.20 -7.30 -10.08
N SER D 390 -10.98 -7.30 -10.58
CA SER D 390 -9.95 -6.52 -9.90
C SER D 390 -10.14 -5.02 -10.08
N LEU D 391 -10.93 -4.59 -11.07
CA LEU D 391 -11.26 -3.17 -11.18
C LEU D 391 -12.13 -2.71 -10.03
N MET D 392 -13.23 -3.43 -9.78
CA MET D 392 -14.00 -3.15 -8.57
C MET D 392 -13.18 -3.35 -7.30
N GLU D 393 -12.23 -4.29 -7.33
CA GLU D 393 -11.34 -4.45 -6.17
C GLU D 393 -10.49 -3.21 -5.94
N SER D 394 -9.92 -2.65 -7.02
CA SER D 394 -8.97 -1.56 -6.91
C SER D 394 -9.62 -0.19 -6.82
N TYR D 395 -10.94 -0.11 -7.04
CA TYR D 395 -11.62 1.17 -6.86
C TYR D 395 -11.40 1.72 -5.45
N GLU D 396 -11.68 0.91 -4.44
CA GLU D 396 -11.53 1.33 -3.05
C GLU D 396 -11.64 0.13 -2.12
N MET D 415 -13.45 12.24 -10.71
CA MET D 415 -12.66 11.41 -9.82
C MET D 415 -12.26 10.13 -10.56
N PRO D 416 -10.96 9.89 -10.68
CA PRO D 416 -10.48 8.71 -11.42
C PRO D 416 -11.02 7.39 -10.88
N ALA D 417 -11.25 7.29 -9.56
CA ALA D 417 -11.82 6.06 -9.01
C ALA D 417 -13.26 5.85 -9.50
N GLN D 418 -14.04 6.94 -9.55
CA GLN D 418 -15.40 6.84 -10.08
C GLN D 418 -15.38 6.47 -11.55
N GLN D 419 -14.44 7.03 -12.32
CA GLN D 419 -14.29 6.64 -13.71
C GLN D 419 -13.90 5.17 -13.84
N ALA D 420 -13.07 4.68 -12.92
CA ALA D 420 -12.73 3.26 -12.91
C ALA D 420 -13.97 2.40 -12.65
N CYS D 421 -14.82 2.83 -11.72
CA CYS D 421 -16.09 2.13 -11.49
C CYS D 421 -16.95 2.12 -12.75
N LYS D 422 -17.03 3.27 -13.42
CA LYS D 422 -17.84 3.35 -14.64
C LYS D 422 -17.31 2.41 -15.72
N LEU D 423 -15.98 2.42 -15.91
CA LEU D 423 -15.37 1.53 -16.91
C LEU D 423 -15.61 0.07 -16.55
N GLY D 424 -15.44 -0.29 -15.27
CA GLY D 424 -15.64 -1.68 -14.88
C GLY D 424 -17.07 -2.13 -15.06
N ALA D 425 -18.04 -1.29 -14.67
CA ALA D 425 -19.43 -1.61 -14.90
C ALA D 425 -19.72 -1.79 -16.39
N SER D 426 -19.16 -0.89 -17.22
CA SER D 426 -19.40 -0.99 -18.66
C SER D 426 -18.85 -2.30 -19.21
N ILE D 427 -17.61 -2.64 -18.88
CA ILE D 427 -17.00 -3.84 -19.47
C ILE D 427 -17.71 -5.08 -18.96
N LEU D 428 -18.08 -5.10 -17.67
CA LEU D 428 -18.80 -6.25 -17.14
C LEU D 428 -20.15 -6.42 -17.83
N LEU D 429 -20.87 -5.31 -18.05
CA LEU D 429 -22.16 -5.39 -18.72
C LEU D 429 -21.99 -5.89 -20.15
N GLU D 430 -20.98 -5.39 -20.87
CA GLU D 430 -20.78 -5.84 -22.25
C GLU D 430 -20.42 -7.31 -22.31
N THR D 431 -19.52 -7.77 -21.43
CA THR D 431 -19.11 -9.16 -21.48
C THR D 431 -20.21 -10.09 -20.97
N PHE D 432 -21.13 -9.57 -20.16
CA PHE D 432 -22.30 -10.36 -19.77
C PHE D 432 -23.34 -10.42 -20.87
N LYS D 433 -23.50 -9.35 -21.64
CA LYS D 433 -24.59 -9.28 -22.61
C LYS D 433 -24.34 -10.18 -23.81
N VAL D 434 -23.09 -10.26 -24.28
CA VAL D 434 -22.79 -10.93 -25.54
C VAL D 434 -22.19 -12.32 -25.37
N HIS D 435 -21.62 -12.63 -24.21
CA HIS D 435 -21.02 -13.94 -23.97
C HIS D 435 -22.01 -14.81 -23.21
N GLU D 436 -22.44 -15.89 -23.85
CA GLU D 436 -23.46 -16.79 -23.30
C GLU D 436 -22.93 -17.70 -22.20
N PRO D 437 -21.90 -18.53 -22.43
CA PRO D 437 -21.56 -19.55 -21.44
C PRO D 437 -20.84 -19.01 -20.21
N ILE D 438 -20.43 -17.74 -20.21
CA ILE D 438 -19.73 -17.17 -19.07
C ILE D 438 -20.60 -16.22 -18.25
N ARG D 439 -21.82 -15.92 -18.72
CA ARG D 439 -22.68 -15.00 -17.99
C ARG D 439 -23.02 -15.52 -16.59
N SER D 440 -23.13 -16.84 -16.45
CA SER D 440 -23.32 -17.42 -15.12
C SER D 440 -22.09 -17.18 -14.25
N ASP D 441 -20.90 -17.31 -14.83
CA ASP D 441 -19.68 -17.00 -14.09
C ASP D 441 -19.63 -15.54 -13.67
N ILE D 442 -20.06 -14.64 -14.56
CA ILE D 442 -20.10 -13.22 -14.23
C ILE D 442 -21.08 -12.97 -13.08
N LEU D 443 -22.25 -13.61 -13.13
CA LEU D 443 -23.22 -13.46 -12.05
C LEU D 443 -22.67 -13.97 -10.73
N GLU D 444 -21.99 -15.12 -10.77
CA GLU D 444 -21.38 -15.65 -9.55
C GLU D 444 -20.32 -14.70 -9.01
N GLN D 445 -19.49 -14.14 -9.90
CA GLN D 445 -18.44 -13.22 -9.48
C GLN D 445 -19.02 -11.98 -8.82
N VAL D 446 -20.06 -11.40 -9.44
CA VAL D 446 -20.64 -10.17 -8.89
C VAL D 446 -21.38 -10.47 -7.60
N LEU D 447 -21.96 -11.67 -7.48
CA LEU D 447 -22.62 -12.04 -6.22
C LEU D 447 -21.61 -12.26 -5.11
N ASN D 448 -20.45 -12.81 -5.44
CA ASN D 448 -19.40 -13.01 -4.45
C ASN D 448 -18.64 -11.72 -4.12
N ARG D 449 -18.71 -10.71 -4.99
CA ARG D 449 -17.98 -9.47 -4.75
C ARG D 449 -18.76 -8.46 -3.94
N VAL D 450 -20.10 -8.49 -3.99
CA VAL D 450 -20.89 -7.51 -3.26
C VAL D 450 -20.79 -7.75 -1.75
N LEU D 451 -20.73 -9.00 -1.33
CA LEU D 451 -20.68 -9.32 0.08
C LEU D 451 -19.37 -8.84 0.71
N THR D 452 -19.43 -8.55 2.01
CA THR D 452 -18.28 -8.06 2.78
C THR D 452 -17.69 -6.81 2.16
N LYS D 453 -18.57 -5.93 1.66
CA LYS D 453 -18.14 -4.68 1.02
C LYS D 453 -19.15 -3.59 1.40
N ALA D 454 -18.86 -2.86 2.47
CA ALA D 454 -19.72 -1.77 2.91
C ALA D 454 -18.99 -0.47 3.24
N ALA D 455 -17.70 -0.51 3.57
CA ALA D 455 -16.98 0.73 3.90
C ALA D 455 -16.88 1.64 2.67
N SER D 456 -16.51 1.07 1.53
CA SER D 456 -16.44 1.83 0.29
C SER D 456 -17.83 1.98 -0.32
N PRO D 457 -18.07 3.05 -1.07
CA PRO D 457 -19.33 3.17 -1.82
C PRO D 457 -19.51 2.00 -2.77
N VAL D 458 -20.50 1.17 -2.50
CA VAL D 458 -20.70 -0.08 -3.23
C VAL D 458 -21.98 -0.05 -4.06
N SER D 459 -22.55 1.13 -4.31
CA SER D 459 -23.74 1.23 -5.13
C SER D 459 -23.53 0.69 -6.53
N HIS D 460 -22.28 0.63 -6.98
CA HIS D 460 -21.99 0.11 -8.31
C HIS D 460 -22.44 -1.34 -8.44
N PHE D 461 -22.20 -2.16 -7.41
CA PHE D 461 -22.63 -3.56 -7.48
C PHE D 461 -24.12 -3.67 -7.77
N ILE D 462 -24.94 -2.97 -6.99
CA ILE D 462 -26.38 -3.09 -7.16
C ILE D 462 -26.81 -2.51 -8.51
N ASP D 463 -26.20 -1.40 -8.93
CA ASP D 463 -26.67 -0.79 -10.18
C ASP D 463 -26.33 -1.65 -11.39
N LEU D 464 -25.09 -2.19 -11.45
CA LEU D 464 -24.77 -3.03 -12.61
C LEU D 464 -25.52 -4.36 -12.54
N LEU D 465 -25.79 -4.85 -11.32
CA LEU D 465 -26.61 -6.06 -11.20
C LEU D 465 -28.01 -5.80 -11.74
N SER D 466 -28.59 -4.65 -11.40
CA SER D 466 -29.91 -4.31 -11.93
C SER D 466 -29.87 -4.20 -13.45
N ASN D 467 -28.83 -3.58 -14.00
CA ASN D 467 -28.73 -3.45 -15.45
C ASN D 467 -28.63 -4.82 -16.13
N ILE D 468 -27.81 -5.72 -15.57
CA ILE D 468 -27.59 -7.00 -16.24
C ILE D 468 -28.82 -7.91 -16.06
N VAL D 469 -29.58 -7.74 -14.98
CA VAL D 469 -30.77 -8.57 -14.84
C VAL D 469 -31.93 -8.01 -15.64
N VAL D 470 -31.96 -6.70 -15.86
CA VAL D 470 -33.00 -6.14 -16.73
C VAL D 470 -32.68 -6.42 -18.19
N SER D 471 -31.39 -6.57 -18.52
CA SER D 471 -31.04 -7.04 -19.85
C SER D 471 -31.28 -8.54 -19.99
N ALA D 472 -30.96 -9.32 -18.96
CA ALA D 472 -31.13 -10.76 -18.99
C ALA D 472 -31.55 -11.26 -17.60
N PRO D 473 -32.86 -11.42 -17.39
CA PRO D 473 -33.33 -11.86 -16.06
C PRO D 473 -33.21 -13.36 -15.82
N LEU D 474 -33.02 -14.16 -16.87
CA LEU D 474 -33.01 -15.61 -16.73
C LEU D 474 -31.67 -16.15 -16.20
N VAL D 475 -30.66 -15.29 -16.04
CA VAL D 475 -29.35 -15.77 -15.63
C VAL D 475 -29.39 -16.34 -14.21
N LEU D 476 -30.15 -15.70 -13.32
CA LEU D 476 -30.22 -16.17 -11.95
C LEU D 476 -30.84 -17.56 -11.86
N GLN D 477 -31.91 -17.78 -12.61
CA GLN D 477 -32.49 -19.12 -12.66
C GLN D 477 -31.53 -20.10 -13.33
N ASN D 478 -30.80 -19.64 -14.34
CA ASN D 478 -29.74 -20.45 -14.92
C ASN D 478 -28.66 -20.77 -13.89
N SER D 479 -28.38 -19.83 -12.99
CA SER D 479 -27.49 -20.07 -11.87
C SER D 479 -28.17 -20.75 -10.69
N SER D 480 -29.35 -21.34 -10.92
CA SER D 480 -30.13 -22.01 -9.88
C SER D 480 -30.45 -21.09 -8.71
N SER D 481 -30.68 -19.81 -8.99
CA SER D 481 -31.13 -18.83 -8.01
C SER D 481 -30.23 -18.81 -6.76
N ARG D 482 -28.98 -18.42 -6.99
CA ARG D 482 -28.01 -18.28 -5.91
C ARG D 482 -28.15 -16.99 -5.13
N VAL D 483 -29.29 -16.29 -5.26
CA VAL D 483 -29.50 -15.06 -4.51
C VAL D 483 -30.08 -15.32 -3.12
N THR D 484 -30.49 -16.57 -2.84
CA THR D 484 -31.08 -16.88 -1.55
C THR D 484 -30.10 -16.66 -0.41
N GLU D 485 -28.82 -17.00 -0.63
CA GLU D 485 -27.82 -16.82 0.41
C GLU D 485 -27.59 -15.36 0.74
N THR D 486 -27.89 -14.46 -0.19
CA THR D 486 -27.65 -13.03 0.00
C THR D 486 -28.61 -12.41 1.03
N PHE D 487 -29.64 -13.15 1.46
CA PHE D 487 -30.62 -12.59 2.39
C PHE D 487 -30.03 -12.27 3.75
N ASP D 488 -28.82 -12.77 4.04
CA ASP D 488 -28.17 -12.47 5.31
C ASP D 488 -27.68 -11.04 5.42
N ASN D 489 -27.73 -10.26 4.34
CA ASN D 489 -27.22 -8.89 4.29
C ASN D 489 -28.03 -7.92 5.15
N LEU D 490 -29.01 -8.39 5.92
CA LEU D 490 -29.78 -7.54 6.81
C LEU D 490 -28.96 -7.02 7.99
N SER D 491 -27.75 -7.52 8.21
CA SER D 491 -26.94 -7.11 9.34
C SER D 491 -25.71 -6.30 8.96
N PHE D 492 -25.31 -6.31 7.68
CA PHE D 492 -24.10 -5.59 7.29
C PHE D 492 -24.37 -4.10 7.09
N LEU D 493 -25.22 -3.77 6.11
CA LEU D 493 -25.55 -2.37 5.84
C LEU D 493 -26.84 -2.30 5.03
N PRO D 494 -28.00 -2.59 5.65
CA PRO D 494 -29.28 -2.52 4.94
C PRO D 494 -29.96 -1.16 5.01
N ILE D 495 -29.19 -0.11 4.72
CA ILE D 495 -29.77 1.24 4.70
C ILE D 495 -30.36 1.54 3.32
N ASP D 496 -29.60 1.24 2.27
CA ASP D 496 -30.07 1.38 0.90
C ASP D 496 -29.77 0.18 0.03
N THR D 497 -28.78 -0.66 0.38
CA THR D 497 -28.41 -1.79 -0.47
C THR D 497 -29.55 -2.78 -0.63
N VAL D 498 -30.29 -3.05 0.46
CA VAL D 498 -31.39 -4.00 0.39
C VAL D 498 -32.48 -3.48 -0.54
N GLN D 499 -32.80 -2.18 -0.44
CA GLN D 499 -33.83 -1.61 -1.30
C GLN D 499 -33.48 -1.74 -2.77
N GLY D 500 -32.25 -1.36 -3.13
CA GLY D 500 -31.83 -1.47 -4.52
C GLY D 500 -31.75 -2.91 -4.98
N LEU D 501 -31.29 -3.81 -4.12
CA LEU D 501 -31.19 -5.22 -4.49
C LEU D 501 -32.58 -5.80 -4.78
N LEU D 502 -33.55 -5.49 -3.92
CA LEU D 502 -34.91 -5.95 -4.17
C LEU D 502 -35.50 -5.31 -5.42
N ARG D 503 -35.19 -4.02 -5.65
CA ARG D 503 -35.61 -3.36 -6.87
C ARG D 503 -35.08 -4.11 -8.09
N ALA D 504 -33.81 -4.50 -8.05
CA ALA D 504 -33.20 -5.21 -9.17
C ALA D 504 -33.83 -6.58 -9.37
N VAL D 505 -34.08 -7.30 -8.28
CA VAL D 505 -34.48 -8.70 -8.39
C VAL D 505 -36.01 -8.82 -8.43
N GLN D 506 -36.71 -7.70 -8.46
CA GLN D 506 -38.18 -7.71 -8.50
C GLN D 506 -38.79 -8.66 -9.52
N PRO D 507 -38.41 -8.64 -10.82
CA PRO D 507 -39.07 -9.53 -11.78
C PRO D 507 -38.77 -10.99 -11.49
N LEU D 508 -37.55 -11.29 -11.04
CA LEU D 508 -37.22 -12.69 -10.77
C LEU D 508 -37.86 -13.19 -9.47
N LEU D 509 -38.09 -12.31 -8.48
CA LEU D 509 -38.92 -12.71 -7.36
C LEU D 509 -40.35 -12.98 -7.81
N LYS D 510 -40.87 -12.15 -8.72
CA LYS D 510 -42.25 -12.34 -9.15
C LYS D 510 -42.41 -13.65 -9.92
N VAL D 511 -41.54 -13.91 -10.89
CA VAL D 511 -41.69 -15.11 -11.72
C VAL D 511 -41.42 -16.36 -10.91
N SER D 512 -40.44 -16.32 -10.01
CA SER D 512 -40.01 -17.50 -9.27
C SER D 512 -40.70 -17.53 -7.91
N MET D 513 -41.43 -18.62 -7.64
CA MET D 513 -42.13 -18.74 -6.37
C MET D 513 -41.18 -19.09 -5.23
N SER D 514 -40.11 -19.84 -5.52
CA SER D 514 -39.20 -20.28 -4.46
C SER D 514 -38.48 -19.10 -3.82
N VAL D 515 -37.97 -18.18 -4.64
CA VAL D 515 -37.28 -17.02 -4.10
C VAL D 515 -38.26 -16.11 -3.36
N ARG D 516 -39.50 -16.01 -3.84
CA ARG D 516 -40.51 -15.26 -3.10
C ARG D 516 -40.77 -15.86 -1.73
N ASP D 517 -40.88 -17.20 -1.66
CA ASP D 517 -41.09 -17.85 -0.38
C ASP D 517 -39.90 -17.64 0.55
N SER D 518 -38.68 -17.73 0.01
CA SER D 518 -37.49 -17.48 0.82
C SER D 518 -37.49 -16.05 1.35
N LEU D 519 -37.86 -15.09 0.50
CA LEU D 519 -37.90 -13.69 0.94
C LEU D 519 -38.93 -13.48 2.04
N ILE D 520 -40.13 -14.06 1.86
CA ILE D 520 -41.16 -13.83 2.87
C ILE D 520 -40.77 -14.46 4.19
N LEU D 521 -40.16 -15.66 4.15
CA LEU D 521 -39.76 -16.29 5.41
C LEU D 521 -38.61 -15.56 6.08
N VAL D 522 -37.62 -15.09 5.29
CA VAL D 522 -36.50 -14.37 5.89
C VAL D 522 -36.98 -13.07 6.51
N LEU D 523 -37.91 -12.37 5.85
CA LEU D 523 -38.41 -11.12 6.41
C LEU D 523 -39.30 -11.38 7.62
N GLN D 524 -40.06 -12.49 7.61
CA GLN D 524 -40.88 -12.83 8.76
C GLN D 524 -40.03 -13.15 9.98
N LYS D 525 -38.88 -13.80 9.79
CA LYS D 525 -38.05 -14.04 10.97
C LYS D 525 -37.27 -12.78 11.35
N ALA D 526 -37.07 -11.87 10.39
CA ALA D 526 -36.31 -10.64 10.66
C ALA D 526 -37.14 -9.60 11.41
N ILE D 527 -38.45 -9.55 11.16
CA ILE D 527 -39.26 -8.44 11.68
C ILE D 527 -39.28 -8.46 13.21
N PHE D 528 -39.49 -9.63 13.81
CA PHE D 528 -39.57 -9.72 15.26
C PHE D 528 -38.21 -9.80 15.95
N SER D 529 -37.11 -9.79 15.20
CA SER D 529 -35.83 -9.50 15.83
C SER D 529 -35.87 -8.08 16.40
N ARG D 530 -35.50 -7.96 17.67
CA ARG D 530 -35.64 -6.70 18.41
C ARG D 530 -34.46 -5.76 18.20
N GLN D 531 -33.71 -5.93 17.12
CA GLN D 531 -32.61 -5.06 16.79
C GLN D 531 -33.12 -3.91 15.93
N LEU D 532 -32.60 -2.70 16.18
CA LEU D 532 -32.98 -1.55 15.37
C LEU D 532 -32.60 -1.77 13.92
N ASP D 533 -31.38 -2.25 13.67
CA ASP D 533 -30.92 -2.48 12.30
C ASP D 533 -31.74 -3.57 11.61
N ALA D 534 -32.00 -4.67 12.33
CA ALA D 534 -32.79 -5.75 11.75
C ALA D 534 -34.21 -5.29 11.43
N ARG D 535 -34.81 -4.51 12.33
CA ARG D 535 -36.16 -4.01 12.08
C ARG D 535 -36.18 -3.03 10.93
N LYS D 536 -35.14 -2.20 10.81
CA LYS D 536 -35.04 -1.31 9.65
C LYS D 536 -34.96 -2.10 8.35
N ALA D 537 -34.16 -3.16 8.33
CA ALA D 537 -34.09 -3.99 7.15
C ALA D 537 -35.43 -4.65 6.84
N ALA D 538 -36.13 -5.11 7.89
CA ALA D 538 -37.42 -5.76 7.70
C ALA D 538 -38.43 -4.79 7.10
N VAL D 539 -38.53 -3.58 7.66
CA VAL D 539 -39.51 -2.63 7.15
C VAL D 539 -39.13 -2.15 5.75
N ALA D 540 -37.84 -2.04 5.47
CA ALA D 540 -37.40 -1.70 4.12
C ALA D 540 -37.86 -2.78 3.12
N GLY D 541 -37.68 -4.04 3.48
CA GLY D 541 -38.16 -5.12 2.62
C GLY D 541 -39.67 -5.15 2.48
N PHE D 542 -40.39 -4.81 3.55
CA PHE D 542 -41.85 -4.72 3.47
C PHE D 542 -42.27 -3.62 2.52
N LEU D 543 -41.53 -2.51 2.50
CA LEU D 543 -41.86 -1.41 1.59
C LEU D 543 -41.87 -1.85 0.13
N LEU D 544 -41.08 -2.88 -0.21
CA LEU D 544 -40.99 -3.35 -1.59
C LEU D 544 -41.87 -4.56 -1.86
N LEU D 545 -42.01 -5.48 -0.89
CA LEU D 545 -42.72 -6.72 -1.19
C LEU D 545 -44.19 -6.48 -1.50
N LEU D 546 -44.81 -5.47 -0.86
CA LEU D 546 -46.22 -5.22 -1.10
C LEU D 546 -46.47 -4.83 -2.55
N ARG D 547 -45.61 -3.99 -3.13
CA ARG D 547 -45.74 -3.60 -4.52
C ARG D 547 -45.09 -4.59 -5.47
N ASN D 548 -44.34 -5.57 -4.96
CA ASN D 548 -43.84 -6.65 -5.82
C ASN D 548 -44.98 -7.37 -6.51
N PHE D 549 -46.09 -7.58 -5.80
CA PHE D 549 -47.27 -8.24 -6.34
C PHE D 549 -48.30 -7.18 -6.72
N LYS D 550 -48.87 -7.32 -7.92
CA LYS D 550 -49.80 -6.34 -8.47
C LYS D 550 -51.12 -7.02 -8.80
N ILE D 551 -52.22 -6.44 -8.33
CA ILE D 551 -53.55 -6.94 -8.63
C ILE D 551 -54.46 -5.80 -9.08
N LEU D 552 -53.95 -4.57 -8.98
CA LEU D 552 -54.75 -3.40 -9.33
C LEU D 552 -54.90 -3.29 -10.85
N GLY D 553 -55.86 -4.04 -11.40
CA GLY D 553 -56.08 -4.05 -12.83
C GLY D 553 -55.40 -5.22 -13.52
N ASN D 582 -55.44 -15.82 -5.84
CA ASN D 582 -54.30 -15.06 -5.37
C ASN D 582 -54.73 -13.99 -4.36
N GLU D 583 -56.03 -13.99 -4.05
CA GLU D 583 -56.56 -13.02 -3.10
C GLU D 583 -56.08 -13.31 -1.68
N ALA D 584 -55.81 -14.59 -1.37
CA ALA D 584 -55.25 -14.93 -0.07
C ALA D 584 -53.90 -14.26 0.13
N PHE D 585 -53.09 -14.19 -0.92
CA PHE D 585 -51.84 -13.46 -0.86
C PHE D 585 -52.07 -12.00 -0.53
N CYS D 586 -53.13 -11.41 -1.07
CA CYS D 586 -53.45 -10.01 -0.77
C CYS D 586 -53.82 -9.84 0.70
N LEU D 587 -54.74 -10.67 1.19
CA LEU D 587 -55.27 -10.44 2.54
C LEU D 587 -54.28 -10.85 3.63
N GLU D 588 -53.39 -11.81 3.34
CA GLU D 588 -52.52 -12.33 4.39
C GLU D 588 -51.45 -11.31 4.79
N ILE D 589 -51.01 -10.47 3.85
CA ILE D 589 -49.93 -9.53 4.12
C ILE D 589 -50.39 -8.29 4.89
N LEU D 590 -51.70 -8.14 5.11
CA LEU D 590 -52.22 -6.93 5.71
C LEU D 590 -51.74 -6.75 7.15
N GLY D 591 -51.78 -7.82 7.93
CA GLY D 591 -51.55 -7.71 9.37
C GLY D 591 -50.10 -7.56 9.78
N SER D 592 -49.15 -7.81 8.88
CA SER D 592 -47.74 -7.77 9.25
C SER D 592 -47.32 -6.37 9.70
N LEU D 593 -47.60 -5.36 8.86
CA LEU D 593 -47.25 -3.99 9.22
C LEU D 593 -48.08 -3.48 10.38
N ARG D 594 -49.33 -3.94 10.50
CA ARG D 594 -50.14 -3.57 11.65
C ARG D 594 -49.50 -4.05 12.95
N ARG D 595 -49.00 -5.29 12.95
CA ARG D 595 -48.27 -5.79 14.12
C ARG D 595 -46.98 -5.01 14.34
N CYS D 596 -46.25 -4.71 13.26
CA CYS D 596 -45.00 -3.99 13.39
C CYS D 596 -45.20 -2.56 13.88
N LEU D 597 -46.42 -2.02 13.74
CA LEU D 597 -46.70 -0.65 14.18
C LEU D 597 -46.48 -0.46 15.67
N SER D 598 -46.58 -1.52 16.47
CA SER D 598 -46.44 -1.40 17.92
C SER D 598 -45.01 -1.10 18.36
N GLN D 599 -44.04 -1.15 17.46
CA GLN D 599 -42.63 -1.01 17.83
C GLN D 599 -42.30 0.48 18.04
N GLN D 600 -41.01 0.77 18.13
CA GLN D 600 -40.54 2.11 18.46
C GLN D 600 -40.92 3.12 17.38
N ALA D 601 -40.74 4.40 17.71
CA ALA D 601 -41.04 5.47 16.77
C ALA D 601 -40.10 5.43 15.56
N ASP D 602 -38.82 5.11 15.80
CA ASP D 602 -37.85 5.12 14.72
C ASP D 602 -38.24 4.11 13.63
N VAL D 603 -38.69 2.93 14.04
CA VAL D 603 -39.18 1.96 13.07
C VAL D 603 -40.63 2.22 12.68
N ARG D 604 -41.36 3.01 13.46
CA ARG D 604 -42.67 3.49 13.05
C ARG D 604 -42.57 4.56 11.97
N LEU D 605 -41.37 5.08 11.71
CA LEU D 605 -41.23 6.24 10.84
C LEU D 605 -41.50 5.89 9.39
N MET D 606 -40.69 5.00 8.81
CA MET D 606 -40.66 4.85 7.35
C MET D 606 -41.95 4.23 6.81
N LEU D 607 -42.71 3.53 7.64
CA LEU D 607 -43.96 2.95 7.16
C LEU D 607 -44.96 4.05 6.78
N TYR D 608 -44.97 5.14 7.54
CA TYR D 608 -45.85 6.26 7.20
C TYR D 608 -45.53 6.80 5.80
N GLU D 609 -44.24 6.93 5.49
CA GLU D 609 -43.86 7.42 4.17
C GLU D 609 -44.17 6.39 3.08
N GLY D 610 -43.89 5.11 3.35
CA GLY D 610 -44.01 4.09 2.32
C GLY D 610 -45.42 3.57 2.09
N PHE D 611 -46.37 3.92 2.95
CA PHE D 611 -47.73 3.44 2.79
C PHE D 611 -48.36 3.94 1.49
N TYR D 612 -48.06 5.19 1.10
CA TYR D 612 -48.68 5.76 -0.09
C TYR D 612 -48.26 5.02 -1.36
N ASP D 613 -46.99 4.59 -1.42
CA ASP D 613 -46.48 3.93 -2.62
C ASP D 613 -47.25 2.65 -2.90
N VAL D 614 -47.54 1.87 -1.85
CA VAL D 614 -48.29 0.63 -2.04
C VAL D 614 -49.79 0.93 -2.12
N LEU D 615 -50.23 2.05 -1.54
CA LEU D 615 -51.63 2.44 -1.64
C LEU D 615 -52.00 2.88 -3.05
N ARG D 616 -51.01 3.27 -3.83
CA ARG D 616 -51.23 3.53 -5.25
C ARG D 616 -51.38 2.25 -6.06
N ARG D 617 -51.54 1.10 -5.40
CA ARG D 617 -51.51 -0.19 -6.08
C ARG D 617 -52.56 -1.15 -5.52
N ASN D 618 -53.69 -0.64 -5.03
CA ASN D 618 -54.68 -1.52 -4.43
C ASN D 618 -56.02 -0.81 -4.33
N SER D 619 -57.08 -1.59 -4.17
CA SER D 619 -58.44 -1.08 -4.05
C SER D 619 -59.06 -1.36 -2.69
N GLN D 620 -59.13 -2.63 -2.28
CA GLN D 620 -59.68 -2.98 -0.98
C GLN D 620 -58.60 -3.12 0.08
N LEU D 621 -57.41 -3.56 -0.31
CA LEU D 621 -56.26 -3.47 0.59
C LEU D 621 -56.07 -2.03 1.05
N ALA D 622 -56.36 -1.06 0.16
CA ALA D 622 -56.32 0.34 0.56
C ALA D 622 -57.34 0.64 1.64
N SER D 623 -58.54 0.08 1.53
CA SER D 623 -59.57 0.28 2.55
C SER D 623 -59.13 -0.29 3.88
N SER D 624 -58.53 -1.49 3.86
CA SER D 624 -58.04 -2.07 5.11
C SER D 624 -56.91 -1.23 5.70
N ILE D 625 -56.07 -0.66 4.85
CA ILE D 625 -54.94 0.15 5.34
C ILE D 625 -55.47 1.43 5.97
N MET D 626 -56.46 2.07 5.34
CA MET D 626 -57.13 3.20 5.97
C MET D 626 -57.78 2.83 7.29
N GLU D 627 -58.41 1.66 7.38
CA GLU D 627 -59.02 1.29 8.65
C GLU D 627 -57.98 1.09 9.74
N THR D 628 -56.85 0.45 9.39
CA THR D 628 -55.77 0.27 10.36
C THR D 628 -55.21 1.61 10.82
N LEU D 629 -54.97 2.52 9.87
CA LEU D 629 -54.44 3.83 10.22
C LEU D 629 -55.44 4.63 11.05
N LEU D 630 -56.73 4.48 10.75
CA LEU D 630 -57.76 5.15 11.56
C LEU D 630 -57.77 4.64 12.98
N SER D 631 -57.68 3.31 13.14
CA SER D 631 -57.60 2.75 14.48
C SER D 631 -56.34 3.24 15.21
N GLN D 632 -55.25 3.41 14.47
CA GLN D 632 -54.03 3.95 15.06
C GLN D 632 -54.24 5.39 15.53
N ILE D 633 -54.91 6.20 14.72
CA ILE D 633 -55.03 7.62 15.06
C ILE D 633 -56.08 7.82 16.15
N LYS D 634 -57.01 6.87 16.32
CA LYS D 634 -57.94 6.96 17.44
C LYS D 634 -57.22 6.86 18.78
N GLN D 635 -56.00 6.31 18.79
CA GLN D 635 -55.24 6.20 20.03
C GLN D 635 -54.96 7.57 20.64
N TYR D 636 -54.78 8.60 19.80
CA TYR D 636 -54.43 9.93 20.28
C TYR D 636 -55.45 10.98 19.87
N TYR D 637 -56.67 10.57 19.51
CA TYR D 637 -57.64 11.55 19.02
C TYR D 637 -58.33 12.30 20.15
N LEU D 638 -58.71 11.58 21.23
CA LEU D 638 -59.45 12.17 22.33
C LEU D 638 -60.75 12.80 21.82
N PRO D 639 -61.73 11.99 21.42
CA PRO D 639 -62.96 12.57 20.83
C PRO D 639 -63.76 13.33 21.87
N GLN D 640 -63.77 14.67 21.74
CA GLN D 640 -64.36 15.52 22.77
C GLN D 640 -65.17 16.67 22.19
N GLN D 641 -65.22 16.83 20.87
CA GLN D 641 -66.09 17.80 20.19
C GLN D 641 -65.72 19.25 20.58
N ASP D 642 -64.53 19.65 20.12
CA ASP D 642 -64.10 21.04 20.12
C ASP D 642 -64.00 21.61 21.53
N LEU D 643 -63.06 21.05 22.29
CA LEU D 643 -62.70 21.54 23.62
C LEU D 643 -61.18 21.42 23.72
N LEU D 644 -60.68 21.40 24.96
CA LEU D 644 -59.24 21.38 25.29
C LEU D 644 -58.46 20.48 24.33
N PRO D 645 -57.24 20.87 23.97
CA PRO D 645 -56.60 20.29 22.79
C PRO D 645 -56.38 18.81 22.95
N PRO D 646 -56.46 18.04 21.87
CA PRO D 646 -56.27 16.58 21.90
C PRO D 646 -54.80 16.19 21.85
N LEU D 647 -54.07 16.55 22.90
CA LEU D 647 -52.64 16.27 22.99
C LEU D 647 -52.43 15.07 23.91
N LYS D 648 -52.32 13.88 23.32
CA LYS D 648 -51.92 12.68 24.05
C LYS D 648 -50.45 12.38 23.85
N LEU D 649 -49.63 13.42 23.77
CA LEU D 649 -48.19 13.27 23.57
C LEU D 649 -47.50 12.65 24.78
N GLU D 650 -48.19 12.54 25.92
CA GLU D 650 -47.60 11.95 27.11
C GLU D 650 -47.14 10.51 26.85
N GLY D 651 -47.86 9.79 25.99
CA GLY D 651 -47.46 8.44 25.65
C GLY D 651 -46.16 8.36 24.87
N CYS D 652 -45.81 9.41 24.14
CA CYS D 652 -44.56 9.46 23.38
C CYS D 652 -43.44 10.10 24.20
N ILE D 653 -43.22 9.59 25.41
CA ILE D 653 -42.17 10.10 26.28
C ILE D 653 -41.17 8.99 26.56
N MET D 654 -41.57 7.75 26.33
CA MET D 654 -40.71 6.60 26.59
C MET D 654 -40.19 6.00 25.28
N ILE D 660 -38.17 12.50 27.29
CA ILE D 660 -36.78 12.15 27.08
C ILE D 660 -36.64 11.29 25.83
N PHE D 661 -37.67 10.49 25.54
CA PHE D 661 -37.72 9.67 24.34
C PHE D 661 -39.06 9.90 23.66
N LEU D 662 -39.23 9.28 22.49
CA LEU D 662 -40.47 9.43 21.73
C LEU D 662 -40.92 8.06 21.25
N GLN D 663 -42.24 7.81 21.32
CA GLN D 663 -42.80 6.52 20.97
C GLN D 663 -43.55 6.51 19.64
N GLU D 664 -44.15 7.63 19.24
CA GLU D 664 -44.86 7.65 17.97
C GLU D 664 -44.74 9.02 17.30
N PRO D 665 -44.24 9.07 16.07
CA PRO D 665 -44.14 10.35 15.35
C PRO D 665 -45.48 10.80 14.82
N LEU D 666 -46.24 11.51 15.66
CA LEU D 666 -47.60 11.91 15.30
C LEU D 666 -47.64 12.70 13.99
N ALA D 667 -46.61 13.51 13.74
CA ALA D 667 -46.61 14.35 12.55
C ALA D 667 -46.54 13.52 11.27
N HIS D 668 -45.67 12.51 11.24
CA HIS D 668 -45.58 11.64 10.07
C HIS D 668 -46.87 10.86 9.86
N LEU D 669 -47.47 10.38 10.96
CA LEU D 669 -48.72 9.65 10.86
C LEU D 669 -49.82 10.54 10.29
N LEU D 670 -49.89 11.79 10.75
CA LEU D 670 -50.89 12.72 10.23
C LEU D 670 -50.65 13.03 8.76
N CYS D 671 -49.38 13.20 8.37
CA CYS D 671 -49.05 13.45 6.97
C CYS D 671 -49.49 12.28 6.09
N CYS D 672 -49.19 11.06 6.52
CA CYS D 672 -49.62 9.88 5.78
C CYS D 672 -51.14 9.80 5.72
N ILE D 673 -51.81 10.14 6.82
CA ILE D 673 -53.27 10.13 6.85
C ILE D 673 -53.82 11.07 5.79
N GLN D 674 -53.30 12.30 5.76
CA GLN D 674 -53.78 13.28 4.79
C GLN D 674 -53.53 12.82 3.36
N HIS D 675 -52.32 12.34 3.09
CA HIS D 675 -51.98 11.93 1.72
C HIS D 675 -52.84 10.76 1.26
N CYS D 676 -53.03 9.76 2.14
CA CYS D 676 -53.85 8.60 1.78
C CYS D 676 -55.31 9.00 1.62
N LEU D 677 -55.81 9.92 2.45
CA LEU D 677 -57.17 10.40 2.28
C LEU D 677 -57.35 11.10 0.95
N ALA D 678 -56.37 11.92 0.56
CA ALA D 678 -56.43 12.58 -0.74
C ALA D 678 -56.42 11.55 -1.87
N TRP D 679 -55.57 10.53 -1.75
CA TRP D 679 -55.52 9.49 -2.78
C TRP D 679 -56.86 8.76 -2.88
N TYR D 680 -57.47 8.43 -1.74
CA TYR D 680 -58.75 7.74 -1.76
C TYR D 680 -59.84 8.61 -2.36
N LYS D 681 -59.83 9.91 -2.03
CA LYS D 681 -60.82 10.82 -2.60
C LYS D 681 -60.66 10.92 -4.11
N SER D 682 -59.41 10.98 -4.59
CA SER D 682 -59.18 11.04 -6.03
C SER D 682 -59.46 9.72 -6.73
N THR D 683 -59.41 8.61 -6.00
CA THR D 683 -59.64 7.30 -6.62
C THR D 683 -61.05 7.17 -7.16
N VAL D 684 -62.05 7.62 -6.39
CA VAL D 684 -63.44 7.51 -6.82
C VAL D 684 -64.08 8.90 -6.85
N GLY D 700 -68.36 4.16 5.16
CA GLY D 700 -68.78 4.36 6.54
C GLY D 700 -67.78 5.15 7.36
N PHE D 701 -66.56 4.61 7.48
CA PHE D 701 -65.53 5.28 8.25
C PHE D 701 -64.96 6.50 7.51
N GLU D 702 -65.03 6.50 6.18
CA GLU D 702 -64.48 7.60 5.41
C GLU D 702 -65.18 8.91 5.74
N GLN D 703 -66.51 8.88 5.86
CA GLN D 703 -67.23 10.05 6.32
C GLN D 703 -66.83 10.41 7.75
N ASN D 704 -66.68 9.40 8.60
CA ASN D 704 -66.12 9.64 9.93
C ASN D 704 -64.68 10.13 9.84
N PHE D 705 -63.91 9.58 8.89
CA PHE D 705 -62.52 9.99 8.73
C PHE D 705 -62.42 11.48 8.38
N GLU D 706 -63.28 11.95 7.47
CA GLU D 706 -63.23 13.36 7.08
C GLU D 706 -63.64 14.26 8.23
N GLU D 707 -64.71 13.90 8.93
CA GLU D 707 -65.25 14.79 9.96
C GLU D 707 -64.30 14.92 11.15
N MET D 708 -63.64 13.82 11.54
CA MET D 708 -62.70 13.90 12.66
C MET D 708 -61.48 14.71 12.26
N LEU D 709 -61.02 14.56 11.02
CA LEU D 709 -59.96 15.43 10.51
C LEU D 709 -60.40 16.88 10.50
N GLU D 710 -61.64 17.12 10.06
CA GLU D 710 -62.19 18.48 10.09
C GLU D 710 -62.34 18.96 11.53
N SER D 711 -62.75 18.06 12.43
CA SER D 711 -62.89 18.44 13.83
C SER D 711 -61.54 18.86 14.41
N VAL D 712 -60.48 18.12 14.07
CA VAL D 712 -59.14 18.48 14.54
C VAL D 712 -58.75 19.87 14.04
N THR D 713 -59.00 20.13 12.75
CA THR D 713 -58.67 21.44 12.18
C THR D 713 -59.43 22.54 12.90
N ARG D 714 -60.72 22.30 13.19
CA ARG D 714 -61.50 23.26 13.95
C ARG D 714 -61.09 23.30 15.42
N ARG D 715 -60.37 22.28 15.91
CA ARG D 715 -59.93 22.29 17.30
C ARG D 715 -58.60 23.02 17.46
N MET D 716 -57.67 22.85 16.51
CA MET D 716 -56.42 23.60 16.57
C MET D 716 -56.65 25.11 16.49
N ILE D 717 -57.57 25.55 15.62
CA ILE D 717 -57.85 26.98 15.54
C ILE D 717 -58.43 27.51 16.84
N LYS D 718 -59.13 26.64 17.59
CA LYS D 718 -59.69 27.03 18.88
C LYS D 718 -58.79 26.68 20.06
N SER D 719 -57.69 25.96 19.83
CA SER D 719 -56.76 25.60 20.89
C SER D 719 -55.45 26.36 20.64
N GLU D 720 -55.25 27.44 21.38
CA GLU D 720 -54.09 28.30 21.24
C GLU D 720 -53.08 27.99 22.35
N LEU D 721 -52.05 28.82 22.45
CA LEU D 721 -51.01 28.60 23.46
C LEU D 721 -51.44 29.14 24.82
N GLU D 722 -52.64 28.78 25.25
CA GLU D 722 -53.14 28.98 26.60
C GLU D 722 -53.68 27.69 27.19
N ASP D 723 -54.35 26.87 26.38
CA ASP D 723 -54.73 25.52 26.76
C ASP D 723 -53.58 24.53 26.59
N PHE D 724 -52.54 24.89 25.86
CA PHE D 724 -51.37 24.03 25.69
C PHE D 724 -50.59 23.95 27.00
N GLU D 725 -49.93 22.81 27.22
CA GLU D 725 -49.09 22.68 28.40
C GLU D 725 -47.79 23.46 28.25
N LEU D 726 -47.35 23.70 27.01
CA LEU D 726 -46.09 24.39 26.76
C LEU D 726 -46.32 25.89 26.52
N ASP D 727 -46.94 26.54 27.50
CA ASP D 727 -47.15 27.97 27.44
C ASP D 727 -45.98 28.77 27.98
N LYS D 728 -45.08 28.15 28.75
CA LYS D 728 -43.92 28.85 29.27
C LYS D 728 -42.94 29.15 28.13
N SER D 729 -42.33 30.34 28.19
CA SER D 729 -41.37 30.74 27.17
C SER D 729 -40.01 30.11 27.35
N ALA D 730 -39.73 29.50 28.51
CA ALA D 730 -38.42 28.91 28.75
C ALA D 730 -38.50 27.57 29.46
N ASP D 731 -39.59 26.81 29.29
CA ASP D 731 -39.67 25.50 29.91
C ASP D 731 -38.66 24.53 29.29
N PHE D 732 -38.23 24.80 28.06
CA PHE D 732 -37.24 23.96 27.41
C PHE D 732 -35.90 24.07 28.12
N SER D 733 -35.22 22.94 28.24
CA SER D 733 -33.90 22.90 28.86
C SER D 733 -33.09 21.75 28.28
N PRO D 734 -32.08 22.05 27.46
CA PRO D 734 -31.23 20.98 26.93
C PRO D 734 -30.53 20.21 28.05
N SER D 735 -30.32 18.92 27.80
CA SER D 735 -29.69 18.01 28.76
C SER D 735 -30.46 17.96 30.08
N SER D 736 -31.78 18.02 29.99
CA SER D 736 -32.66 17.90 31.14
C SER D 736 -33.75 16.90 30.84
N GLY D 737 -34.24 16.22 31.87
CA GLY D 737 -35.23 15.17 31.68
C GLY D 737 -36.59 15.67 31.25
N VAL D 738 -36.91 16.93 31.52
CA VAL D 738 -38.20 17.51 31.18
C VAL D 738 -38.10 18.46 29.99
N GLY D 739 -36.97 19.15 29.84
CA GLY D 739 -36.84 20.10 28.75
C GLY D 739 -36.90 19.44 27.39
N VAL D 740 -36.15 18.33 27.22
CA VAL D 740 -36.18 17.62 25.95
C VAL D 740 -37.57 17.01 25.72
N LYS D 741 -38.27 16.66 26.80
CA LYS D 741 -39.65 16.21 26.67
C LYS D 741 -40.52 17.32 26.09
N ASN D 742 -40.31 18.56 26.54
CA ASN D 742 -40.98 19.69 25.92
C ASN D 742 -40.52 19.90 24.48
N ASN D 743 -39.22 19.70 24.23
CA ASN D 743 -38.68 19.91 22.89
C ASN D 743 -39.31 18.95 21.88
N ILE D 744 -39.39 17.66 22.23
CA ILE D 744 -40.00 16.69 21.34
C ILE D 744 -41.50 16.98 21.19
N TYR D 745 -42.15 17.45 22.25
CA TYR D 745 -43.54 17.90 22.12
C TYR D 745 -43.63 19.12 21.22
N ALA D 746 -42.65 20.03 21.32
CA ALA D 746 -42.67 21.24 20.52
C ALA D 746 -42.47 20.93 19.04
N ILE D 747 -41.52 20.05 18.71
CA ILE D 747 -41.27 19.73 17.32
C ILE D 747 -42.41 18.91 16.73
N GLN D 748 -43.02 18.05 17.54
CA GLN D 748 -44.10 17.19 17.04
C GLN D 748 -45.31 18.00 16.63
N VAL D 749 -45.68 19.02 17.42
CA VAL D 749 -46.87 19.79 17.12
C VAL D 749 -46.66 20.65 15.87
N MET D 750 -45.41 21.05 15.60
CA MET D 750 -45.13 21.81 14.38
C MET D 750 -45.50 20.99 13.15
N GLY D 751 -45.12 19.72 13.13
CA GLY D 751 -45.54 18.84 12.05
C GLY D 751 -47.04 18.64 12.03
N ILE D 752 -47.67 18.66 13.20
CA ILE D 752 -49.13 18.54 13.27
C ILE D 752 -49.80 19.70 12.54
N CYS D 753 -49.34 20.92 12.80
CA CYS D 753 -49.92 22.08 12.15
C CYS D 753 -49.70 22.03 10.64
N GLU D 754 -48.50 21.66 10.22
CA GLU D 754 -48.16 21.69 8.79
C GLU D 754 -49.05 20.76 7.98
N VAL D 755 -49.36 19.58 8.52
CA VAL D 755 -50.14 18.60 7.79
C VAL D 755 -51.54 19.15 7.50
N LEU D 756 -52.18 19.76 8.49
CA LEU D 756 -53.53 20.27 8.28
C LEU D 756 -53.55 21.49 7.36
N ILE D 757 -52.42 22.19 7.24
CA ILE D 757 -52.30 23.21 6.20
C ILE D 757 -52.53 22.60 4.83
N GLU D 758 -51.95 21.42 4.59
CA GLU D 758 -52.18 20.72 3.33
C GLU D 758 -53.63 20.29 3.20
N TYR D 759 -54.24 19.84 4.30
CA TYR D 759 -55.60 19.32 4.25
C TYR D 759 -56.60 20.42 3.87
N ASN D 760 -56.58 21.54 4.59
CA ASN D 760 -57.56 22.58 4.36
C ASN D 760 -57.41 23.19 2.97
N PHE D 761 -56.16 23.34 2.51
CA PHE D 761 -55.92 23.88 1.18
C PHE D 761 -56.44 22.94 0.10
N LYS D 762 -56.33 21.63 0.34
CA LYS D 762 -56.75 20.66 -0.68
C LYS D 762 -58.24 20.34 -0.56
N ILE D 763 -58.76 20.22 0.66
CA ILE D 763 -60.17 19.88 0.83
C ILE D 763 -61.06 21.05 0.43
N GLY D 764 -60.59 22.27 0.68
CA GLY D 764 -61.31 23.44 0.21
C GLY D 764 -60.80 23.91 -1.14
N ASN D 765 -61.72 24.40 -1.96
CA ASN D 765 -61.39 24.85 -3.31
C ASN D 765 -61.88 26.28 -3.46
N PHE D 766 -60.97 27.25 -3.26
CA PHE D 766 -61.29 28.67 -3.34
C PHE D 766 -62.44 29.03 -2.41
N SER D 767 -62.40 28.47 -1.20
CA SER D 767 -63.45 28.67 -0.19
C SER D 767 -62.86 29.47 0.96
N LYS D 768 -63.34 30.71 1.13
CA LYS D 768 -62.76 31.63 2.10
C LYS D 768 -62.75 31.07 3.51
N ASN D 769 -63.74 30.22 3.85
CA ASN D 769 -63.81 29.68 5.20
C ASN D 769 -62.59 28.83 5.54
N LYS D 770 -62.10 28.05 4.57
CA LYS D 770 -60.93 27.22 4.84
C LYS D 770 -59.64 28.02 4.78
N PHE D 771 -59.59 29.09 3.98
CA PHE D 771 -58.37 29.88 3.87
C PHE D 771 -58.00 30.52 5.21
N GLU D 772 -58.99 31.07 5.92
CA GLU D 772 -58.70 31.65 7.23
C GLU D 772 -58.27 30.57 8.22
N ASP D 773 -58.74 29.35 8.02
CA ASP D 773 -58.25 28.22 8.83
C ASP D 773 -56.76 28.02 8.60
N VAL D 774 -56.32 28.08 7.33
CA VAL D 774 -54.90 27.99 7.02
C VAL D 774 -54.14 29.11 7.71
N LEU D 775 -54.69 30.32 7.70
CA LEU D 775 -54.05 31.44 8.37
C LEU D 775 -53.92 31.18 9.87
N GLY D 776 -54.97 30.66 10.49
CA GLY D 776 -54.91 30.36 11.91
C GLY D 776 -53.93 29.24 12.23
N LEU D 777 -53.85 28.25 11.36
CA LEU D 777 -52.90 27.15 11.56
C LEU D 777 -51.47 27.68 11.55
N PHE D 778 -51.10 28.47 10.54
CA PHE D 778 -49.78 29.05 10.53
C PHE D 778 -49.61 30.07 11.64
N THR D 779 -50.71 30.74 12.03
CA THR D 779 -50.66 31.63 13.18
C THR D 779 -50.25 30.87 14.43
N CYS D 780 -50.85 29.71 14.65
CA CYS D 780 -50.40 28.83 15.72
C CYS D 780 -48.98 28.33 15.43
N TYR D 781 -48.69 28.02 14.16
CA TYR D 781 -47.37 27.52 13.81
C TYR D 781 -46.29 28.56 14.09
N ASN D 782 -46.46 29.77 13.56
CA ASN D 782 -45.42 30.78 13.73
C ASN D 782 -45.32 31.24 15.17
N LYS D 783 -46.47 31.40 15.85
CA LYS D 783 -46.45 31.86 17.24
C LYS D 783 -45.71 30.88 18.14
N LEU D 784 -45.61 29.62 17.73
CA LEU D 784 -44.96 28.62 18.56
C LEU D 784 -43.64 28.14 17.96
N SER D 785 -43.39 28.40 16.68
CA SER D 785 -42.12 28.06 16.05
C SER D 785 -41.14 29.22 15.98
N GLU D 786 -41.62 30.43 15.65
CA GLU D 786 -40.72 31.58 15.58
C GLU D 786 -40.14 31.89 16.96
N ILE D 787 -40.95 31.76 18.01
CA ILE D 787 -40.50 32.00 19.37
C ILE D 787 -40.65 30.69 20.13
N LEU D 788 -40.21 30.69 21.39
CA LEU D 788 -40.02 29.49 22.22
C LEU D 788 -38.90 28.62 21.63
N LYS D 789 -39.16 27.91 20.54
CA LYS D 789 -38.06 27.28 19.85
C LYS D 789 -37.28 28.32 19.06
N GLU D 790 -36.02 28.00 18.79
CA GLU D 790 -35.04 28.91 18.19
C GLU D 790 -34.92 30.21 18.99
N LYS D 791 -35.45 30.24 20.21
CA LYS D 791 -35.11 31.26 21.19
C LYS D 791 -34.52 30.54 22.41
N ALA D 792 -35.24 29.54 22.90
CA ALA D 792 -34.77 28.71 24.00
C ALA D 792 -34.54 27.26 23.58
N GLY D 793 -35.16 26.81 22.50
CA GLY D 793 -35.00 25.44 22.06
C GLY D 793 -33.61 25.16 21.51
N LYS D 794 -33.29 25.70 20.34
CA LYS D 794 -31.94 25.59 19.79
C LYS D 794 -31.74 26.72 18.79
N ASN D 795 -31.09 27.80 19.23
CA ASN D 795 -30.60 28.81 18.29
C ASN D 795 -29.27 29.40 18.71
N LYS D 796 -28.55 28.80 19.67
CA LYS D 796 -27.33 29.40 20.19
C LYS D 796 -26.30 29.58 19.07
N SER D 797 -26.14 28.57 18.24
CA SER D 797 -25.41 28.71 16.99
C SER D 797 -26.34 29.29 15.93
N THR D 798 -25.81 30.20 15.11
CA THR D 798 -26.60 30.82 14.05
C THR D 798 -27.14 29.77 13.10
N LEU D 799 -28.45 29.81 12.87
CA LEU D 799 -29.11 28.82 12.03
C LEU D 799 -28.70 28.98 10.57
N GLY D 800 -27.91 28.03 10.06
CA GLY D 800 -27.58 28.04 8.64
C GLY D 800 -28.77 27.76 7.76
N ASN D 801 -29.62 26.84 8.19
CA ASN D 801 -30.84 26.43 7.51
C ASN D 801 -32.00 27.30 8.00
N ARG D 802 -33.24 26.88 7.73
CA ARG D 802 -34.43 27.70 7.94
C ARG D 802 -35.50 26.85 8.61
N ILE D 803 -36.77 27.28 8.48
CA ILE D 803 -37.90 26.64 9.14
C ILE D 803 -37.74 25.13 9.10
N ALA D 804 -37.95 24.49 10.25
CA ALA D 804 -37.52 23.12 10.48
C ALA D 804 -38.14 22.15 9.47
N ARG D 805 -37.61 20.92 9.49
CA ARG D 805 -37.97 19.88 8.53
C ARG D 805 -39.48 19.81 8.33
N SER D 806 -39.90 20.04 7.09
CA SER D 806 -41.32 20.16 6.77
C SER D 806 -41.85 18.84 6.21
N PHE D 807 -43.15 18.63 6.43
CA PHE D 807 -43.82 17.39 6.05
C PHE D 807 -44.89 17.67 5.01
N LEU D 808 -44.54 18.52 4.04
CA LEU D 808 -45.44 18.91 2.98
C LEU D 808 -45.16 18.08 1.73
N SER D 809 -46.00 18.27 0.71
CA SER D 809 -45.89 17.53 -0.54
C SER D 809 -45.29 18.44 -1.60
N MET D 810 -44.35 17.90 -2.38
CA MET D 810 -43.81 18.63 -3.52
C MET D 810 -44.93 18.98 -4.49
N GLY D 811 -45.93 18.11 -4.63
CA GLY D 811 -47.10 18.44 -5.40
C GLY D 811 -47.90 19.58 -4.79
N PHE D 812 -48.03 19.57 -3.46
CA PHE D 812 -48.83 20.59 -2.79
C PHE D 812 -48.16 21.96 -2.90
N VAL D 813 -46.86 22.03 -2.61
CA VAL D 813 -46.16 23.31 -2.65
C VAL D 813 -46.14 23.87 -4.06
N SER D 814 -46.07 22.99 -5.06
CA SER D 814 -46.18 23.44 -6.45
C SER D 814 -47.55 24.05 -6.70
N THR D 815 -48.61 23.39 -6.24
CA THR D 815 -49.96 23.93 -6.41
C THR D 815 -50.12 25.23 -5.64
N LEU D 816 -49.56 25.29 -4.42
CA LEU D 816 -49.69 26.49 -3.60
C LEU D 816 -49.06 27.69 -4.29
N LEU D 817 -47.80 27.57 -4.70
CA LEU D 817 -47.10 28.70 -5.32
C LEU D 817 -47.72 29.07 -6.65
N THR D 818 -48.09 28.07 -7.46
CA THR D 818 -48.71 28.36 -8.74
C THR D 818 -50.08 29.03 -8.57
N ALA D 819 -50.82 28.63 -7.53
CA ALA D 819 -52.08 29.31 -7.24
C ALA D 819 -51.86 30.66 -6.56
N LEU D 820 -50.81 30.78 -5.74
CA LEU D 820 -50.56 32.03 -5.04
C LEU D 820 -50.02 33.10 -5.99
N PHE D 821 -48.86 32.84 -6.58
CA PHE D 821 -48.29 33.74 -7.58
C PHE D 821 -48.61 33.24 -8.98
N ARG D 822 -48.63 34.18 -9.93
CA ARG D 822 -48.91 33.88 -11.34
C ARG D 822 -50.27 33.21 -11.49
N ASP D 823 -51.26 33.71 -10.74
CA ASP D 823 -52.61 33.18 -10.82
C ASP D 823 -53.57 34.26 -10.36
N ASN D 824 -54.46 34.70 -11.25
CA ASN D 824 -55.45 35.74 -10.91
C ASN D 824 -56.66 35.51 -11.80
N ALA D 825 -57.72 34.95 -11.22
CA ALA D 825 -58.93 34.64 -11.97
C ALA D 825 -60.15 34.94 -11.11
N GLN D 826 -61.32 34.87 -11.73
CA GLN D 826 -62.57 35.10 -11.01
C GLN D 826 -62.82 34.02 -9.96
N SER D 827 -62.27 32.82 -10.16
CA SER D 827 -62.43 31.76 -9.18
C SER D 827 -61.78 32.13 -7.85
N HIS D 828 -60.82 33.04 -7.87
CA HIS D 828 -60.22 33.53 -6.64
C HIS D 828 -61.25 34.29 -5.83
N GLU D 829 -61.47 33.85 -4.59
CA GLU D 829 -62.56 34.33 -3.75
C GLU D 829 -62.12 35.43 -2.79
N GLU D 830 -61.18 36.27 -3.20
CA GLU D 830 -60.60 37.33 -2.38
C GLU D 830 -59.89 36.78 -1.15
N SER D 831 -59.71 35.47 -1.07
CA SER D 831 -59.05 34.87 0.09
C SER D 831 -57.54 35.07 0.04
N LEU D 832 -56.95 34.99 -1.15
CA LEU D 832 -55.52 35.22 -1.27
C LEU D 832 -55.15 36.67 -0.98
N ALA D 833 -56.10 37.59 -1.15
CA ALA D 833 -55.85 38.99 -0.84
C ALA D 833 -55.51 39.18 0.62
N VAL D 834 -56.28 38.54 1.52
CA VAL D 834 -55.96 38.61 2.94
C VAL D 834 -54.85 37.61 3.27
N LEU D 835 -54.69 36.56 2.47
CA LEU D 835 -53.58 35.63 2.67
C LEU D 835 -52.25 36.30 2.34
N ARG D 836 -52.23 37.16 1.31
CA ARG D 836 -51.00 37.84 0.93
C ARG D 836 -50.51 38.80 2.01
N SER D 837 -51.39 39.22 2.91
CA SER D 837 -50.97 40.09 4.01
C SER D 837 -50.02 39.36 4.95
N SER D 838 -50.12 38.03 5.02
CA SER D 838 -49.28 37.23 5.91
C SER D 838 -47.93 37.00 5.23
N THR D 839 -47.06 38.02 5.31
CA THR D 839 -45.73 37.90 4.74
C THR D 839 -44.91 36.84 5.45
N GLU D 840 -45.18 36.60 6.74
CA GLU D 840 -44.53 35.49 7.43
C GLU D 840 -44.92 34.15 6.82
N PHE D 841 -46.17 34.02 6.40
CA PHE D 841 -46.60 32.83 5.68
C PHE D 841 -45.89 32.74 4.33
N MET D 842 -45.64 33.89 3.70
CA MET D 842 -44.93 33.91 2.43
C MET D 842 -43.54 33.31 2.56
N ARG D 843 -42.80 33.74 3.59
CA ARG D 843 -41.44 33.25 3.79
C ARG D 843 -41.42 31.75 4.03
N TYR D 844 -42.36 31.26 4.84
CA TYR D 844 -42.46 29.82 5.08
C TYR D 844 -42.91 29.09 3.83
N ALA D 845 -43.78 29.72 3.03
CA ALA D 845 -44.37 29.03 1.87
C ALA D 845 -43.30 28.64 0.85
N VAL D 846 -42.19 29.37 0.82
CA VAL D 846 -41.11 29.07 -0.11
C VAL D 846 -39.94 28.37 0.58
N SER D 847 -39.74 28.66 1.87
CA SER D 847 -38.65 28.01 2.60
C SER D 847 -38.83 26.51 2.68
N VAL D 848 -40.08 26.04 2.69
CA VAL D 848 -40.33 24.60 2.62
C VAL D 848 -39.82 24.04 1.31
N ALA D 849 -40.06 24.75 0.21
CA ALA D 849 -39.57 24.30 -1.10
C ALA D 849 -38.06 24.24 -1.12
N LEU D 850 -37.40 25.23 -0.52
CA LEU D 850 -35.94 25.20 -0.42
C LEU D 850 -35.47 23.98 0.35
N GLN D 851 -36.22 23.58 1.38
CA GLN D 851 -35.88 22.36 2.11
C GLN D 851 -36.01 21.14 1.22
N LYS D 852 -37.07 21.07 0.42
CA LYS D 852 -37.32 19.88 -0.39
C LYS D 852 -36.25 19.70 -1.46
N VAL D 853 -35.94 20.76 -2.21
CA VAL D 853 -34.97 20.64 -3.30
C VAL D 853 -33.56 20.49 -2.73
N GLN D 854 -33.34 20.96 -1.50
CA GLN D 854 -32.08 20.68 -0.82
C GLN D 854 -31.92 19.19 -0.54
N GLN D 855 -33.02 18.54 -0.16
CA GLN D 855 -33.02 17.09 -0.06
C GLN D 855 -32.68 16.46 -1.39
N LEU D 856 -33.15 17.07 -2.48
CA LEU D 856 -32.77 16.62 -3.82
C LEU D 856 -31.35 17.04 -4.17
N GLU D 857 -30.79 18.00 -3.43
CA GLU D 857 -29.41 18.41 -3.66
C GLU D 857 -28.44 17.48 -2.95
N GLU D 858 -28.52 17.41 -1.62
CA GLU D 858 -27.62 16.56 -0.86
C GLU D 858 -27.87 15.09 -1.16
N MET D 859 -29.13 14.68 -1.18
CA MET D 859 -29.52 13.31 -1.48
C MET D 859 -30.24 13.23 -2.81
N GLY D 860 -30.58 12.02 -3.21
CA GLY D 860 -31.25 11.79 -4.47
C GLY D 860 -32.76 11.74 -4.42
N GLN D 861 -33.37 12.02 -3.27
CA GLN D 861 -34.81 11.91 -3.12
C GLN D 861 -35.32 13.08 -2.26
N THR D 862 -36.59 13.01 -1.90
CA THR D 862 -37.22 14.03 -1.07
C THR D 862 -38.30 13.35 -0.23
N ASP D 863 -39.19 14.15 0.35
CA ASP D 863 -40.29 13.65 1.17
C ASP D 863 -41.61 13.88 0.44
N GLY D 864 -42.69 13.43 1.07
CA GLY D 864 -44.01 13.56 0.50
C GLY D 864 -44.27 12.54 -0.60
N PRO D 865 -45.46 12.59 -1.17
CA PRO D 865 -45.78 11.65 -2.27
C PRO D 865 -44.97 11.96 -3.51
N ASP D 866 -44.70 10.91 -4.29
CA ASP D 866 -43.90 10.99 -5.51
C ASP D 866 -42.54 11.61 -5.21
N GLY D 867 -41.76 10.91 -4.39
CA GLY D 867 -40.41 11.28 -4.07
C GLY D 867 -39.34 10.47 -4.78
N GLN D 868 -39.71 9.40 -5.47
CA GLN D 868 -38.77 8.52 -6.13
C GLN D 868 -38.99 8.38 -7.63
N ASN D 869 -39.98 9.07 -8.20
CA ASN D 869 -40.27 8.98 -9.63
C ASN D 869 -39.64 10.17 -10.34
N PRO D 870 -38.41 10.03 -10.86
CA PRO D 870 -37.64 11.22 -11.28
C PRO D 870 -38.36 12.13 -12.25
N GLU D 871 -39.17 11.58 -13.14
CA GLU D 871 -39.96 12.41 -14.05
C GLU D 871 -40.96 13.26 -13.26
N LYS D 872 -41.46 12.75 -12.14
CA LYS D 872 -42.52 13.43 -11.42
C LYS D 872 -42.05 14.76 -10.85
N MET D 873 -40.93 14.77 -10.11
CA MET D 873 -40.44 16.05 -9.63
C MET D 873 -39.90 16.88 -10.78
N PHE D 874 -39.37 16.23 -11.81
CA PHE D 874 -38.90 16.96 -12.98
C PHE D 874 -40.00 17.86 -13.53
N GLN D 875 -41.21 17.31 -13.65
CA GLN D 875 -42.36 18.14 -13.99
C GLN D 875 -42.65 19.15 -12.89
N ASN D 876 -42.55 18.73 -11.62
CA ASN D 876 -42.73 19.65 -10.51
C ASN D 876 -41.67 20.75 -10.53
N LEU D 877 -40.40 20.36 -10.72
CA LEU D 877 -39.35 21.35 -10.85
C LEU D 877 -39.55 22.22 -12.09
N CYS D 878 -40.04 21.63 -13.19
CA CYS D 878 -40.33 22.42 -14.38
C CYS D 878 -41.41 23.46 -14.11
N LYS D 879 -42.35 23.15 -13.20
CA LYS D 879 -43.46 24.06 -12.93
C LYS D 879 -43.09 25.12 -11.89
N ILE D 880 -42.47 24.71 -10.79
CA ILE D 880 -42.18 25.64 -9.72
C ILE D 880 -41.13 26.67 -10.12
N THR D 881 -40.25 26.31 -11.06
CA THR D 881 -39.17 27.21 -11.45
C THR D 881 -39.72 28.50 -12.07
N ARG D 882 -40.76 28.39 -12.90
CA ARG D 882 -41.31 29.56 -13.57
C ARG D 882 -41.89 30.55 -12.57
N VAL D 883 -42.75 30.07 -11.66
CA VAL D 883 -43.35 30.96 -10.67
C VAL D 883 -42.29 31.47 -9.71
N LEU D 884 -41.27 30.65 -9.44
CA LEU D 884 -40.12 31.14 -8.68
C LEU D 884 -39.43 32.28 -9.42
N LEU D 885 -39.27 32.12 -10.73
CA LEU D 885 -38.70 33.20 -11.54
C LEU D 885 -39.67 34.37 -11.65
N TRP D 886 -40.96 34.08 -11.78
CA TRP D 886 -41.95 35.14 -11.89
C TRP D 886 -41.98 36.00 -10.64
N ARG D 887 -41.89 35.35 -9.47
CA ARG D 887 -41.83 36.10 -8.22
C ARG D 887 -40.62 37.01 -8.17
N TYR D 888 -39.47 36.51 -8.63
CA TYR D 888 -38.26 37.34 -8.68
C TYR D 888 -38.43 38.48 -9.67
N THR D 889 -39.02 38.19 -10.84
CA THR D 889 -39.23 39.23 -11.84
C THR D 889 -40.48 40.04 -11.61
N SER D 890 -41.28 39.71 -10.58
CA SER D 890 -42.44 40.53 -10.24
C SER D 890 -42.02 41.94 -9.84
N ILE D 891 -40.95 42.04 -9.06
CA ILE D 891 -40.41 43.34 -8.69
C ILE D 891 -39.37 43.77 -9.72
N SER D 905 -35.32 38.99 2.79
CA SER D 905 -36.39 39.32 1.85
C SER D 905 -37.14 38.07 1.40
N ILE D 906 -38.12 38.26 0.52
CA ILE D 906 -38.90 37.15 -0.01
C ILE D 906 -38.34 36.65 -1.32
N SER D 907 -37.99 37.57 -2.23
CA SER D 907 -37.43 37.16 -3.51
C SER D 907 -36.06 36.52 -3.32
N LEU D 908 -35.36 36.86 -2.24
CA LEU D 908 -34.07 36.23 -1.94
C LEU D 908 -34.25 34.73 -1.75
N LEU D 909 -35.40 34.33 -1.23
CA LEU D 909 -35.67 32.91 -1.01
C LEU D 909 -35.84 32.18 -2.34
N CYS D 910 -36.68 32.72 -3.23
CA CYS D 910 -36.95 32.04 -4.49
C CYS D 910 -35.69 32.00 -5.38
N LEU D 911 -34.92 33.08 -5.38
CA LEU D 911 -33.70 33.11 -6.18
C LEU D 911 -32.71 32.06 -5.69
N GLU D 912 -32.56 31.95 -4.37
CA GLU D 912 -31.72 30.90 -3.81
C GLU D 912 -32.18 29.53 -4.28
N GLY D 913 -33.50 29.34 -4.40
CA GLY D 913 -34.01 28.10 -4.93
C GLY D 913 -33.55 27.84 -6.35
N LEU D 914 -33.70 28.85 -7.22
CA LEU D 914 -33.33 28.70 -8.63
C LEU D 914 -31.89 28.25 -8.78
N LEU D 915 -30.99 28.83 -7.99
CA LEU D 915 -29.61 28.38 -7.96
C LEU D 915 -29.53 26.89 -7.68
N ARG D 916 -30.44 26.38 -6.85
CA ARG D 916 -30.36 24.99 -6.45
C ARG D 916 -31.18 24.09 -7.38
N ILE D 917 -32.14 24.64 -8.12
CA ILE D 917 -32.75 23.90 -9.22
C ILE D 917 -31.72 23.65 -10.32
N PHE D 918 -31.03 24.71 -10.74
CA PHE D 918 -30.04 24.56 -11.80
C PHE D 918 -28.91 23.65 -11.36
N ASN D 919 -28.47 23.77 -10.11
CA ASN D 919 -27.45 22.87 -9.58
C ASN D 919 -27.95 21.43 -9.60
N THR D 920 -29.18 21.21 -9.13
CA THR D 920 -29.71 19.85 -9.14
C THR D 920 -29.99 19.37 -10.56
N MET D 921 -30.38 20.29 -11.44
CA MET D 921 -30.69 19.90 -12.82
C MET D 921 -29.46 19.31 -13.50
N GLN D 922 -28.31 19.97 -13.38
CA GLN D 922 -27.11 19.48 -14.02
C GLN D 922 -26.54 18.27 -13.31
N GLN D 923 -26.51 18.29 -11.98
CA GLN D 923 -25.88 17.22 -11.22
C GLN D 923 -26.69 15.93 -11.18
N LEU D 924 -28.01 16.01 -11.32
CA LEU D 924 -28.86 14.83 -11.27
C LEU D 924 -29.55 14.56 -12.61
N TYR D 925 -30.29 15.52 -13.16
CA TYR D 925 -31.03 15.32 -14.40
C TYR D 925 -30.23 15.79 -15.61
N ALA D 926 -29.01 15.27 -15.75
CA ALA D 926 -28.15 15.66 -16.86
C ALA D 926 -28.75 15.25 -18.19
N ALA D 927 -29.28 14.03 -18.26
CA ALA D 927 -29.89 13.55 -19.50
C ALA D 927 -31.21 14.24 -19.81
N ARG D 928 -31.84 14.85 -18.82
CA ARG D 928 -33.15 15.48 -18.98
C ARG D 928 -33.05 16.99 -19.11
N ILE D 929 -31.86 17.54 -19.37
CA ILE D 929 -31.72 18.99 -19.49
C ILE D 929 -32.53 19.59 -20.63
N PRO D 930 -32.58 19.01 -21.85
CA PRO D 930 -33.22 19.75 -22.95
C PRO D 930 -34.68 20.08 -22.72
N GLN D 931 -35.45 19.16 -22.12
CA GLN D 931 -36.86 19.45 -21.87
C GLN D 931 -37.02 20.53 -20.81
N PHE D 932 -36.20 20.48 -19.75
CA PHE D 932 -36.26 21.50 -18.72
C PHE D 932 -35.91 22.88 -19.30
N LEU D 933 -34.88 22.93 -20.15
CA LEU D 933 -34.51 24.19 -20.78
C LEU D 933 -35.64 24.71 -21.67
N GLN D 934 -36.28 23.81 -22.42
CA GLN D 934 -37.39 24.22 -23.27
C GLN D 934 -38.66 24.47 -22.46
N ALA D 935 -38.75 23.91 -21.25
CA ALA D 935 -39.94 24.11 -20.42
C ALA D 935 -40.03 25.52 -19.87
N LEU D 936 -38.96 26.31 -19.93
CA LEU D 936 -38.97 27.67 -19.39
C LEU D 936 -39.67 28.65 -20.30
N ASP D 937 -40.10 28.23 -21.48
CA ASP D 937 -40.81 29.11 -22.41
C ASP D 937 -42.13 29.59 -21.83
N ILE D 948 -33.41 21.02 -31.35
CA ILE D 948 -33.33 22.07 -30.35
C ILE D 948 -31.90 22.22 -29.85
N ASN D 949 -31.44 23.47 -29.75
CA ASN D 949 -30.10 23.77 -29.27
C ASN D 949 -30.19 24.33 -27.85
N VAL D 950 -29.46 23.72 -26.93
CA VAL D 950 -29.49 24.17 -25.54
C VAL D 950 -28.86 25.54 -25.40
N THR D 951 -27.83 25.83 -26.21
CA THR D 951 -27.07 27.06 -26.03
C THR D 951 -27.91 28.31 -26.26
N GLU D 952 -28.74 28.30 -27.30
CA GLU D 952 -29.55 29.48 -27.60
C GLU D 952 -30.53 29.77 -26.47
N LYS D 953 -31.16 28.72 -25.93
CA LYS D 953 -32.05 28.91 -24.79
C LYS D 953 -31.26 29.26 -23.53
N ALA D 954 -30.11 28.61 -23.34
CA ALA D 954 -29.27 28.94 -22.20
C ALA D 954 -28.77 30.38 -22.27
N ALA D 955 -28.36 30.81 -23.47
CA ALA D 955 -27.92 32.19 -23.64
C ALA D 955 -29.05 33.17 -23.33
N PHE D 956 -30.29 32.78 -23.64
CA PHE D 956 -31.44 33.59 -23.25
C PHE D 956 -31.57 33.66 -21.74
N GLN D 957 -31.41 32.53 -21.06
CA GLN D 957 -31.63 32.49 -19.61
C GLN D 957 -30.62 33.34 -18.86
N ILE D 958 -29.35 33.27 -19.26
CA ILE D 958 -28.33 34.05 -18.58
C ILE D 958 -28.52 35.54 -18.86
N ARG D 959 -29.04 35.88 -20.04
CA ARG D 959 -29.21 37.27 -20.40
C ARG D 959 -30.15 37.99 -19.43
N GLN D 960 -31.25 37.34 -19.05
CA GLN D 960 -32.12 37.93 -18.04
C GLN D 960 -31.42 37.97 -16.68
N PHE D 961 -30.60 36.96 -16.38
CA PHE D 961 -29.80 37.01 -15.16
C PHE D 961 -28.71 38.06 -15.29
N GLN D 962 -28.15 38.23 -16.49
CA GLN D 962 -27.19 39.29 -16.74
C GLN D 962 -27.80 40.65 -16.47
N ARG D 963 -29.04 40.85 -16.93
CA ARG D 963 -29.73 42.12 -16.70
C ARG D 963 -29.93 42.39 -15.22
N SER D 964 -30.27 41.34 -14.45
CA SER D 964 -30.43 41.51 -13.01
C SER D 964 -29.11 41.91 -12.35
N LEU D 965 -28.00 41.28 -12.74
CA LEU D 965 -26.71 41.60 -12.16
C LEU D 965 -26.27 43.02 -12.49
N VAL D 966 -26.34 43.39 -13.78
CA VAL D 966 -25.83 44.70 -14.17
C VAL D 966 -26.63 45.81 -13.49
N ASN D 967 -27.94 45.60 -13.34
CA ASN D 967 -28.74 46.56 -12.59
C ASN D 967 -28.40 46.52 -11.10
N GLN D 968 -28.23 45.32 -10.55
CA GLN D 968 -27.95 45.18 -9.13
C GLN D 968 -26.54 45.67 -8.80
N LEU D 969 -25.55 45.29 -9.61
CA LEU D 969 -24.18 45.73 -9.36
C LEU D 969 -24.05 47.23 -9.50
N SER D 970 -24.72 47.82 -10.50
CA SER D 970 -24.65 49.27 -10.69
C SER D 970 -25.37 50.03 -9.60
N SER D 971 -26.20 49.36 -8.80
CA SER D 971 -26.91 50.03 -7.73
C SER D 971 -25.94 50.54 -6.67
N ALA D 972 -26.44 51.44 -5.82
CA ALA D 972 -25.62 52.01 -4.77
C ALA D 972 -25.23 50.96 -3.74
N GLU D 973 -24.18 51.27 -2.98
CA GLU D 973 -23.69 50.33 -1.97
C GLU D 973 -24.72 50.07 -0.89
N ASP D 974 -25.64 51.01 -0.67
CA ASP D 974 -26.68 50.80 0.33
C ASP D 974 -27.71 49.76 -0.10
N ASP D 975 -27.76 49.43 -1.39
CA ASP D 975 -28.71 48.48 -1.93
C ASP D 975 -27.98 47.30 -2.58
N PHE D 976 -26.95 46.79 -1.91
CA PHE D 976 -26.13 45.73 -2.48
C PHE D 976 -26.64 44.34 -2.14
N ASN D 977 -27.33 44.18 -1.01
CA ASN D 977 -27.93 42.93 -0.55
C ASN D 977 -27.07 41.71 -0.91
N SER D 978 -25.84 41.69 -0.39
CA SER D 978 -24.79 40.76 -0.79
C SER D 978 -25.26 39.31 -0.97
N LYS D 979 -26.23 38.87 -0.17
CA LYS D 979 -26.74 37.52 -0.31
C LYS D 979 -27.30 37.29 -1.71
N GLU D 980 -27.96 38.30 -2.28
CA GLU D 980 -28.44 38.20 -3.66
C GLU D 980 -27.29 38.09 -4.64
N THR D 981 -26.24 38.88 -4.44
CA THR D 981 -25.13 38.91 -5.39
C THR D 981 -24.40 37.58 -5.44
N GLN D 982 -24.18 36.95 -4.28
CA GLN D 982 -23.47 35.67 -4.25
C GLN D 982 -24.24 34.60 -5.00
N LEU D 983 -25.56 34.54 -4.81
CA LEU D 983 -26.37 33.52 -5.47
C LEU D 983 -26.42 33.75 -6.97
N LEU D 984 -26.63 35.00 -7.39
CA LEU D 984 -26.72 35.29 -8.82
C LEU D 984 -25.38 35.07 -9.51
N ILE D 985 -24.27 35.39 -8.85
CA ILE D 985 -22.96 35.08 -9.41
C ILE D 985 -22.78 33.58 -9.55
N THR D 986 -23.16 32.84 -8.52
CA THR D 986 -23.03 31.38 -8.55
C THR D 986 -24.02 30.78 -9.56
N ILE D 987 -25.19 31.40 -9.74
CA ILE D 987 -26.16 30.87 -10.68
C ILE D 987 -25.61 30.95 -12.11
N LEU D 988 -24.83 31.99 -12.41
CA LEU D 988 -24.19 32.06 -13.71
C LEU D 988 -23.09 31.01 -13.82
N SER D 989 -22.30 30.86 -12.76
CA SER D 989 -21.22 29.88 -12.77
C SER D 989 -21.75 28.46 -12.92
N THR D 990 -23.02 28.23 -12.62
CA THR D 990 -23.64 26.93 -12.83
C THR D 990 -24.31 26.83 -14.20
N LEU D 991 -24.97 27.89 -14.65
CA LEU D 991 -25.63 27.85 -15.95
C LEU D 991 -24.62 27.99 -17.10
N SER D 992 -23.52 28.70 -16.88
CA SER D 992 -22.51 28.84 -17.92
C SER D 992 -21.74 27.54 -18.16
N LYS D 993 -21.93 26.54 -17.31
CA LYS D 993 -21.24 25.26 -17.49
C LYS D 993 -21.66 24.58 -18.78
N LEU D 994 -22.96 24.62 -19.11
CA LEU D 994 -23.51 23.84 -20.19
C LEU D 994 -23.59 24.60 -21.51
N LEU D 995 -23.03 25.79 -21.58
CA LEU D 995 -22.91 26.47 -22.87
C LEU D 995 -21.93 25.71 -23.75
N ASP D 996 -22.33 25.42 -24.99
CA ASP D 996 -21.53 24.56 -25.84
C ASP D 996 -20.27 25.29 -26.32
N PRO D 997 -19.19 24.55 -26.58
CA PRO D 997 -17.97 25.20 -27.07
C PRO D 997 -18.13 25.87 -28.43
N GLY D 998 -18.94 25.31 -29.32
CA GLY D 998 -19.04 25.82 -30.68
C GLY D 998 -20.12 26.85 -30.89
N SER D 999 -20.22 27.81 -29.98
CA SER D 999 -21.21 28.87 -30.07
C SER D 999 -20.52 30.21 -29.94
N GLN D 1000 -21.04 31.21 -30.67
CA GLN D 1000 -20.54 32.57 -30.49
C GLN D 1000 -20.93 33.13 -29.13
N GLN D 1001 -22.12 32.79 -28.64
CA GLN D 1001 -22.61 33.35 -27.38
C GLN D 1001 -21.63 33.08 -26.24
N PHE D 1002 -20.82 32.03 -26.38
CA PHE D 1002 -19.67 31.81 -25.50
C PHE D 1002 -18.82 33.07 -25.41
N LEU D 1003 -18.58 33.73 -26.54
CA LEU D 1003 -17.58 34.80 -26.59
C LEU D 1003 -18.12 36.11 -26.02
N GLN D 1004 -19.23 36.61 -26.57
CA GLN D 1004 -19.78 37.87 -26.06
C GLN D 1004 -20.15 37.79 -24.58
N PHE D 1005 -20.55 36.62 -24.08
CA PHE D 1005 -20.68 36.47 -22.64
C PHE D 1005 -19.32 36.54 -21.96
N LEU D 1006 -18.33 35.82 -22.50
CA LEU D 1006 -17.00 35.85 -21.91
C LEU D 1006 -16.41 37.25 -21.98
N THR D 1007 -16.61 37.96 -23.09
CA THR D 1007 -16.11 39.33 -23.16
C THR D 1007 -16.95 40.26 -22.29
N TRP D 1008 -18.18 39.87 -21.95
CA TRP D 1008 -19.00 40.70 -21.08
C TRP D 1008 -18.52 40.64 -19.64
N THR D 1009 -18.21 39.44 -19.15
CA THR D 1009 -17.72 39.33 -17.77
C THR D 1009 -16.33 39.93 -17.64
N VAL D 1010 -15.54 39.92 -18.71
CA VAL D 1010 -14.27 40.64 -18.70
C VAL D 1010 -14.51 42.14 -18.63
N LYS D 1011 -15.40 42.64 -19.49
CA LYS D 1011 -15.65 44.08 -19.51
C LYS D 1011 -16.35 44.55 -18.24
N ILE D 1012 -17.17 43.68 -17.64
CA ILE D 1012 -17.77 44.03 -16.36
C ILE D 1012 -16.71 44.03 -15.27
N CYS D 1013 -15.66 43.21 -15.43
CA CYS D 1013 -14.57 43.22 -14.47
C CYS D 1013 -13.69 44.45 -14.65
N LYS D 1014 -13.47 44.88 -15.89
CA LYS D 1014 -12.65 46.06 -16.14
C LYS D 1014 -13.30 47.32 -15.57
N GLU D 1015 -14.63 47.39 -15.60
CA GLU D 1015 -15.32 48.63 -15.24
C GLU D 1015 -15.73 48.64 -13.77
N ASN D 1016 -16.42 47.59 -13.32
CA ASN D 1016 -16.99 47.59 -11.98
C ASN D 1016 -15.90 47.55 -10.91
N ALA D 1017 -16.15 48.25 -9.82
CA ALA D 1017 -15.24 48.32 -8.67
C ALA D 1017 -16.04 47.93 -7.43
N LEU D 1018 -16.11 46.62 -7.17
CA LEU D 1018 -16.86 46.09 -6.04
C LEU D 1018 -15.92 45.85 -4.86
N GLU D 1019 -16.34 46.30 -3.67
CA GLU D 1019 -15.52 46.15 -2.48
C GLU D 1019 -15.85 44.91 -1.66
N ASP D 1020 -16.90 44.18 -2.02
CA ASP D 1020 -17.19 42.93 -1.33
C ASP D 1020 -16.14 41.88 -1.66
N LEU D 1021 -15.90 40.99 -0.70
CA LEU D 1021 -14.84 39.99 -0.86
C LEU D 1021 -15.36 38.71 -1.50
N SER D 1022 -16.41 38.12 -0.92
CA SER D 1022 -16.98 36.91 -1.51
C SER D 1022 -17.55 37.18 -2.89
N CYS D 1023 -18.03 38.40 -3.14
CA CYS D 1023 -18.52 38.76 -4.46
C CYS D 1023 -17.40 38.72 -5.48
N CYS D 1024 -16.23 39.27 -5.14
CA CYS D 1024 -15.09 39.22 -6.04
C CYS D 1024 -14.58 37.80 -6.20
N LYS D 1025 -14.53 37.04 -5.12
CA LYS D 1025 -14.04 35.67 -5.18
C LYS D 1025 -14.94 34.80 -6.06
N GLY D 1026 -16.26 34.93 -5.88
CA GLY D 1026 -17.18 34.12 -6.67
C GLY D 1026 -17.14 34.44 -8.14
N LEU D 1027 -17.13 35.73 -8.47
CA LEU D 1027 -17.13 36.15 -9.88
C LEU D 1027 -15.85 35.72 -10.58
N LEU D 1028 -14.71 35.80 -9.89
CA LEU D 1028 -13.45 35.40 -10.49
C LEU D 1028 -13.42 33.92 -10.80
N THR D 1029 -14.04 33.10 -9.94
CA THR D 1029 -14.09 31.67 -10.18
C THR D 1029 -14.83 31.35 -11.46
N LEU D 1030 -15.93 32.06 -11.72
CA LEU D 1030 -16.65 31.89 -12.98
C LEU D 1030 -15.76 32.20 -14.17
N LEU D 1031 -15.05 33.34 -14.11
CA LEU D 1031 -14.19 33.73 -15.22
C LEU D 1031 -13.09 32.71 -15.44
N PHE D 1032 -12.57 32.10 -14.38
CA PHE D 1032 -11.52 31.12 -14.51
C PHE D 1032 -12.03 29.69 -14.65
N SER D 1033 -13.34 29.47 -14.48
CA SER D 1033 -13.94 28.18 -14.81
C SER D 1033 -14.44 28.12 -16.25
N LEU D 1034 -14.41 29.25 -16.97
CA LEU D 1034 -14.78 29.31 -18.37
C LEU D 1034 -13.60 29.64 -19.28
N HIS D 1035 -12.72 30.54 -18.85
CA HIS D 1035 -11.48 30.76 -19.58
C HIS D 1035 -10.46 29.72 -19.15
N VAL D 1036 -10.88 28.45 -19.15
CA VAL D 1036 -9.99 27.33 -18.86
C VAL D 1036 -10.28 26.24 -19.88
N LEU D 1037 -11.41 26.37 -20.59
CA LEU D 1037 -11.79 25.45 -21.66
C LEU D 1037 -11.89 26.14 -23.01
N TYR D 1038 -11.35 27.35 -23.15
CA TYR D 1038 -11.41 28.03 -24.43
C TYR D 1038 -10.04 28.48 -24.89
N LYS D 1039 -9.20 28.91 -23.96
CA LYS D 1039 -7.88 29.45 -24.30
C LYS D 1039 -6.92 29.12 -23.16
N SER D 1040 -5.77 29.79 -23.16
CA SER D 1040 -4.80 29.64 -22.08
C SER D 1040 -5.05 30.71 -21.02
N PRO D 1041 -5.35 30.33 -19.79
CA PRO D 1041 -5.65 31.35 -18.76
C PRO D 1041 -4.47 32.20 -18.35
N VAL D 1042 -3.24 31.82 -18.73
CA VAL D 1042 -2.07 32.53 -18.25
C VAL D 1042 -2.09 33.99 -18.70
N SER D 1043 -2.76 34.26 -19.83
CA SER D 1043 -2.92 35.65 -20.27
C SER D 1043 -3.72 36.44 -19.26
N LEU D 1044 -4.79 35.85 -18.72
CA LEU D 1044 -5.59 36.52 -17.70
C LEU D 1044 -4.82 36.63 -16.40
N LEU D 1045 -4.12 35.56 -16.00
CA LEU D 1045 -3.39 35.57 -14.75
C LEU D 1045 -2.32 36.66 -14.75
N ARG D 1046 -1.62 36.81 -15.87
CA ARG D 1046 -0.62 37.86 -15.99
C ARG D 1046 -1.25 39.24 -15.80
N GLU D 1047 -2.40 39.47 -16.43
CA GLU D 1047 -3.08 40.75 -16.29
C GLU D 1047 -3.52 40.99 -14.85
N LEU D 1048 -4.02 39.95 -14.19
CA LEU D 1048 -4.35 40.06 -12.77
C LEU D 1048 -3.11 40.38 -11.95
N ALA D 1049 -2.00 39.70 -12.23
CA ALA D 1049 -0.76 39.98 -11.53
C ALA D 1049 -0.25 41.38 -11.85
N GLN D 1050 -0.47 41.85 -13.08
CA GLN D 1050 -0.13 43.22 -13.43
C GLN D 1050 -0.87 44.21 -12.53
N ASP D 1051 -2.14 43.93 -12.27
CA ASP D 1051 -2.93 44.84 -11.45
C ASP D 1051 -2.54 44.76 -9.97
N ILE D 1052 -2.30 43.54 -9.48
CA ILE D 1052 -1.97 43.37 -8.06
C ILE D 1052 -0.68 44.11 -7.72
N HIS D 1053 0.34 43.97 -8.57
CA HIS D 1053 1.58 44.69 -8.35
C HIS D 1053 1.37 46.19 -8.43
N ALA D 1054 0.59 46.64 -9.41
CA ALA D 1054 0.28 48.06 -9.51
C ALA D 1054 -0.54 48.53 -8.32
N CYS D 1055 -1.51 47.72 -7.88
CA CYS D 1055 -2.37 48.12 -6.78
C CYS D 1055 -1.60 48.20 -5.47
N LEU D 1056 -0.85 47.15 -5.14
CA LEU D 1056 -0.08 47.13 -3.90
C LEU D 1056 1.23 47.89 -4.09
N GLY D 1057 2.04 47.91 -3.03
CA GLY D 1057 3.32 48.58 -3.09
C GLY D 1057 4.36 47.77 -3.85
N ASP D 1058 5.63 47.94 -3.48
CA ASP D 1058 6.71 47.25 -4.17
C ASP D 1058 7.57 46.51 -3.16
N ILE D 1059 8.23 45.45 -3.62
CA ILE D 1059 9.05 44.62 -2.74
C ILE D 1059 10.22 45.42 -2.18
N ASP D 1060 10.77 46.33 -2.96
CA ASP D 1060 11.92 47.14 -2.55
C ASP D 1060 11.52 48.49 -1.97
N GLN D 1061 10.23 48.84 -2.02
CA GLN D 1061 9.68 50.12 -1.58
C GLN D 1061 10.59 51.30 -1.91
N ASP D 1062 11.18 51.29 -3.11
CA ASP D 1062 12.03 52.39 -3.54
C ASP D 1062 11.64 52.94 -4.89
N VAL D 1063 11.20 52.10 -5.82
CA VAL D 1063 10.75 52.53 -7.15
C VAL D 1063 9.23 52.41 -7.19
N GLU D 1064 8.58 53.44 -7.72
CA GLU D 1064 7.13 53.54 -7.70
C GLU D 1064 6.55 52.91 -8.97
N ILE D 1065 5.70 51.90 -8.79
CA ILE D 1065 5.01 51.30 -9.92
C ILE D 1065 3.97 52.26 -10.47
N GLU D 1066 3.86 52.34 -11.79
CA GLU D 1066 2.87 53.22 -12.41
C GLU D 1066 1.47 52.79 -11.99
N SER D 1067 0.63 53.78 -11.67
CA SER D 1067 -0.69 53.54 -11.12
C SER D 1067 -1.67 53.11 -12.22
N ARG D 1068 -1.35 51.98 -12.84
CA ARG D 1068 -2.23 51.40 -13.84
C ARG D 1068 -3.40 50.70 -13.17
N SER D 1069 -4.43 50.41 -13.96
CA SER D 1069 -5.59 49.67 -13.47
C SER D 1069 -6.13 48.84 -14.64
N HIS D 1070 -5.67 47.60 -14.73
CA HIS D 1070 -6.21 46.69 -15.74
C HIS D 1070 -7.61 46.22 -15.38
N PHE D 1071 -7.90 46.09 -14.08
CA PHE D 1071 -9.22 45.75 -13.58
C PHE D 1071 -9.60 46.76 -12.51
N ALA D 1072 -10.87 47.16 -12.50
CA ALA D 1072 -11.34 48.05 -11.45
C ALA D 1072 -11.77 47.32 -10.20
N ILE D 1073 -11.89 45.98 -10.24
CA ILE D 1073 -12.29 45.23 -9.07
C ILE D 1073 -11.21 45.27 -8.00
N VAL D 1074 -9.94 45.30 -8.42
CA VAL D 1074 -8.83 45.23 -7.48
C VAL D 1074 -8.54 46.64 -6.98
N ASN D 1075 -8.89 46.90 -5.73
CA ASN D 1075 -8.63 48.18 -5.08
C ASN D 1075 -7.70 47.95 -3.90
N VAL D 1076 -7.51 48.99 -3.10
CA VAL D 1076 -6.55 48.98 -2.00
C VAL D 1076 -6.89 47.86 -1.01
N LYS D 1077 -8.12 47.37 -1.06
CA LYS D 1077 -8.59 46.34 -0.13
C LYS D 1077 -8.63 44.95 -0.75
N THR D 1078 -9.05 44.83 -2.01
CA THR D 1078 -9.29 43.51 -2.59
C THR D 1078 -8.00 42.81 -2.99
N ALA D 1079 -6.87 43.53 -3.04
CA ALA D 1079 -5.59 42.92 -3.38
C ALA D 1079 -5.07 42.06 -2.24
N ALA D 1080 -5.86 41.95 -1.18
CA ALA D 1080 -5.62 41.09 -0.03
C ALA D 1080 -5.67 39.63 -0.46
N PRO D 1081 -5.42 38.66 0.45
CA PRO D 1081 -5.56 37.25 0.09
C PRO D 1081 -6.80 36.88 -0.70
N THR D 1082 -7.81 37.76 -0.71
CA THR D 1082 -9.01 37.57 -1.51
C THR D 1082 -8.67 37.20 -2.96
N VAL D 1083 -7.83 38.02 -3.60
CA VAL D 1083 -7.44 37.78 -4.99
C VAL D 1083 -6.10 37.05 -5.07
N CYS D 1084 -5.13 37.46 -4.26
CA CYS D 1084 -3.79 36.90 -4.34
C CYS D 1084 -3.74 35.42 -4.06
N LEU D 1085 -4.74 34.86 -3.38
CA LEU D 1085 -4.81 33.41 -3.21
C LEU D 1085 -5.49 32.72 -4.38
N LEU D 1086 -6.39 33.42 -5.07
CA LEU D 1086 -7.02 32.85 -6.27
C LEU D 1086 -6.04 32.82 -7.43
N VAL D 1087 -5.28 33.91 -7.60
CA VAL D 1087 -4.30 33.96 -8.68
C VAL D 1087 -3.25 32.87 -8.50
N LEU D 1088 -2.73 32.73 -7.28
CA LEU D 1088 -1.77 31.67 -7.02
C LEU D 1088 -2.44 30.30 -7.07
N GLY D 1089 -3.75 30.23 -6.80
CA GLY D 1089 -4.46 28.99 -7.00
C GLY D 1089 -4.52 28.59 -8.46
N GLN D 1090 -4.82 29.56 -9.34
CA GLN D 1090 -4.83 29.28 -10.77
C GLN D 1090 -3.42 29.01 -11.27
N ALA D 1091 -2.43 29.75 -10.77
CA ALA D 1091 -1.05 29.54 -11.18
C ALA D 1091 -0.58 28.13 -10.81
N ASP D 1092 -1.01 27.64 -9.64
CA ASP D 1092 -0.68 26.27 -9.27
C ASP D 1092 -1.32 25.27 -10.22
N LYS D 1093 -2.55 25.54 -10.66
CA LYS D 1093 -3.22 24.65 -11.59
C LYS D 1093 -2.48 24.58 -12.92
N VAL D 1094 -2.04 25.75 -13.43
CA VAL D 1094 -1.32 25.78 -14.70
C VAL D 1094 -0.02 24.99 -14.59
N LEU D 1095 0.69 25.18 -13.47
CA LEU D 1095 1.92 24.41 -13.26
C LEU D 1095 1.64 22.93 -13.13
N GLU D 1096 0.48 22.58 -12.58
CA GLU D 1096 0.16 21.16 -12.38
C GLU D 1096 0.00 20.45 -13.72
N GLU D 1097 -0.69 21.07 -14.68
CA GLU D 1097 -0.86 20.44 -15.99
C GLU D 1097 0.43 20.50 -16.81
N VAL D 1098 1.24 21.53 -16.58
CA VAL D 1098 2.53 21.63 -17.27
C VAL D 1098 3.42 20.45 -16.88
N ASP D 1099 3.36 20.04 -15.62
CA ASP D 1099 4.06 18.83 -15.20
C ASP D 1099 3.60 17.64 -16.02
N TRP D 1100 2.29 17.53 -16.27
CA TRP D 1100 1.78 16.48 -17.13
C TRP D 1100 2.31 16.62 -18.56
N LEU D 1101 2.35 17.86 -19.06
CA LEU D 1101 2.92 18.09 -20.39
C LEU D 1101 4.40 17.73 -20.42
N ILE D 1102 5.13 18.11 -19.39
CA ILE D 1102 6.53 17.73 -19.28
C ILE D 1102 6.65 16.21 -19.19
N LYS D 1103 5.73 15.58 -18.46
CA LYS D 1103 5.69 14.12 -18.42
C LYS D 1103 5.43 13.55 -19.80
N ARG D 1104 4.50 14.15 -20.55
CA ARG D 1104 4.25 13.70 -21.91
C ARG D 1104 5.43 13.99 -22.82
N LEU D 1105 6.10 15.12 -22.61
CA LEU D 1105 7.27 15.46 -23.41
C LEU D 1105 8.38 14.43 -23.23
N THR D 1106 8.49 13.86 -22.03
CA THR D 1106 9.47 12.82 -21.77
C THR D 1106 8.95 11.47 -22.24
N ASN D 1121 7.65 13.23 -34.18
CA ASN D 1121 7.37 14.48 -34.88
C ASN D 1121 6.42 15.37 -34.09
N GLN D 1122 5.68 14.75 -33.16
CA GLN D 1122 4.78 15.51 -32.31
C GLN D 1122 5.48 16.13 -31.11
N THR D 1123 6.72 15.71 -30.83
CA THR D 1123 7.45 16.25 -29.68
C THR D 1123 7.73 17.74 -29.85
N GLN D 1124 8.06 18.16 -31.07
CA GLN D 1124 8.40 19.57 -31.30
C GLN D 1124 7.23 20.48 -30.95
N ALA D 1125 6.01 20.07 -31.29
CA ALA D 1125 4.84 20.89 -30.99
C ALA D 1125 4.64 21.03 -29.49
N LEU D 1126 4.88 19.96 -28.73
CA LEU D 1126 4.72 20.01 -27.28
C LEU D 1126 5.68 21.02 -26.66
N GLU D 1127 6.92 21.06 -27.14
CA GLU D 1127 7.90 21.97 -26.57
C GLU D 1127 7.59 23.42 -26.89
N LYS D 1128 6.88 23.66 -28.00
CA LYS D 1128 6.54 25.03 -28.37
C LYS D 1128 5.61 25.67 -27.35
N GLY D 1129 4.54 24.97 -26.98
CA GLY D 1129 3.60 25.52 -26.02
C GLY D 1129 4.19 25.68 -24.63
N VAL D 1130 4.95 24.68 -24.18
CA VAL D 1130 5.46 24.68 -22.81
C VAL D 1130 6.41 25.86 -22.59
N ILE D 1131 7.34 26.06 -23.53
CA ILE D 1131 8.26 27.19 -23.41
C ILE D 1131 7.50 28.51 -23.47
N LEU D 1132 6.53 28.59 -24.39
CA LEU D 1132 5.74 29.82 -24.51
C LEU D 1132 4.93 30.09 -23.25
N GLN D 1133 4.29 29.06 -22.71
CA GLN D 1133 3.48 29.24 -21.51
C GLN D 1133 4.34 29.56 -20.30
N LEU D 1134 5.42 28.79 -20.10
CA LEU D 1134 6.30 29.03 -18.96
C LEU D 1134 6.95 30.41 -19.06
N GLY D 1135 7.26 30.84 -20.27
CA GLY D 1135 7.74 32.20 -20.44
C GLY D 1135 6.74 33.24 -19.96
N THR D 1136 5.46 33.05 -20.33
CA THR D 1136 4.41 33.92 -19.79
C THR D 1136 4.22 33.69 -18.30
N LEU D 1137 4.29 32.43 -17.86
CA LEU D 1137 4.09 32.13 -16.45
C LEU D 1137 5.20 32.74 -15.60
N LEU D 1138 6.43 32.76 -16.11
CA LEU D 1138 7.52 33.41 -15.38
C LEU D 1138 7.27 34.91 -15.26
N THR D 1139 6.73 35.53 -16.31
CA THR D 1139 6.37 36.95 -16.22
C THR D 1139 5.29 37.17 -15.18
N VAL D 1140 4.47 36.15 -14.90
CA VAL D 1140 3.45 36.27 -13.87
C VAL D 1140 4.10 36.34 -12.49
N PHE D 1141 4.94 35.35 -12.17
CA PHE D 1141 5.56 35.30 -10.85
C PHE D 1141 6.56 36.44 -10.65
N HIS D 1142 7.28 36.80 -11.71
CA HIS D 1142 8.23 37.91 -11.61
C HIS D 1142 7.53 39.20 -11.20
N GLU D 1143 6.38 39.47 -11.81
CA GLU D 1143 5.60 40.64 -11.43
C GLU D 1143 4.81 40.41 -10.15
N LEU D 1144 4.74 39.17 -9.66
CA LEU D 1144 3.99 38.88 -8.45
C LEU D 1144 4.90 38.73 -7.24
N VAL D 1145 6.13 38.25 -7.44
CA VAL D 1145 7.07 38.19 -6.33
C VAL D 1145 7.59 39.57 -5.98
N GLN D 1146 7.53 40.51 -6.93
CA GLN D 1146 7.90 41.89 -6.65
C GLN D 1146 6.81 42.63 -5.88
N THR D 1147 5.63 42.03 -5.72
CA THR D 1147 4.57 42.66 -4.96
C THR D 1147 4.92 42.70 -3.47
N ALA D 1148 4.56 43.80 -2.81
CA ALA D 1148 4.74 43.93 -1.38
C ALA D 1148 3.55 43.27 -0.68
N LEU D 1149 3.60 41.95 -0.61
CA LEU D 1149 2.51 41.19 -0.03
C LEU D 1149 2.40 41.46 1.46
N PRO D 1150 1.19 41.44 2.01
CA PRO D 1150 1.01 41.53 3.46
C PRO D 1150 1.35 40.20 4.13
N ALA D 1151 1.36 40.22 5.46
CA ALA D 1151 1.68 39.02 6.22
C ALA D 1151 0.54 38.01 6.11
N GLY D 1152 0.69 36.86 6.76
CA GLY D 1152 -0.35 35.86 6.74
C GLY D 1152 -0.08 34.72 5.78
N SER D 1153 -1.15 34.07 5.31
CA SER D 1153 -1.01 32.91 4.44
C SER D 1153 -0.66 33.27 3.01
N CYS D 1154 -0.93 34.51 2.59
CA CYS D 1154 -0.62 34.90 1.21
C CYS D 1154 0.89 34.87 0.96
N VAL D 1155 1.68 35.30 1.95
CA VAL D 1155 3.14 35.17 1.84
C VAL D 1155 3.53 33.70 1.77
N ASP D 1156 2.93 32.87 2.62
CA ASP D 1156 3.30 31.46 2.68
C ASP D 1156 2.98 30.75 1.37
N SER D 1157 1.87 31.10 0.73
CA SER D 1157 1.51 30.46 -0.53
C SER D 1157 2.52 30.79 -1.61
N LEU D 1158 2.97 32.04 -1.68
CA LEU D 1158 3.92 32.44 -2.72
C LEU D 1158 5.24 31.70 -2.56
N LEU D 1159 5.72 31.58 -1.32
CA LEU D 1159 7.00 30.90 -1.08
C LEU D 1159 6.93 29.44 -1.50
N ARG D 1160 5.82 28.76 -1.18
CA ARG D 1160 5.67 27.37 -1.57
C ARG D 1160 5.45 27.22 -3.07
N SER D 1161 4.65 28.12 -3.66
CA SER D 1161 4.40 28.06 -5.10
C SER D 1161 5.69 28.35 -5.87
N LEU D 1162 6.52 29.25 -5.36
CA LEU D 1162 7.83 29.47 -5.96
C LEU D 1162 8.68 28.21 -5.90
N SER D 1163 8.53 27.40 -4.84
CA SER D 1163 9.21 26.12 -4.79
C SER D 1163 8.67 25.16 -5.83
N LYS D 1164 7.42 25.35 -6.25
CA LYS D 1164 6.82 24.46 -7.24
C LYS D 1164 7.33 24.78 -8.65
N THR D 1165 7.29 26.06 -9.03
CA THR D 1165 7.67 26.42 -10.40
C THR D 1165 9.13 26.10 -10.69
N TYR D 1166 9.99 26.20 -9.67
CA TYR D 1166 11.39 25.83 -9.85
C TYR D 1166 11.53 24.34 -10.13
N ALA D 1167 10.75 23.52 -9.43
CA ALA D 1167 10.79 22.08 -9.67
C ALA D 1167 10.34 21.75 -11.10
N LEU D 1169 10.63 23.83 -13.61
CA LEU D 1169 11.79 24.28 -14.39
C LEU D 1169 12.92 23.26 -14.33
N THR D 1170 13.03 22.53 -13.21
CA THR D 1170 14.07 21.51 -13.10
C THR D 1170 13.76 20.31 -13.99
N SER D 1171 12.51 19.83 -13.97
CA SER D 1171 12.17 18.62 -14.70
C SER D 1171 12.34 18.80 -16.19
N LEU D 1172 11.96 19.97 -16.72
CA LEU D 1172 12.18 20.25 -18.13
C LEU D 1172 13.67 20.27 -18.46
N ILE D 1173 14.47 20.88 -17.59
CA ILE D 1173 15.93 20.86 -17.76
C ILE D 1173 16.44 19.42 -17.64
N LYS D 1174 15.91 18.67 -16.68
CA LYS D 1174 16.36 17.30 -16.47
C LYS D 1174 16.07 16.42 -17.68
N HIS D 1175 14.90 16.59 -18.30
CA HIS D 1175 14.57 15.83 -19.49
C HIS D 1175 15.52 16.14 -20.63
N TYR D 1176 15.77 17.42 -20.89
CA TYR D 1176 16.58 17.83 -22.03
C TYR D 1176 18.05 17.48 -21.86
N ILE D 1177 18.43 16.88 -20.73
CA ILE D 1177 19.78 16.32 -20.60
C ILE D 1177 19.99 15.23 -21.63
N GLN D 1178 18.92 14.53 -22.03
CA GLN D 1178 19.03 13.47 -23.02
C GLN D 1178 19.61 13.98 -24.34
N ALA D 1179 19.35 15.25 -24.67
CA ALA D 1179 19.88 15.83 -25.89
C ALA D 1179 21.38 16.10 -25.74
N VAL D 1187 19.78 22.63 -25.36
CA VAL D 1187 20.36 22.72 -26.69
C VAL D 1187 19.58 23.68 -27.62
N PRO D 1188 18.26 23.52 -27.73
CA PRO D 1188 17.50 24.42 -28.61
C PRO D 1188 17.57 25.86 -28.13
N GLY D 1189 17.51 26.79 -29.08
CA GLY D 1189 17.61 28.20 -28.74
C GLY D 1189 16.46 28.69 -27.87
N ARG D 1190 15.26 28.15 -28.09
CA ARG D 1190 14.10 28.58 -27.30
C ARG D 1190 14.28 28.21 -25.83
N LEU D 1191 14.81 27.02 -25.55
CA LEU D 1191 15.06 26.64 -24.17
C LEU D 1191 16.10 27.52 -23.52
N GLU D 1192 17.15 27.89 -24.28
CA GLU D 1192 18.17 28.78 -23.75
C GLU D 1192 17.58 30.14 -23.40
N LYS D 1193 16.67 30.64 -24.25
CA LYS D 1193 15.99 31.90 -23.95
C LYS D 1193 15.17 31.81 -22.68
N LEU D 1194 14.56 30.66 -22.41
CA LEU D 1194 13.79 30.48 -21.19
C LEU D 1194 14.67 30.62 -19.96
N VAL D 1195 15.82 29.95 -19.95
CA VAL D 1195 16.75 30.07 -18.83
C VAL D 1195 17.29 31.49 -18.75
N LYS D 1196 17.56 32.10 -19.90
CA LYS D 1196 17.89 33.52 -19.93
C LYS D 1196 16.79 34.34 -19.27
N LEU D 1197 15.53 34.03 -19.59
CA LEU D 1197 14.42 34.68 -18.91
C LEU D 1197 14.38 34.30 -17.43
N SER D 1198 14.50 33.01 -17.14
CA SER D 1198 14.41 32.55 -15.75
C SER D 1198 15.51 33.15 -14.90
N GLY D 1199 16.74 33.19 -15.42
CA GLY D 1199 17.83 33.76 -14.67
C GLY D 1199 17.67 35.25 -14.43
N SER D 1200 17.08 35.95 -15.39
CA SER D 1200 16.97 37.41 -15.31
C SER D 1200 15.61 37.87 -14.79
N HIS D 1201 14.71 36.96 -14.43
CA HIS D 1201 13.38 37.36 -13.99
C HIS D 1201 12.92 36.71 -12.69
N LEU D 1202 13.52 35.59 -12.27
CA LEU D 1202 13.04 34.88 -11.08
C LEU D 1202 14.05 34.91 -9.94
N THR D 1203 15.27 34.38 -10.15
CA THR D 1203 16.17 34.15 -9.01
C THR D 1203 16.61 35.44 -8.32
N PRO D 1204 17.15 36.45 -9.01
CA PRO D 1204 17.54 37.66 -8.29
C PRO D 1204 16.38 38.35 -7.61
N GLN D 1205 15.19 38.30 -8.21
CA GLN D 1205 14.01 38.88 -7.56
C GLN D 1205 13.55 38.01 -6.39
N CYS D 1206 13.71 36.69 -6.52
CA CYS D 1206 13.23 35.77 -5.48
C CYS D 1206 13.98 35.97 -4.16
N TYR D 1207 15.29 36.17 -4.24
CA TYR D 1207 16.08 36.35 -3.02
C TYR D 1207 15.73 37.67 -2.32
N SER D 1208 15.34 38.68 -3.10
CA SER D 1208 14.89 39.94 -2.50
C SER D 1208 13.65 39.73 -1.64
N PHE D 1209 12.81 38.76 -2.00
CA PHE D 1209 11.63 38.46 -1.20
C PHE D 1209 12.04 37.94 0.18
N ILE D 1210 13.06 37.09 0.24
CA ILE D 1210 13.50 36.53 1.51
C ILE D 1210 14.06 37.60 2.42
N THR D 1211 14.80 38.58 1.86
CA THR D 1211 15.30 39.69 2.66
C THR D 1211 14.18 40.58 3.19
N TYR D 1212 12.96 40.44 2.66
CA TYR D 1212 11.81 41.20 3.10
C TYR D 1212 10.92 40.43 4.06
N VAL D 1213 10.75 39.12 3.84
CA VAL D 1213 9.89 38.33 4.70
C VAL D 1213 10.45 38.22 6.10
N GLN D 1214 11.76 38.46 6.26
CA GLN D 1214 12.38 38.36 7.58
C GLN D 1214 11.95 39.51 8.48
N ASN D 1215 11.66 40.68 7.91
CA ASN D 1215 11.28 41.82 8.72
C ASN D 1215 9.76 41.93 8.87
N ILE D 1216 9.00 41.45 7.90
CA ILE D 1216 7.54 41.49 8.03
C ILE D 1216 7.09 40.48 9.08
N HIS D 1217 7.83 39.39 9.25
CA HIS D 1217 7.49 38.43 10.30
C HIS D 1217 8.02 38.89 11.65
N SER D 1218 9.12 39.65 11.67
CA SER D 1218 9.57 40.25 12.93
C SER D 1218 8.54 41.24 13.45
N GLU D 1219 7.97 42.05 12.57
CA GLU D 1219 6.89 42.94 12.96
C GLU D 1219 5.65 42.15 13.38
N SER D 1220 5.33 41.09 12.64
CA SER D 1220 4.17 40.26 12.97
C SER D 1220 4.38 39.45 14.24
N LEU D 1221 5.63 39.18 14.61
CA LEU D 1221 5.90 38.40 15.81
C LEU D 1221 5.83 39.22 17.08
N SER D 1222 5.91 40.55 16.97
CA SER D 1222 5.76 41.40 18.15
C SER D 1222 4.35 41.37 18.70
N PHE D 1223 3.38 41.01 17.86
CA PHE D 1223 1.98 40.96 18.28
C PHE D 1223 1.63 39.56 18.78
N ALA D 1224 2.40 39.11 19.76
CA ALA D 1224 2.16 37.84 20.45
C ALA D 1224 1.75 38.14 21.88
N GLU D 1225 0.54 37.71 22.25
CA GLU D 1225 -0.04 38.02 23.55
C GLU D 1225 -0.03 39.52 23.82
N GLU D 1226 -0.33 40.30 22.78
CA GLU D 1226 -0.30 41.75 22.87
C GLU D 1226 -1.49 42.37 22.14
N THR D 1241 2.91 28.26 23.06
CA THR D 1241 4.12 29.06 23.09
C THR D 1241 4.36 29.73 21.75
N VAL D 1242 5.33 30.66 21.72
CA VAL D 1242 5.67 31.35 20.49
C VAL D 1242 6.41 30.46 19.51
N MET D 1243 6.91 29.31 19.96
CA MET D 1243 7.68 28.41 19.10
C MET D 1243 6.88 27.99 17.88
N ALA D 1244 5.55 27.87 18.02
CA ALA D 1244 4.72 27.52 16.88
C ALA D 1244 4.80 28.61 15.81
N LYS D 1245 4.77 29.88 16.21
CA LYS D 1245 4.72 30.99 15.26
C LYS D 1245 6.10 31.42 14.78
N VAL D 1246 7.17 30.76 15.23
CA VAL D 1246 8.50 31.01 14.69
C VAL D 1246 8.96 29.89 13.76
N LEU D 1247 8.51 28.65 13.98
CA LEU D 1247 8.82 27.53 13.11
C LEU D 1247 7.69 27.24 12.13
N ARG D 1248 6.82 28.22 11.89
CA ARG D 1248 5.75 28.10 10.91
C ARG D 1248 5.74 29.21 9.88
N ASP D 1249 6.18 30.41 10.21
CA ASP D 1249 6.30 31.49 9.24
C ASP D 1249 7.65 31.50 8.52
N THR D 1250 8.59 30.68 8.97
CA THR D 1250 9.92 30.64 8.37
C THR D 1250 10.24 29.31 7.71
N LYS D 1251 9.45 28.26 7.91
CA LYS D 1251 9.71 26.98 7.27
C LYS D 1251 9.80 27.04 5.75
N PRO D 1252 8.95 27.79 5.02
CA PRO D 1252 9.10 27.82 3.56
C PRO D 1252 10.46 28.32 3.08
N ILE D 1253 11.12 29.20 3.85
CA ILE D 1253 12.35 29.81 3.37
C ILE D 1253 13.45 28.78 3.09
N PRO D 1254 13.77 27.85 3.99
CA PRO D 1254 14.78 26.83 3.63
C PRO D 1254 14.38 25.99 2.42
N ASN D 1255 13.09 25.68 2.28
CA ASN D 1255 12.66 24.86 1.15
C ASN D 1255 12.84 25.60 -0.17
N LEU D 1256 12.56 26.91 -0.19
CA LEU D 1256 12.75 27.70 -1.39
C LEU D 1256 14.22 27.75 -1.78
N ILE D 1257 15.11 27.86 -0.79
CA ILE D 1257 16.54 27.86 -1.06
C ILE D 1257 16.95 26.55 -1.73
N PHE D 1258 16.46 25.43 -1.21
CA PHE D 1258 16.81 24.13 -1.77
C PHE D 1258 16.33 24.00 -3.21
N ALA D 1259 15.13 24.51 -3.50
CA ALA D 1259 14.59 24.42 -4.86
C ALA D 1259 15.41 25.26 -5.83
N ILE D 1260 15.91 26.41 -5.38
CA ILE D 1260 16.73 27.25 -6.25
C ILE D 1260 18.03 26.55 -6.62
N GLU D 1261 18.69 25.96 -5.63
CA GLU D 1261 19.99 25.33 -5.88
C GLU D 1261 19.83 24.06 -6.70
N GLN D 1262 18.77 23.29 -6.45
CA GLN D 1262 18.55 22.07 -7.23
C GLN D 1262 18.34 22.40 -8.70
N TYR D 1263 17.55 23.44 -8.98
CA TYR D 1263 17.47 23.94 -10.34
C TYR D 1263 18.80 24.48 -10.80
N GLU D 1264 19.53 25.16 -9.91
CA GLU D 1264 20.85 25.67 -10.25
C GLU D 1264 21.83 24.53 -10.51
N LYS D 1265 21.73 23.46 -9.72
CA LYS D 1265 22.65 22.33 -9.89
C LYS D 1265 22.47 21.65 -11.24
N PHE D 1266 21.23 21.46 -11.68
CA PHE D 1266 21.00 20.75 -12.93
C PHE D 1266 21.38 21.61 -14.14
N LEU D 1267 21.52 22.92 -13.95
CA LEU D 1267 22.10 23.75 -14.99
C LEU D 1267 23.58 23.43 -15.18
N ILE D 1268 24.27 23.08 -14.09
CA ILE D 1268 25.68 22.68 -14.18
C ILE D 1268 25.82 21.48 -15.10
N HIS D 1269 24.95 20.49 -14.92
CA HIS D 1269 25.01 19.27 -15.73
C HIS D 1269 24.78 19.58 -17.21
N LEU D 1270 23.80 20.43 -17.50
CA LEU D 1270 23.51 20.77 -18.88
C LEU D 1270 24.60 21.64 -19.49
N SER D 1271 25.12 22.59 -18.72
CA SER D 1271 26.14 23.51 -19.24
C SER D 1271 27.37 22.74 -19.69
N LYS D 1272 27.80 21.76 -18.89
CA LYS D 1272 28.96 20.96 -19.26
C LYS D 1272 28.63 20.03 -20.42
N LYS D 1273 27.49 19.34 -20.35
CA LYS D 1273 27.15 18.35 -21.38
C LYS D 1273 26.80 19.01 -22.69
N SER D 1274 25.96 20.05 -22.66
CA SER D 1274 25.52 20.70 -23.88
C SER D 1274 26.54 21.66 -24.46
N LYS D 1275 27.77 21.67 -23.94
CA LYS D 1275 28.90 22.42 -24.49
C LYS D 1275 28.60 23.91 -24.66
N VAL D 1276 27.55 24.41 -24.03
CA VAL D 1276 27.19 25.83 -24.09
C VAL D 1276 27.08 26.35 -22.66
N ASN D 1277 27.72 27.50 -22.40
CA ASN D 1277 27.67 28.14 -21.09
C ASN D 1277 26.44 29.05 -21.05
N LEU D 1278 25.46 28.68 -20.22
CA LEU D 1278 24.22 29.42 -20.10
C LEU D 1278 24.08 30.11 -18.74
N MET D 1279 25.20 30.39 -18.08
CA MET D 1279 25.18 30.95 -16.74
C MET D 1279 25.64 32.40 -16.67
N GLN D 1280 26.15 32.96 -17.76
CA GLN D 1280 26.49 34.38 -17.78
C GLN D 1280 25.25 35.24 -17.57
N TYR D 1281 24.07 34.67 -17.83
CA TYR D 1281 22.82 35.43 -17.65
C TYR D 1281 22.56 35.68 -16.18
N MET D 1282 22.72 34.65 -15.34
CA MET D 1282 22.37 34.72 -13.93
C MET D 1282 23.51 35.28 -13.10
N LYS D 1283 23.29 35.36 -11.79
CA LYS D 1283 24.26 35.90 -10.85
C LYS D 1283 24.59 34.85 -9.79
N LEU D 1284 25.53 35.22 -8.92
CA LEU D 1284 26.00 34.31 -7.88
C LEU D 1284 24.92 34.12 -6.80
N SER D 1285 24.93 32.93 -6.21
CA SER D 1285 23.99 32.64 -5.12
C SER D 1285 24.32 33.49 -3.90
N THR D 1286 23.28 33.97 -3.23
CA THR D 1286 23.42 34.82 -2.05
C THR D 1286 22.90 34.09 -0.83
N SER D 1287 23.68 34.14 0.25
CA SER D 1287 23.30 33.54 1.52
C SER D 1287 23.29 34.62 2.60
N ARG D 1288 22.84 34.24 3.80
CA ARG D 1288 22.68 35.19 4.88
C ARG D 1288 23.20 34.59 6.18
N ASP D 1289 23.74 35.46 7.04
CA ASP D 1289 24.21 35.11 8.37
C ASP D 1289 23.53 36.04 9.39
N PHE D 1290 23.95 35.93 10.65
CA PHE D 1290 23.39 36.76 11.70
C PHE D 1290 24.48 37.10 12.71
N ARG D 1291 24.12 37.96 13.67
CA ARG D 1291 24.98 38.25 14.81
C ARG D 1291 24.07 38.69 15.94
N ILE D 1292 23.94 37.85 16.97
CA ILE D 1292 23.03 38.15 18.07
C ILE D 1292 23.49 39.43 18.75
N ASN D 1293 22.61 40.42 18.79
CA ASN D 1293 22.93 41.74 19.33
C ASN D 1293 22.98 41.65 20.85
N ALA D 1294 24.12 41.19 21.35
CA ALA D 1294 24.31 41.07 22.80
C ALA D 1294 24.24 42.41 23.50
N SER D 1295 24.48 43.52 22.78
CA SER D 1295 24.35 44.83 23.38
C SER D 1295 22.91 45.09 23.84
N MET D 1296 21.93 44.70 23.01
CA MET D 1296 20.52 44.81 23.37
C MET D 1296 19.94 43.48 23.83
N LEU D 1297 20.75 42.65 24.48
CA LEU D 1297 20.25 41.37 25.00
C LEU D 1297 19.18 41.60 26.05
N ASP D 1298 19.39 42.57 26.96
CA ASP D 1298 18.41 42.93 27.96
C ASP D 1298 18.68 44.32 28.52
#